data_4NMA
#
_entry.id   4NMA
#
_cell.length_a   95.619
_cell.length_b   151.743
_cell.length_c   176.205
_cell.angle_alpha   90.000
_cell.angle_beta   90.000
_cell.angle_gamma   90.000
#
_symmetry.space_group_name_H-M   'P 21 21 21'
#
loop_
_entity.id
_entity.type
_entity.pdbx_description
1 polymer 'Proline dehydrogenase and Delta-1-pyrroline-5-carboxylate dehydrogenase'
2 non-polymer 'FLAVIN-ADENINE DINUCLEOTIDE'
3 non-polymer 'TETRAHYDROFURAN-2-CARBOXYLIC ACID'
4 non-polymer 1,2-ETHANEDIOL
5 water water
#
_entity_poly.entity_id   1
_entity_poly.type   'polypeptide(L)'
_entity_poly.pdbx_seq_one_letter_code
;SMLNSELNTKIVNRGKEFFGSISGEKPSLFNKGAWMGKAMDWSMQNEQFKIQMFRFVDVFPSLTTSKLLTEHIREYFGNE
QDMPAFMSTGAKVAGMLGSFGGAVLNKVLTSNIEEMARQFIVGETTKEAVKNLEKLRKDGFAAVVDVLGEATLSEEEAEV
YTNTYLELLEALKKEQGSWKGLPGKGGDPGLDWGHAPKVNIAVKPTALFCLANPQDFEGSVVAILDRMRRIFKKVMELNG
FLCIDMESYRHKEIILEVFRRLKLEYRDYPHLGIVLQAYLKDNDKDLDDLLAWAKEHKVQISVRLVKGAYWDYETVKAKQ
NDWEVPVWTIKAESDAAYERQARKILENHQICHFACASHNIRTISAVMEMARELNVPEDRYEFQVLYGMAEPVRKGILKV
AGRIRLYAPYGNMVPGMGYLVRRLLENTANESFLRQSFAEDAQIERLLEDPAVTVERERAARAAKPKKERKGLGGLPPFN
NEAMVDFTRADHRAAFPKHIAQVRTQLGKTYPLFINGKEVRTNDLIPTVNPNKPSEVLGQICQAGTTEVGDAIAAAKAAF
PAWRDTDPRTRAEYLLKAAQAARKRLFELSAWQVLEIGKQWDQAYADVTEAIDFLEYYAREMIRLGQPQRVGHAPGELNH
YFYEPKGVAAVIAPWNFPLAISMGMASAAIVTGNCVVFKPSGITSIIGWHLVELFREAGLPEGVFNFTPGRGSVMGDYLV
DHPDISLIAFTGSMETGLRIIERAAKVHPGQANVKKIISEMGGKNAIIIDDDADLDEAVPHVLYSAFGFQGQKCSACSRV
IVLDAVYDKFIERLVSMAKATKVGPSEDPANYMGAVADDKAMKSIKEYAEIGKREGHVLYESPVPAGEGYFVPMTIIGGI
KPEHRIAQEEIFGPVLAVMRAKDFDQAIEWANSTQFALTGGIFSRSPEHLAKARREFRVGNLYINRNNTGALVERQPFGG
ARMSGVGTKAGGPDYLLHFMDPRVVTENTMRRGFAPIEEDDDWVD
;
_entity_poly.pdbx_strand_id   A,B
#
loop_
_chem_comp.id
_chem_comp.type
_chem_comp.name
_chem_comp.formula
EDO non-polymer 1,2-ETHANEDIOL 'C2 H6 O2'
FAD non-polymer 'FLAVIN-ADENINE DINUCLEOTIDE' 'C27 H33 N9 O15 P2'
TFB non-polymer 'TETRAHYDROFURAN-2-CARBOXYLIC ACID' 'C5 H8 O3'
#
# COMPACT_ATOMS: atom_id res chain seq x y z
N MET A 2 -50.13 -17.22 32.59
CA MET A 2 -50.09 -17.63 31.19
C MET A 2 -50.71 -18.99 30.91
N LEU A 3 -51.55 -19.02 29.89
CA LEU A 3 -51.93 -20.25 29.23
C LEU A 3 -50.66 -20.88 28.65
N ASN A 4 -49.78 -20.02 28.15
CA ASN A 4 -48.54 -20.47 27.53
C ASN A 4 -47.57 -21.15 28.51
N SER A 5 -47.55 -20.68 29.75
CA SER A 5 -46.77 -21.33 30.79
C SER A 5 -47.34 -22.71 31.12
N GLU A 6 -48.67 -22.81 31.14
CA GLU A 6 -49.34 -24.06 31.47
C GLU A 6 -49.06 -25.15 30.41
N LEU A 7 -49.19 -24.79 29.14
CA LEU A 7 -48.97 -25.74 28.06
C LEU A 7 -47.50 -26.14 27.97
N ASN A 8 -46.62 -25.19 28.27
CA ASN A 8 -45.20 -25.46 28.22
C ASN A 8 -44.79 -26.48 29.29
N THR A 9 -45.45 -26.41 30.43
CA THR A 9 -45.24 -27.36 31.52
C THR A 9 -45.58 -28.77 31.07
N LYS A 10 -46.65 -28.91 30.30
CA LYS A 10 -47.03 -30.22 29.77
C LYS A 10 -45.99 -30.72 28.77
N ILE A 11 -45.51 -29.82 27.92
CA ILE A 11 -44.51 -30.19 26.92
C ILE A 11 -43.21 -30.64 27.58
N VAL A 12 -42.75 -29.86 28.56
CA VAL A 12 -41.54 -30.20 29.29
C VAL A 12 -41.69 -31.52 30.03
N ASN A 13 -42.84 -31.72 30.69
CA ASN A 13 -43.10 -32.97 31.38
C ASN A 13 -43.14 -34.17 30.45
N ARG A 14 -43.65 -33.97 29.23
CA ARG A 14 -43.66 -35.06 28.26
C ARG A 14 -42.26 -35.32 27.71
N GLY A 15 -41.48 -34.27 27.50
CA GLY A 15 -40.09 -34.41 27.11
C GLY A 15 -39.27 -35.16 28.15
N LYS A 16 -39.45 -34.80 29.42
CA LYS A 16 -38.77 -35.46 30.52
C LYS A 16 -39.05 -36.96 30.63
N GLU A 17 -40.29 -37.37 30.39
CA GLU A 17 -40.64 -38.78 30.43
C GLU A 17 -40.06 -39.48 29.22
N PHE A 18 -40.05 -38.77 28.09
CA PHE A 18 -39.45 -39.28 26.87
C PHE A 18 -37.98 -39.60 27.14
N PHE A 19 -37.25 -38.62 27.67
CA PHE A 19 -35.84 -38.77 28.02
C PHE A 19 -35.59 -39.87 29.05
N GLY A 20 -36.51 -40.04 29.98
CA GLY A 20 -36.35 -41.03 31.03
C GLY A 20 -36.49 -42.46 30.52
N SER A 21 -37.38 -42.65 29.56
CA SER A 21 -37.68 -43.99 29.06
C SER A 21 -36.52 -44.52 28.24
N ILE A 22 -35.86 -43.62 27.52
CA ILE A 22 -34.76 -44.00 26.64
C ILE A 22 -33.41 -43.76 27.30
N SER A 23 -33.44 -43.39 28.59
CA SER A 23 -32.23 -43.04 29.33
C SER A 23 -31.20 -44.16 29.26
N GLY A 24 -29.99 -43.81 28.85
CA GLY A 24 -28.96 -44.78 28.60
C GLY A 24 -28.68 -44.89 27.11
N GLU A 25 -29.69 -45.29 26.35
CA GLU A 25 -29.56 -45.58 24.92
C GLU A 25 -29.00 -44.41 24.09
N LYS A 26 -28.09 -44.73 23.18
CA LYS A 26 -27.53 -43.74 22.26
C LYS A 26 -27.69 -44.19 20.82
N PRO A 27 -27.83 -43.21 19.90
CA PRO A 27 -27.86 -43.48 18.46
C PRO A 27 -26.53 -44.07 17.96
N SER A 28 -26.62 -44.95 16.98
CA SER A 28 -25.48 -45.69 16.42
C SER A 28 -24.26 -44.80 16.19
N LEU A 29 -24.51 -43.63 15.61
CA LEU A 29 -23.45 -42.69 15.28
C LEU A 29 -22.69 -42.19 16.52
N PHE A 30 -23.35 -42.15 17.68
CA PHE A 30 -22.72 -41.67 18.89
C PHE A 30 -22.10 -42.79 19.75
N ASN A 31 -22.06 -44.00 19.21
CA ASN A 31 -21.44 -45.13 19.90
C ASN A 31 -19.91 -45.11 19.75
N LYS A 32 -19.23 -44.58 20.76
CA LYS A 32 -17.78 -44.40 20.68
C LYS A 32 -17.02 -45.72 20.75
N GLY A 33 -17.76 -46.82 20.83
CA GLY A 33 -17.18 -48.15 20.78
C GLY A 33 -17.08 -48.67 19.35
N ALA A 34 -17.73 -47.98 18.41
CA ALA A 34 -17.64 -48.34 17.01
C ALA A 34 -16.70 -47.37 16.26
N TRP A 35 -16.35 -47.72 15.02
CA TRP A 35 -15.48 -46.85 14.23
C TRP A 35 -16.22 -45.58 13.82
N MET A 36 -17.49 -45.74 13.47
CA MET A 36 -18.38 -44.64 13.13
C MET A 36 -18.35 -43.63 14.27
N GLY A 37 -18.58 -44.12 15.49
CA GLY A 37 -18.65 -43.28 16.66
C GLY A 37 -17.36 -42.55 16.97
N LYS A 38 -16.23 -43.20 16.71
CA LYS A 38 -14.93 -42.62 17.01
C LYS A 38 -14.56 -41.51 16.03
N ALA A 39 -14.85 -41.73 14.76
CA ALA A 39 -14.56 -40.74 13.72
C ALA A 39 -15.41 -39.49 13.95
N MET A 40 -16.68 -39.71 14.29
CA MET A 40 -17.57 -38.60 14.60
C MET A 40 -17.15 -37.89 15.88
N ASP A 41 -16.78 -38.66 16.89
CA ASP A 41 -16.34 -38.10 18.15
C ASP A 41 -15.18 -37.11 17.99
N TRP A 42 -14.12 -37.54 17.32
CA TRP A 42 -12.96 -36.69 17.15
C TRP A 42 -13.29 -35.53 16.22
N SER A 43 -14.24 -35.75 15.31
CA SER A 43 -14.72 -34.68 14.45
C SER A 43 -15.39 -33.58 15.27
N MET A 44 -16.16 -33.99 16.27
CA MET A 44 -16.88 -33.06 17.12
C MET A 44 -15.96 -32.33 18.10
N GLN A 45 -14.88 -32.99 18.47
CA GLN A 45 -13.86 -32.40 19.35
C GLN A 45 -12.90 -31.47 18.61
N ASN A 46 -12.65 -31.78 17.35
CA ASN A 46 -11.61 -31.10 16.58
C ASN A 46 -12.13 -30.65 15.24
N GLU A 47 -12.42 -29.36 15.11
CA GLU A 47 -12.94 -28.81 13.89
C GLU A 47 -12.01 -28.98 12.68
N GLN A 48 -10.70 -28.97 12.92
CA GLN A 48 -9.76 -29.16 11.82
C GLN A 48 -9.90 -30.58 11.29
N PHE A 49 -10.05 -31.54 12.19
CA PHE A 49 -10.24 -32.93 11.79
C PHE A 49 -11.58 -33.18 11.12
N LYS A 50 -12.60 -32.45 11.54
CA LYS A 50 -13.92 -32.59 10.94
C LYS A 50 -13.87 -32.18 9.47
N ILE A 51 -13.16 -31.10 9.17
CA ILE A 51 -13.03 -30.66 7.79
C ILE A 51 -12.27 -31.69 6.95
N GLN A 52 -11.18 -32.25 7.49
CA GLN A 52 -10.41 -33.28 6.80
C GLN A 52 -11.22 -34.56 6.51
N MET A 53 -11.89 -35.09 7.54
CA MET A 53 -12.68 -36.30 7.42
C MET A 53 -13.86 -36.14 6.46
N PHE A 54 -14.62 -35.04 6.61
CA PHE A 54 -15.82 -34.85 5.80
C PHE A 54 -15.48 -34.63 4.35
N ARG A 55 -14.41 -33.87 4.10
CA ARG A 55 -13.93 -33.70 2.75
C ARG A 55 -13.39 -35.01 2.19
N PHE A 56 -12.85 -35.85 3.07
CA PHE A 56 -12.28 -37.12 2.63
C PHE A 56 -13.42 -38.04 2.21
N VAL A 57 -14.51 -38.04 2.99
CA VAL A 57 -15.67 -38.85 2.65
C VAL A 57 -16.18 -38.49 1.25
N ASP A 58 -16.29 -37.19 1.02
CA ASP A 58 -16.73 -36.65 -0.28
C ASP A 58 -15.84 -37.13 -1.44
N VAL A 59 -14.52 -37.05 -1.28
CA VAL A 59 -13.60 -37.47 -2.36
C VAL A 59 -13.48 -38.99 -2.50
N PHE A 60 -13.75 -39.71 -1.42
CA PHE A 60 -13.52 -41.15 -1.35
C PHE A 60 -13.95 -42.00 -2.56
N PRO A 61 -15.18 -41.85 -3.04
CA PRO A 61 -15.54 -42.76 -4.13
C PRO A 61 -14.78 -42.55 -5.44
N SER A 62 -14.11 -41.40 -5.61
CA SER A 62 -13.34 -41.19 -6.83
C SER A 62 -11.90 -41.69 -6.68
N LEU A 63 -11.53 -42.15 -5.49
CA LEU A 63 -10.20 -42.75 -5.28
C LEU A 63 -10.16 -44.20 -5.78
N THR A 64 -10.22 -44.36 -7.10
CA THR A 64 -10.47 -45.67 -7.71
C THR A 64 -9.24 -46.58 -7.95
N THR A 65 -8.04 -46.04 -7.76
CA THR A 65 -6.83 -46.87 -7.80
C THR A 65 -6.11 -46.83 -6.46
N SER A 66 -5.23 -47.82 -6.25
CA SER A 66 -4.47 -47.94 -5.02
C SER A 66 -3.55 -46.73 -4.80
N LYS A 67 -3.04 -46.17 -5.88
CA LYS A 67 -2.21 -44.96 -5.81
C LYS A 67 -3.00 -43.74 -5.34
N LEU A 68 -4.13 -43.46 -6.01
CA LEU A 68 -5.00 -42.37 -5.61
C LEU A 68 -5.43 -42.48 -4.13
N LEU A 69 -5.77 -43.70 -3.72
CA LEU A 69 -6.24 -43.93 -2.36
C LEU A 69 -5.15 -43.63 -1.33
N THR A 70 -4.01 -44.30 -1.50
CA THR A 70 -2.89 -44.14 -0.58
C THR A 70 -2.42 -42.69 -0.47
N GLU A 71 -2.31 -42.01 -1.60
CA GLU A 71 -1.80 -40.64 -1.59
C GLU A 71 -2.76 -39.67 -0.92
N HIS A 72 -4.05 -39.84 -1.18
CA HIS A 72 -5.05 -38.96 -0.56
C HIS A 72 -5.10 -39.18 0.93
N ILE A 73 -4.99 -40.43 1.35
CA ILE A 73 -5.02 -40.76 2.76
C ILE A 73 -3.93 -39.99 3.50
N ARG A 74 -2.70 -40.11 3.00
CA ARG A 74 -1.57 -39.40 3.56
C ARG A 74 -1.76 -37.87 3.47
N GLU A 75 -2.33 -37.41 2.37
CA GLU A 75 -2.49 -35.97 2.18
C GLU A 75 -3.60 -35.37 3.04
N TYR A 76 -4.63 -36.15 3.33
CA TYR A 76 -5.70 -35.66 4.19
C TYR A 76 -5.41 -35.84 5.68
N PHE A 77 -4.68 -36.90 6.03
CA PHE A 77 -4.53 -37.29 7.44
C PHE A 77 -3.08 -37.37 7.95
N GLY A 78 -2.10 -37.10 7.10
CA GLY A 78 -0.71 -37.19 7.49
C GLY A 78 -0.13 -38.59 7.43
N ASN A 79 1.07 -38.78 7.95
CA ASN A 79 1.72 -40.10 7.90
C ASN A 79 1.14 -41.11 8.88
N GLU A 80 1.52 -42.37 8.69
CA GLU A 80 1.02 -43.49 9.48
C GLU A 80 1.01 -43.26 11.00
N GLN A 81 1.93 -42.44 11.48
CA GLN A 81 2.01 -42.14 12.91
C GLN A 81 1.24 -40.88 13.32
N ASP A 82 0.98 -39.99 12.36
CA ASP A 82 0.37 -38.69 12.65
C ASP A 82 -1.15 -38.72 12.80
N MET A 83 -1.77 -39.80 12.33
CA MET A 83 -3.23 -39.90 12.31
C MET A 83 -3.74 -40.74 13.49
N PRO A 84 -5.01 -40.52 13.90
CA PRO A 84 -5.56 -41.21 15.07
C PRO A 84 -5.61 -42.74 14.94
N ALA A 85 -5.50 -43.42 16.08
CA ALA A 85 -5.45 -44.89 16.11
C ALA A 85 -6.55 -45.57 15.29
N PHE A 86 -7.79 -45.08 15.42
CA PHE A 86 -8.92 -45.69 14.73
C PHE A 86 -8.79 -45.59 13.21
N LEU A 105 -4.75 -51.75 5.02
CA LEU A 105 -5.23 -50.46 5.51
C LEU A 105 -6.27 -49.89 4.54
N ASN A 106 -5.84 -49.70 3.29
CA ASN A 106 -6.72 -49.26 2.23
C ASN A 106 -8.01 -50.10 2.21
N LYS A 107 -7.87 -51.42 2.35
CA LYS A 107 -9.02 -52.33 2.42
C LYS A 107 -9.85 -52.11 3.68
N VAL A 108 -9.18 -51.75 4.79
CA VAL A 108 -9.85 -51.53 6.06
C VAL A 108 -10.63 -50.21 6.10
N LEU A 109 -9.94 -49.11 5.85
CA LEU A 109 -10.58 -47.80 5.84
C LEU A 109 -11.71 -47.73 4.82
N THR A 110 -11.52 -48.38 3.68
CA THR A 110 -12.56 -48.48 2.66
C THR A 110 -13.81 -49.11 3.26
N SER A 111 -13.61 -50.20 4.01
CA SER A 111 -14.74 -50.93 4.59
C SER A 111 -15.46 -50.10 5.66
N ASN A 112 -14.71 -49.36 6.47
CA ASN A 112 -15.33 -48.52 7.50
C ASN A 112 -16.15 -47.38 6.91
N ILE A 113 -15.60 -46.71 5.90
CA ILE A 113 -16.34 -45.63 5.28
C ILE A 113 -17.57 -46.17 4.53
N GLU A 114 -17.39 -47.27 3.81
CA GLU A 114 -18.52 -47.93 3.17
C GLU A 114 -19.61 -48.36 4.18
N GLU A 115 -19.19 -48.86 5.34
CA GLU A 115 -20.16 -49.24 6.37
C GLU A 115 -20.95 -48.02 6.83
N MET A 116 -20.24 -46.93 7.07
CA MET A 116 -20.89 -45.69 7.48
C MET A 116 -21.91 -45.16 6.46
N ALA A 117 -21.62 -45.30 5.17
CA ALA A 117 -22.56 -44.84 4.15
C ALA A 117 -23.79 -45.76 4.09
N ARG A 118 -23.60 -47.05 4.37
CA ARG A 118 -24.70 -48.00 4.34
C ARG A 118 -25.66 -47.82 5.51
N GLN A 119 -25.18 -47.16 6.56
CA GLN A 119 -25.99 -46.86 7.75
C GLN A 119 -27.27 -46.11 7.40
N PHE A 120 -27.21 -45.30 6.33
CA PHE A 120 -28.31 -44.40 5.99
C PHE A 120 -29.20 -44.85 4.83
N ILE A 121 -28.93 -46.03 4.28
CA ILE A 121 -29.69 -46.49 3.12
C ILE A 121 -30.36 -47.84 3.38
N VAL A 122 -31.51 -48.08 2.73
CA VAL A 122 -32.19 -49.36 2.86
C VAL A 122 -31.75 -50.31 1.76
N GLY A 123 -30.80 -49.87 0.95
CA GLY A 123 -30.28 -50.74 -0.10
C GLY A 123 -29.53 -49.99 -1.18
N GLU A 124 -28.89 -50.75 -2.06
CA GLU A 124 -28.16 -50.14 -3.17
C GLU A 124 -28.96 -50.29 -4.46
N THR A 125 -29.88 -51.26 -4.48
CA THR A 125 -30.69 -51.53 -5.65
C THR A 125 -32.16 -51.57 -5.28
N THR A 126 -33.02 -51.44 -6.29
CA THR A 126 -34.47 -51.51 -6.09
C THR A 126 -34.92 -52.81 -5.42
N LYS A 127 -34.42 -53.94 -5.92
CA LYS A 127 -34.74 -55.26 -5.38
C LYS A 127 -34.36 -55.36 -3.90
N GLU A 128 -33.16 -54.91 -3.59
CA GLU A 128 -32.67 -54.93 -2.22
C GLU A 128 -33.48 -53.96 -1.35
N ALA A 129 -33.81 -52.79 -1.91
CA ALA A 129 -34.65 -51.83 -1.21
C ALA A 129 -35.99 -52.43 -0.81
N VAL A 130 -36.70 -53.01 -1.79
CA VAL A 130 -38.02 -53.60 -1.56
C VAL A 130 -37.99 -54.70 -0.50
N LYS A 131 -36.93 -55.50 -0.53
CA LYS A 131 -36.75 -56.54 0.47
C LYS A 131 -36.64 -55.92 1.87
N ASN A 132 -35.80 -54.91 2.00
CA ASN A 132 -35.60 -54.29 3.30
C ASN A 132 -36.79 -53.48 3.80
N LEU A 133 -37.57 -52.94 2.87
CA LEU A 133 -38.77 -52.18 3.24
C LEU A 133 -39.83 -53.07 3.85
N GLU A 134 -39.96 -54.27 3.29
CA GLU A 134 -40.86 -55.28 3.84
C GLU A 134 -40.39 -55.72 5.22
N LYS A 135 -39.07 -55.78 5.41
CA LYS A 135 -38.52 -56.12 6.73
C LYS A 135 -38.88 -55.04 7.76
N LEU A 136 -38.83 -53.78 7.34
CA LEU A 136 -39.18 -52.65 8.19
C LEU A 136 -40.66 -52.65 8.61
N ARG A 137 -41.55 -52.95 7.66
CA ARG A 137 -42.97 -53.09 7.98
C ARG A 137 -43.17 -54.11 9.10
N LYS A 138 -42.50 -55.25 9.00
CA LYS A 138 -42.64 -56.28 10.02
C LYS A 138 -42.07 -55.84 11.37
N ASP A 139 -41.23 -54.82 11.38
CA ASP A 139 -40.79 -54.21 12.63
C ASP A 139 -41.78 -53.14 13.11
N GLY A 140 -42.80 -52.89 12.30
CA GLY A 140 -43.80 -51.89 12.62
C GLY A 140 -43.53 -50.47 12.13
N PHE A 141 -42.68 -50.33 11.11
CA PHE A 141 -42.38 -49.00 10.58
C PHE A 141 -42.92 -48.78 9.17
N ALA A 142 -43.64 -47.67 8.97
CA ALA A 142 -44.00 -47.27 7.62
C ALA A 142 -42.75 -46.71 6.96
N ALA A 143 -42.79 -46.52 5.65
CA ALA A 143 -41.67 -45.86 4.98
C ALA A 143 -42.13 -44.81 3.99
N VAL A 144 -41.25 -43.86 3.69
CA VAL A 144 -41.39 -43.09 2.47
C VAL A 144 -40.07 -43.29 1.73
N VAL A 145 -40.15 -43.90 0.56
CA VAL A 145 -38.97 -44.34 -0.17
C VAL A 145 -38.44 -43.27 -1.12
N ASP A 146 -37.13 -43.12 -1.13
CA ASP A 146 -36.50 -42.13 -2.00
C ASP A 146 -35.40 -42.79 -2.80
N VAL A 147 -35.22 -42.33 -4.03
CA VAL A 147 -34.10 -42.77 -4.86
C VAL A 147 -33.00 -41.73 -4.76
N LEU A 148 -31.84 -42.13 -4.25
CA LEU A 148 -30.74 -41.17 -4.04
C LEU A 148 -30.33 -40.45 -5.32
N GLY A 149 -30.17 -39.12 -5.24
CA GLY A 149 -29.82 -38.32 -6.37
C GLY A 149 -30.50 -36.95 -6.39
N GLU A 150 -29.79 -35.95 -6.89
CA GLU A 150 -30.29 -34.59 -7.01
C GLU A 150 -29.39 -33.87 -8.01
N ALA A 151 -29.81 -32.69 -8.45
CA ALA A 151 -29.04 -31.87 -9.39
C ALA A 151 -28.49 -32.64 -10.59
N THR A 152 -29.39 -33.27 -11.35
CA THR A 152 -29.02 -34.10 -12.50
C THR A 152 -28.26 -33.31 -13.58
N LEU A 153 -27.44 -34.01 -14.38
CA LEU A 153 -26.65 -33.33 -15.40
C LEU A 153 -27.14 -33.50 -16.84
N SER A 154 -28.18 -34.30 -17.05
CA SER A 154 -28.72 -34.48 -18.41
C SER A 154 -30.15 -35.02 -18.45
N GLU A 155 -30.76 -34.90 -19.62
CA GLU A 155 -32.08 -35.45 -19.84
C GLU A 155 -32.07 -36.98 -19.69
N GLU A 156 -31.04 -37.65 -20.20
CA GLU A 156 -30.97 -39.11 -20.06
C GLU A 156 -30.85 -39.55 -18.59
N GLU A 157 -30.00 -38.86 -17.82
CA GLU A 157 -29.90 -39.15 -16.38
C GLU A 157 -31.24 -38.90 -15.68
N ALA A 158 -31.92 -37.80 -16.04
CA ALA A 158 -33.27 -37.54 -15.52
C ALA A 158 -34.27 -38.65 -15.86
N GLU A 159 -34.19 -39.18 -17.09
CA GLU A 159 -35.02 -40.31 -17.50
C GLU A 159 -34.69 -41.59 -16.74
N VAL A 160 -33.42 -41.86 -16.54
CA VAL A 160 -33.03 -43.02 -15.73
C VAL A 160 -33.66 -42.91 -14.33
N TYR A 161 -33.58 -41.73 -13.75
CA TYR A 161 -34.07 -41.47 -12.40
C TYR A 161 -35.58 -41.66 -12.35
N THR A 162 -36.27 -41.13 -13.36
CA THR A 162 -37.73 -41.24 -13.43
C THR A 162 -38.14 -42.70 -13.57
N ASN A 163 -37.45 -43.43 -14.45
CA ASN A 163 -37.75 -44.84 -14.68
C ASN A 163 -37.45 -45.70 -13.48
N THR A 164 -36.54 -45.26 -12.62
CA THR A 164 -36.23 -46.03 -11.42
C THR A 164 -37.43 -45.99 -10.48
N TYR A 165 -38.04 -44.82 -10.32
CA TYR A 165 -39.26 -44.71 -9.54
C TYR A 165 -40.36 -45.59 -10.14
N LEU A 166 -40.48 -45.57 -11.46
CA LEU A 166 -41.49 -46.37 -12.15
C LEU A 166 -41.27 -47.86 -11.89
N GLU A 167 -40.01 -48.30 -11.96
CA GLU A 167 -39.67 -49.68 -11.70
C GLU A 167 -39.96 -50.05 -10.24
N LEU A 168 -39.66 -49.12 -9.34
CA LEU A 168 -39.90 -49.30 -7.91
C LEU A 168 -41.40 -49.46 -7.67
N LEU A 169 -42.18 -48.57 -8.26
CA LEU A 169 -43.63 -48.56 -8.08
C LEU A 169 -44.27 -49.84 -8.63
N GLU A 170 -43.77 -50.33 -9.76
CA GLU A 170 -44.30 -51.56 -10.33
C GLU A 170 -44.06 -52.75 -9.39
N ALA A 171 -42.87 -52.82 -8.82
CA ALA A 171 -42.54 -53.85 -7.82
C ALA A 171 -43.47 -53.78 -6.60
N LEU A 172 -43.63 -52.59 -6.03
CA LEU A 172 -44.48 -52.41 -4.85
C LEU A 172 -45.97 -52.64 -5.13
N LYS A 173 -46.39 -52.35 -6.37
CA LYS A 173 -47.75 -52.65 -6.82
C LYS A 173 -48.04 -54.13 -6.63
N LYS A 174 -47.04 -54.96 -6.96
CA LYS A 174 -47.14 -56.40 -6.87
C LYS A 174 -47.08 -56.93 -5.43
N GLU A 175 -46.42 -56.19 -4.55
CA GLU A 175 -46.20 -56.68 -3.19
C GLU A 175 -47.26 -56.22 -2.19
N GLN A 176 -47.86 -55.07 -2.44
CA GLN A 176 -48.66 -54.41 -1.41
C GLN A 176 -49.94 -55.17 -1.06
N GLY A 177 -50.45 -55.94 -2.02
CA GLY A 177 -51.63 -56.75 -1.79
C GLY A 177 -51.48 -57.71 -0.63
N SER A 178 -50.28 -58.22 -0.44
CA SER A 178 -50.03 -59.21 0.61
C SER A 178 -49.66 -58.59 1.96
N TRP A 179 -49.65 -57.26 2.02
CA TRP A 179 -49.29 -56.56 3.25
C TRP A 179 -50.49 -56.29 4.14
N LYS A 180 -50.40 -56.71 5.40
CA LYS A 180 -51.38 -56.30 6.39
C LYS A 180 -51.06 -54.85 6.76
N GLY A 181 -52.09 -54.05 7.03
CA GLY A 181 -51.85 -52.68 7.44
C GLY A 181 -51.20 -52.65 8.81
N LEU A 182 -50.33 -51.67 9.04
CA LEU A 182 -49.79 -51.43 10.38
C LEU A 182 -50.93 -51.23 11.37
N PRO A 183 -50.75 -51.72 12.61
CA PRO A 183 -51.84 -51.71 13.59
C PRO A 183 -52.26 -50.32 14.01
N GLY A 184 -53.57 -50.11 14.12
CA GLY A 184 -54.12 -48.83 14.50
C GLY A 184 -55.32 -49.01 15.40
N LYS A 185 -56.10 -47.95 15.56
CA LYS A 185 -57.22 -47.94 16.50
C LYS A 185 -58.58 -48.27 15.85
N GLY A 186 -58.67 -48.07 14.54
CA GLY A 186 -59.87 -48.40 13.80
C GLY A 186 -59.71 -48.11 12.32
N GLY A 187 -60.76 -48.36 11.55
CA GLY A 187 -60.73 -48.08 10.12
C GLY A 187 -60.49 -49.32 9.26
N ASP A 188 -59.71 -49.13 8.19
CA ASP A 188 -59.40 -50.20 7.25
C ASP A 188 -58.12 -50.93 7.63
N PRO A 189 -58.23 -52.25 7.92
CA PRO A 189 -57.08 -53.08 8.26
C PRO A 189 -56.09 -53.26 7.10
N GLY A 190 -56.47 -52.80 5.91
CA GLY A 190 -55.60 -52.87 4.74
C GLY A 190 -54.84 -51.57 4.52
N LEU A 191 -55.14 -50.56 5.33
CA LEU A 191 -54.37 -49.32 5.28
C LEU A 191 -53.49 -49.22 6.52
N ASP A 192 -52.40 -48.48 6.43
CA ASP A 192 -51.55 -48.34 7.60
C ASP A 192 -52.26 -47.53 8.70
N TRP A 193 -52.29 -48.11 9.89
CA TRP A 193 -53.00 -47.56 11.05
C TRP A 193 -54.51 -47.36 10.79
N GLY A 194 -55.01 -48.00 9.74
CA GLY A 194 -56.42 -47.89 9.44
C GLY A 194 -56.73 -46.86 8.38
N HIS A 195 -55.77 -46.00 8.05
CA HIS A 195 -56.06 -44.86 7.19
C HIS A 195 -54.99 -44.48 6.15
N ALA A 196 -53.71 -44.72 6.44
CA ALA A 196 -52.65 -44.31 5.50
C ALA A 196 -52.38 -45.30 4.37
N PRO A 197 -52.12 -44.78 3.16
CA PRO A 197 -51.70 -45.63 2.03
C PRO A 197 -50.36 -46.30 2.34
N LYS A 198 -50.25 -47.59 1.99
CA LYS A 198 -49.05 -48.36 2.28
C LYS A 198 -47.84 -47.94 1.44
N VAL A 199 -48.09 -47.43 0.24
CA VAL A 199 -46.99 -46.99 -0.61
C VAL A 199 -46.84 -45.46 -0.57
N ASN A 200 -45.59 -45.02 -0.36
CA ASN A 200 -45.30 -43.60 -0.13
C ASN A 200 -43.88 -43.35 -0.63
N ILE A 201 -43.75 -42.48 -1.63
CA ILE A 201 -42.43 -42.13 -2.15
C ILE A 201 -42.15 -40.63 -2.07
N ALA A 202 -40.88 -40.28 -2.01
CA ALA A 202 -40.49 -38.88 -2.11
C ALA A 202 -39.59 -38.71 -3.32
N VAL A 203 -39.74 -37.57 -3.99
CA VAL A 203 -38.99 -37.28 -5.20
C VAL A 203 -38.30 -35.93 -5.06
N LYS A 204 -37.06 -35.84 -5.56
CA LYS A 204 -36.35 -34.56 -5.60
C LYS A 204 -36.44 -33.88 -6.98
N PRO A 205 -37.14 -32.73 -7.04
CA PRO A 205 -37.38 -31.97 -8.26
C PRO A 205 -36.13 -31.71 -9.12
N THR A 206 -34.99 -31.35 -8.54
CA THR A 206 -33.80 -30.99 -9.33
C THR A 206 -33.15 -32.21 -9.96
N ALA A 207 -33.65 -33.40 -9.59
CA ALA A 207 -33.18 -34.62 -10.21
C ALA A 207 -33.96 -34.88 -11.50
N LEU A 208 -34.99 -34.07 -11.74
CA LEU A 208 -35.88 -34.25 -12.89
C LEU A 208 -35.57 -33.30 -14.07
N PHE A 209 -34.67 -32.33 -13.87
CA PHE A 209 -34.33 -31.35 -14.93
C PHE A 209 -32.96 -30.72 -14.70
N CYS A 210 -32.05 -30.89 -15.66
CA CYS A 210 -30.67 -30.48 -15.44
C CYS A 210 -30.45 -28.96 -15.52
N LEU A 211 -31.40 -28.23 -16.08
CA LEU A 211 -31.23 -26.79 -16.22
C LEU A 211 -32.22 -26.03 -15.37
N ALA A 212 -32.57 -26.61 -14.22
CA ALA A 212 -33.56 -25.98 -13.36
C ALA A 212 -33.02 -24.65 -12.84
N ASN A 213 -33.75 -23.58 -13.14
CA ASN A 213 -33.26 -22.24 -12.89
C ASN A 213 -34.41 -21.22 -12.95
N PRO A 214 -34.62 -20.47 -11.86
CA PRO A 214 -35.74 -19.51 -11.85
C PRO A 214 -35.60 -18.37 -12.88
N GLN A 215 -34.39 -18.16 -13.43
CA GLN A 215 -34.20 -17.24 -14.55
C GLN A 215 -35.08 -17.67 -15.74
N ASP A 216 -35.21 -18.97 -15.94
CA ASP A 216 -36.20 -19.49 -16.89
C ASP A 216 -37.28 -20.22 -16.09
N PHE A 217 -38.07 -19.45 -15.34
CA PHE A 217 -39.02 -20.01 -14.37
C PHE A 217 -40.04 -20.98 -15.00
N GLU A 218 -40.70 -20.54 -16.06
CA GLU A 218 -41.77 -21.32 -16.67
C GLU A 218 -41.24 -22.61 -17.29
N GLY A 219 -40.12 -22.49 -18.01
CA GLY A 219 -39.49 -23.63 -18.64
C GLY A 219 -39.06 -24.68 -17.63
N SER A 220 -38.65 -24.25 -16.43
CA SER A 220 -38.20 -25.18 -15.39
C SER A 220 -39.40 -25.88 -14.76
N VAL A 221 -40.44 -25.11 -14.46
CA VAL A 221 -41.65 -25.66 -13.87
C VAL A 221 -42.22 -26.75 -14.76
N VAL A 222 -42.34 -26.45 -16.05
CA VAL A 222 -42.93 -27.40 -16.99
C VAL A 222 -42.10 -28.67 -17.15
N ALA A 223 -40.78 -28.53 -17.32
CA ALA A 223 -39.89 -29.68 -17.48
C ALA A 223 -39.98 -30.62 -16.28
N ILE A 224 -39.97 -30.04 -15.08
CA ILE A 224 -40.08 -30.83 -13.86
C ILE A 224 -41.47 -31.42 -13.72
N LEU A 225 -42.48 -30.59 -13.96
CA LEU A 225 -43.86 -31.01 -13.87
C LEU A 225 -44.13 -32.19 -14.80
N ASP A 226 -43.53 -32.20 -15.99
CA ASP A 226 -43.83 -33.28 -16.94
C ASP A 226 -43.32 -34.64 -16.43
N ARG A 227 -42.16 -34.62 -15.79
CA ARG A 227 -41.63 -35.88 -15.25
C ARG A 227 -42.35 -36.24 -13.96
N MET A 228 -42.62 -35.26 -13.11
CA MET A 228 -43.35 -35.51 -11.87
C MET A 228 -44.75 -36.09 -12.14
N ARG A 229 -45.40 -35.63 -13.19
CA ARG A 229 -46.72 -36.13 -13.56
C ARG A 229 -46.67 -37.61 -13.94
N ARG A 230 -45.65 -37.97 -14.71
CA ARG A 230 -45.44 -39.34 -15.11
C ARG A 230 -45.28 -40.24 -13.88
N ILE A 231 -44.58 -39.74 -12.87
CA ILE A 231 -44.42 -40.51 -11.65
C ILE A 231 -45.74 -40.59 -10.87
N PHE A 232 -46.42 -39.45 -10.74
CA PHE A 232 -47.62 -39.35 -9.93
C PHE A 232 -48.73 -40.23 -10.50
N LYS A 233 -48.87 -40.26 -11.83
CA LYS A 233 -49.82 -41.15 -12.48
C LYS A 233 -49.62 -42.61 -12.06
N LYS A 234 -48.36 -43.03 -11.98
CA LYS A 234 -48.07 -44.40 -11.52
C LYS A 234 -48.43 -44.55 -10.05
N VAL A 235 -48.22 -43.50 -9.27
CA VAL A 235 -48.50 -43.53 -7.84
C VAL A 235 -50.01 -43.70 -7.59
N MET A 236 -50.82 -42.94 -8.34
CA MET A 236 -52.25 -42.98 -8.19
C MET A 236 -52.80 -44.32 -8.62
N GLU A 237 -52.13 -44.93 -9.58
CA GLU A 237 -52.52 -46.22 -10.13
C GLU A 237 -52.53 -47.28 -9.04
N LEU A 238 -51.77 -47.06 -7.97
CA LEU A 238 -51.79 -48.00 -6.86
C LEU A 238 -52.20 -47.36 -5.54
N ASN A 239 -52.96 -46.27 -5.65
CA ASN A 239 -53.47 -45.55 -4.50
C ASN A 239 -52.39 -45.20 -3.47
N GLY A 240 -51.22 -44.76 -3.95
CA GLY A 240 -50.13 -44.41 -3.05
C GLY A 240 -50.01 -42.93 -2.79
N PHE A 241 -48.98 -42.54 -2.03
CA PHE A 241 -48.73 -41.14 -1.64
C PHE A 241 -47.43 -40.66 -2.30
N LEU A 242 -47.48 -39.47 -2.90
CA LEU A 242 -46.30 -38.85 -3.50
C LEU A 242 -45.93 -37.60 -2.70
N CYS A 243 -44.71 -37.55 -2.18
CA CYS A 243 -44.27 -36.35 -1.46
C CYS A 243 -43.19 -35.64 -2.25
N ILE A 244 -43.36 -34.34 -2.44
CA ILE A 244 -42.35 -33.59 -3.16
C ILE A 244 -41.39 -32.95 -2.16
N ASP A 245 -40.15 -33.44 -2.16
CA ASP A 245 -39.08 -32.89 -1.33
C ASP A 245 -38.83 -31.43 -1.66
N MET A 246 -38.35 -30.68 -0.68
CA MET A 246 -37.97 -29.29 -0.91
C MET A 246 -36.45 -29.19 -0.89
N GLU A 247 -35.91 -28.43 -1.84
CA GLU A 247 -34.45 -28.35 -1.98
C GLU A 247 -33.89 -26.97 -1.60
N SER A 248 -32.87 -26.50 -2.32
CA SER A 248 -32.24 -25.21 -1.97
C SER A 248 -33.14 -24.04 -2.33
N TYR A 249 -32.94 -22.90 -1.66
CA TYR A 249 -33.82 -21.74 -1.78
C TYR A 249 -34.00 -21.28 -3.25
N ARG A 250 -32.96 -21.46 -4.04
CA ARG A 250 -32.97 -21.16 -5.47
C ARG A 250 -34.17 -21.79 -6.23
N HIS A 251 -34.62 -22.96 -5.78
CA HIS A 251 -35.66 -23.70 -6.49
C HIS A 251 -36.99 -23.75 -5.74
N LYS A 252 -37.05 -23.06 -4.60
CA LYS A 252 -38.24 -23.09 -3.74
C LYS A 252 -39.53 -22.66 -4.47
N GLU A 253 -39.52 -21.49 -5.10
CA GLU A 253 -40.69 -21.04 -5.85
C GLU A 253 -41.03 -21.98 -7.00
N ILE A 254 -40.02 -22.47 -7.70
CA ILE A 254 -40.27 -23.44 -8.78
C ILE A 254 -41.01 -24.68 -8.23
N ILE A 255 -40.52 -25.18 -7.10
CA ILE A 255 -41.06 -26.40 -6.52
C ILE A 255 -42.47 -26.21 -6.00
N LEU A 256 -42.75 -25.06 -5.39
CA LEU A 256 -44.11 -24.77 -4.93
C LEU A 256 -45.10 -24.75 -6.10
N GLU A 257 -44.64 -24.20 -7.23
CA GLU A 257 -45.51 -24.03 -8.38
C GLU A 257 -45.76 -25.36 -9.08
N VAL A 258 -44.75 -26.24 -9.08
CA VAL A 258 -44.94 -27.60 -9.58
C VAL A 258 -45.97 -28.35 -8.75
N PHE A 259 -45.87 -28.23 -7.42
CA PHE A 259 -46.84 -28.86 -6.53
C PHE A 259 -48.26 -28.33 -6.77
N ARG A 260 -48.40 -27.01 -6.88
CA ARG A 260 -49.73 -26.41 -7.03
C ARG A 260 -50.41 -26.86 -8.33
N ARG A 261 -49.65 -26.90 -9.43
CA ARG A 261 -50.19 -27.29 -10.72
C ARG A 261 -50.60 -28.75 -10.79
N LEU A 262 -49.74 -29.61 -10.23
CA LEU A 262 -50.01 -31.04 -10.21
C LEU A 262 -51.25 -31.29 -9.37
N LYS A 263 -51.34 -30.61 -8.23
CA LYS A 263 -52.49 -30.77 -7.33
C LYS A 263 -53.81 -30.43 -8.01
N LEU A 264 -53.81 -29.34 -8.77
CA LEU A 264 -55.02 -28.89 -9.46
C LEU A 264 -55.41 -29.78 -10.65
N GLU A 265 -54.42 -30.42 -11.26
CA GLU A 265 -54.69 -31.40 -12.32
C GLU A 265 -55.42 -32.64 -11.75
N TYR A 266 -55.12 -32.98 -10.51
CA TYR A 266 -55.75 -34.12 -9.88
C TYR A 266 -56.34 -33.68 -8.57
N ARG A 267 -57.29 -32.75 -8.66
CA ARG A 267 -57.83 -32.06 -7.50
C ARG A 267 -58.49 -32.97 -6.48
N ASP A 268 -58.99 -34.12 -6.92
CA ASP A 268 -59.72 -35.01 -6.03
C ASP A 268 -58.83 -36.07 -5.37
N TYR A 269 -57.60 -36.19 -5.83
CA TYR A 269 -56.67 -37.16 -5.25
C TYR A 269 -55.96 -36.57 -4.03
N PRO A 270 -56.10 -37.23 -2.87
CA PRO A 270 -55.66 -36.61 -1.61
C PRO A 270 -54.22 -36.92 -1.20
N HIS A 271 -53.55 -37.83 -1.91
CA HIS A 271 -52.27 -38.35 -1.43
C HIS A 271 -51.05 -37.71 -2.11
N LEU A 272 -50.99 -36.38 -2.01
CA LEU A 272 -49.94 -35.59 -2.60
C LEU A 272 -49.45 -34.57 -1.57
N GLY A 273 -48.18 -34.69 -1.19
CA GLY A 273 -47.62 -33.80 -0.19
C GLY A 273 -46.48 -32.95 -0.71
N ILE A 274 -46.18 -31.88 0.03
CA ILE A 274 -45.08 -30.99 -0.28
C ILE A 274 -44.34 -30.71 1.03
N VAL A 275 -43.03 -30.54 0.94
CA VAL A 275 -42.25 -30.14 2.11
C VAL A 275 -42.17 -28.62 2.24
N LEU A 276 -42.33 -28.11 3.45
CA LEU A 276 -42.01 -26.73 3.77
C LEU A 276 -40.93 -26.65 4.86
N GLN A 277 -39.97 -25.74 4.67
CA GLN A 277 -38.83 -25.61 5.58
C GLN A 277 -39.00 -24.45 6.58
N ALA A 278 -39.12 -24.79 7.86
CA ALA A 278 -39.31 -23.81 8.91
C ALA A 278 -38.07 -22.94 9.17
N TYR A 279 -36.91 -23.35 8.64
CA TYR A 279 -35.74 -22.49 8.79
C TYR A 279 -35.74 -21.29 7.84
N LEU A 280 -36.72 -21.24 6.92
CA LEU A 280 -36.84 -20.09 6.01
C LEU A 280 -37.69 -18.94 6.57
N LYS A 281 -37.13 -17.74 6.57
CA LYS A 281 -37.89 -16.56 6.94
C LYS A 281 -39.18 -16.46 6.13
N ASP A 282 -39.14 -16.89 4.87
CA ASP A 282 -40.31 -16.90 4.01
C ASP A 282 -41.43 -17.85 4.47
N ASN A 283 -41.09 -18.85 5.29
CA ASN A 283 -42.04 -19.95 5.50
C ASN A 283 -43.35 -19.58 6.21
N ASP A 284 -43.31 -18.60 7.11
CA ASP A 284 -44.57 -18.13 7.73
C ASP A 284 -45.57 -17.69 6.65
N LYS A 285 -45.10 -16.85 5.74
CA LYS A 285 -45.92 -16.41 4.61
C LYS A 285 -46.24 -17.53 3.62
N ASP A 286 -45.27 -18.39 3.35
CA ASP A 286 -45.46 -19.45 2.35
C ASP A 286 -46.56 -20.42 2.82
N LEU A 287 -46.51 -20.75 4.11
CA LEU A 287 -47.50 -21.64 4.69
C LEU A 287 -48.90 -21.00 4.70
N ASP A 288 -48.99 -19.73 5.09
CA ASP A 288 -50.29 -19.03 5.08
C ASP A 288 -50.89 -19.01 3.69
N ASP A 289 -50.07 -18.64 2.70
CA ASP A 289 -50.50 -18.56 1.31
C ASP A 289 -51.00 -19.92 0.79
N LEU A 290 -50.28 -20.99 1.13
CA LEU A 290 -50.62 -22.33 0.64
C LEU A 290 -51.95 -22.76 1.23
N LEU A 291 -52.11 -22.53 2.53
CA LEU A 291 -53.37 -22.84 3.20
C LEU A 291 -54.51 -22.03 2.58
N ALA A 292 -54.25 -20.76 2.27
CA ALA A 292 -55.26 -19.91 1.65
C ALA A 292 -55.53 -20.33 0.20
N TRP A 293 -54.48 -20.67 -0.52
CA TRP A 293 -54.58 -21.18 -1.90
C TRP A 293 -55.45 -22.44 -1.94
N ALA A 294 -55.26 -23.33 -0.96
CA ALA A 294 -56.04 -24.56 -0.89
C ALA A 294 -57.52 -24.32 -0.60
N LYS A 295 -57.80 -23.44 0.36
CA LYS A 295 -59.18 -23.06 0.69
C LYS A 295 -59.84 -22.46 -0.54
N GLU A 296 -59.13 -21.56 -1.21
CA GLU A 296 -59.67 -20.93 -2.41
C GLU A 296 -60.09 -21.94 -3.46
N HIS A 297 -59.24 -22.93 -3.71
CA HIS A 297 -59.50 -23.92 -4.75
C HIS A 297 -60.29 -25.13 -4.25
N LYS A 298 -60.59 -25.14 -2.95
CA LYS A 298 -61.36 -26.21 -2.34
C LYS A 298 -60.72 -27.59 -2.53
N VAL A 299 -59.40 -27.62 -2.39
CA VAL A 299 -58.70 -28.89 -2.37
C VAL A 299 -58.16 -29.14 -0.97
N GLN A 300 -57.62 -30.33 -0.75
CA GLN A 300 -56.91 -30.62 0.49
C GLN A 300 -55.45 -30.79 0.15
N ILE A 301 -54.58 -30.67 1.15
CA ILE A 301 -53.16 -30.84 0.95
C ILE A 301 -52.50 -31.63 2.07
N SER A 302 -51.22 -31.93 1.88
CA SER A 302 -50.43 -32.53 2.93
C SER A 302 -49.08 -31.83 2.97
N VAL A 303 -48.65 -31.45 4.16
CA VAL A 303 -47.37 -30.79 4.35
C VAL A 303 -46.48 -31.64 5.26
N ARG A 304 -45.27 -31.94 4.79
CA ARG A 304 -44.25 -32.41 5.69
C ARG A 304 -43.46 -31.18 6.15
N LEU A 305 -43.55 -30.85 7.42
CA LEU A 305 -42.84 -29.68 7.93
C LEU A 305 -41.50 -30.12 8.47
N VAL A 306 -40.44 -29.50 7.97
CA VAL A 306 -39.09 -29.81 8.41
C VAL A 306 -38.45 -28.50 8.82
N LYS A 307 -37.27 -28.57 9.45
CA LYS A 307 -36.49 -27.37 9.68
C LYS A 307 -35.76 -26.98 8.41
N GLY A 308 -34.88 -27.85 7.93
CA GLY A 308 -34.21 -27.62 6.65
C GLY A 308 -32.79 -28.16 6.62
N ALA A 309 -32.37 -28.62 5.45
CA ALA A 309 -31.11 -29.37 5.34
C ALA A 309 -29.93 -28.61 4.69
N TYR A 310 -30.15 -27.38 4.25
CA TYR A 310 -29.12 -26.66 3.49
C TYR A 310 -28.65 -25.36 4.15
N TRP A 311 -28.60 -25.35 5.48
CA TRP A 311 -28.35 -24.11 6.22
C TRP A 311 -26.99 -23.46 5.90
N ASP A 312 -25.91 -24.23 6.00
CA ASP A 312 -24.57 -23.73 5.71
C ASP A 312 -24.49 -23.22 4.28
N TYR A 313 -25.11 -23.94 3.36
CA TYR A 313 -25.13 -23.51 1.96
C TYR A 313 -25.88 -22.21 1.74
N GLU A 314 -27.11 -22.10 2.27
CA GLU A 314 -27.90 -20.88 2.05
C GLU A 314 -27.25 -19.64 2.62
N THR A 315 -26.62 -19.79 3.79
CA THR A 315 -25.95 -18.66 4.41
C THR A 315 -24.79 -18.18 3.55
N VAL A 316 -23.90 -19.11 3.18
CA VAL A 316 -22.73 -18.79 2.36
C VAL A 316 -23.15 -18.19 1.01
N LYS A 317 -24.11 -18.83 0.35
CA LYS A 317 -24.53 -18.41 -0.99
C LYS A 317 -25.09 -17.00 -0.97
N ALA A 318 -25.94 -16.70 0.03
CA ALA A 318 -26.52 -15.38 0.16
C ALA A 318 -25.46 -14.30 0.37
N LYS A 319 -24.52 -14.56 1.25
CA LYS A 319 -23.46 -13.61 1.53
C LYS A 319 -22.54 -13.39 0.33
N GLN A 320 -22.39 -14.40 -0.50
CA GLN A 320 -21.53 -14.30 -1.68
C GLN A 320 -22.12 -13.40 -2.76
N ASN A 321 -23.42 -13.15 -2.67
CA ASN A 321 -24.12 -12.39 -3.69
C ASN A 321 -24.81 -11.13 -3.18
N ASP A 322 -24.47 -10.71 -1.97
CA ASP A 322 -25.10 -9.57 -1.30
C ASP A 322 -26.64 -9.66 -1.30
N TRP A 323 -27.16 -10.86 -1.05
CA TRP A 323 -28.59 -11.09 -0.93
C TRP A 323 -28.90 -11.27 0.54
N GLU A 324 -30.12 -10.93 0.94
CA GLU A 324 -30.58 -11.22 2.29
C GLU A 324 -30.52 -12.72 2.54
N VAL A 325 -29.94 -13.11 3.68
CA VAL A 325 -29.89 -14.52 4.08
C VAL A 325 -31.30 -15.06 4.28
N PRO A 326 -31.69 -16.08 3.49
CA PRO A 326 -33.09 -16.56 3.52
C PRO A 326 -33.44 -17.43 4.73
N VAL A 327 -32.42 -17.90 5.44
CA VAL A 327 -32.66 -18.69 6.67
C VAL A 327 -32.53 -17.86 7.94
N TRP A 328 -33.20 -18.30 9.00
CA TRP A 328 -32.93 -17.80 10.35
C TRP A 328 -31.48 -18.17 10.65
N THR A 329 -30.81 -17.36 11.48
CA THR A 329 -29.41 -17.66 11.77
C THR A 329 -29.12 -17.91 13.24
N ILE A 330 -30.15 -17.78 14.07
CA ILE A 330 -30.07 -18.28 15.43
C ILE A 330 -30.86 -19.59 15.48
N LYS A 331 -30.18 -20.68 15.86
CA LYS A 331 -30.76 -22.02 15.78
C LYS A 331 -32.13 -22.12 16.45
N ALA A 332 -32.27 -21.51 17.64
CA ALA A 332 -33.53 -21.48 18.35
C ALA A 332 -34.66 -20.80 17.55
N GLU A 333 -34.31 -19.88 16.65
CA GLU A 333 -35.35 -19.25 15.82
C GLU A 333 -36.01 -20.26 14.87
N SER A 334 -35.24 -21.24 14.39
CA SER A 334 -35.82 -22.33 13.60
C SER A 334 -36.71 -23.26 14.42
N ASP A 335 -36.29 -23.56 15.65
CA ASP A 335 -37.11 -24.35 16.55
C ASP A 335 -38.43 -23.63 16.86
N ALA A 336 -38.34 -22.33 17.14
CA ALA A 336 -39.52 -21.51 17.43
C ALA A 336 -40.41 -21.44 16.19
N ALA A 337 -39.80 -21.25 15.03
CA ALA A 337 -40.55 -21.20 13.79
C ALA A 337 -41.30 -22.52 13.60
N TYR A 338 -40.61 -23.64 13.84
CA TYR A 338 -41.23 -24.96 13.68
C TYR A 338 -42.47 -25.14 14.55
N GLU A 339 -42.36 -24.82 15.83
CA GLU A 339 -43.48 -25.01 16.74
C GLU A 339 -44.69 -24.13 16.39
N ARG A 340 -44.42 -22.90 15.95
CA ARG A 340 -45.45 -21.97 15.53
C ARG A 340 -46.15 -22.43 14.25
N GLN A 341 -45.37 -22.97 13.32
CA GLN A 341 -45.94 -23.40 12.05
C GLN A 341 -46.66 -24.74 12.18
N ALA A 342 -46.15 -25.61 13.05
CA ALA A 342 -46.82 -26.86 13.36
C ALA A 342 -48.22 -26.57 13.90
N ARG A 343 -48.30 -25.64 14.86
CA ARG A 343 -49.58 -25.24 15.41
C ARG A 343 -50.51 -24.77 14.30
N LYS A 344 -50.00 -23.92 13.41
CA LYS A 344 -50.80 -23.39 12.32
C LYS A 344 -51.35 -24.52 11.44
N ILE A 345 -50.50 -25.50 11.10
CA ILE A 345 -50.96 -26.66 10.33
C ILE A 345 -52.05 -27.44 11.07
N LEU A 346 -51.80 -27.75 12.34
CA LEU A 346 -52.76 -28.53 13.15
C LEU A 346 -54.11 -27.84 13.35
N GLU A 347 -54.10 -26.52 13.53
CA GLU A 347 -55.33 -25.73 13.53
C GLU A 347 -56.10 -25.96 12.24
N ASN A 348 -55.36 -26.15 11.15
CA ASN A 348 -55.96 -26.36 9.84
C ASN A 348 -56.07 -27.82 9.43
N HIS A 349 -56.14 -28.72 10.42
CA HIS A 349 -56.14 -30.15 10.13
C HIS A 349 -57.23 -30.61 9.15
N GLN A 350 -58.38 -29.93 9.16
CA GLN A 350 -59.46 -30.29 8.25
C GLN A 350 -59.04 -30.22 6.76
N ILE A 351 -58.19 -29.27 6.39
CA ILE A 351 -57.73 -29.16 5.00
C ILE A 351 -56.28 -29.59 4.80
N CYS A 352 -55.52 -29.67 5.88
CA CYS A 352 -54.11 -29.93 5.73
C CYS A 352 -53.66 -31.11 6.60
N HIS A 353 -53.25 -32.19 5.93
CA HIS A 353 -52.67 -33.35 6.59
C HIS A 353 -51.23 -33.01 6.96
N PHE A 354 -50.77 -33.54 8.09
CA PHE A 354 -49.50 -33.12 8.71
C PHE A 354 -48.50 -34.27 8.95
N ALA A 355 -47.28 -34.12 8.43
CA ALA A 355 -46.20 -35.02 8.82
C ALA A 355 -45.13 -34.24 9.58
N CYS A 356 -44.90 -34.65 10.82
CA CYS A 356 -43.91 -33.98 11.65
C CYS A 356 -42.58 -34.67 11.45
N ALA A 357 -41.62 -33.96 10.86
CA ALA A 357 -40.33 -34.55 10.50
C ALA A 357 -39.19 -33.94 11.29
N SER A 358 -38.90 -34.53 12.45
CA SER A 358 -37.88 -34.01 13.34
C SER A 358 -37.35 -35.11 14.25
N HIS A 359 -36.11 -34.97 14.69
CA HIS A 359 -35.55 -35.93 15.62
C HIS A 359 -35.46 -35.26 17.00
N ASN A 360 -35.95 -34.03 17.06
CA ASN A 360 -35.85 -33.23 18.27
C ASN A 360 -36.97 -33.53 19.26
N ILE A 361 -36.60 -34.08 20.42
CA ILE A 361 -37.55 -34.45 21.45
C ILE A 361 -38.39 -33.26 21.95
N ARG A 362 -37.78 -32.07 22.05
CA ARG A 362 -38.59 -30.90 22.44
C ARG A 362 -39.66 -30.61 21.37
N THR A 363 -39.22 -30.59 20.12
CA THR A 363 -40.11 -30.34 18.99
C THR A 363 -41.21 -31.39 18.87
N ILE A 364 -40.84 -32.66 18.95
CA ILE A 364 -41.82 -33.75 18.90
C ILE A 364 -42.81 -33.67 20.06
N SER A 365 -42.29 -33.44 21.28
CA SER A 365 -43.16 -33.32 22.45
C SER A 365 -44.15 -32.15 22.33
N ALA A 366 -43.70 -31.07 21.71
CA ALA A 366 -44.55 -29.90 21.50
C ALA A 366 -45.70 -30.21 20.54
N VAL A 367 -45.40 -30.86 19.42
CA VAL A 367 -46.40 -31.29 18.47
C VAL A 367 -47.43 -32.25 19.09
N MET A 368 -46.98 -33.12 19.98
CA MET A 368 -47.89 -34.08 20.62
C MET A 368 -48.90 -33.41 21.56
N GLU A 369 -48.42 -32.47 22.37
CA GLU A 369 -49.30 -31.74 23.27
C GLU A 369 -50.21 -30.76 22.52
N MET A 370 -49.67 -30.16 21.45
CA MET A 370 -50.49 -29.27 20.63
C MET A 370 -51.59 -30.02 19.91
N ALA A 371 -51.30 -31.23 19.47
CA ALA A 371 -52.30 -32.03 18.78
C ALA A 371 -53.41 -32.43 19.75
N ARG A 372 -53.03 -32.65 21.00
CA ARG A 372 -54.01 -32.91 22.05
C ARG A 372 -54.81 -31.65 22.39
N GLU A 373 -54.12 -30.53 22.64
CA GLU A 373 -54.79 -29.28 22.98
C GLU A 373 -55.86 -28.91 21.96
N LEU A 374 -55.57 -29.14 20.68
CA LEU A 374 -56.47 -28.79 19.59
C LEU A 374 -57.37 -29.95 19.18
N ASN A 375 -57.28 -31.04 19.92
CA ASN A 375 -58.13 -32.23 19.68
C ASN A 375 -58.09 -32.73 18.23
N VAL A 376 -56.88 -32.87 17.69
CA VAL A 376 -56.72 -33.28 16.30
C VAL A 376 -56.92 -34.79 16.14
N PRO A 377 -57.69 -35.21 15.12
CA PRO A 377 -57.84 -36.65 14.84
C PRO A 377 -56.54 -37.26 14.35
N GLU A 378 -56.27 -38.48 14.78
CA GLU A 378 -55.01 -39.15 14.51
C GLU A 378 -54.72 -39.34 13.02
N ASP A 379 -55.76 -39.45 12.21
CA ASP A 379 -55.55 -39.66 10.78
C ASP A 379 -55.09 -38.38 10.08
N ARG A 380 -54.99 -37.29 10.83
CA ARG A 380 -54.53 -36.02 10.27
C ARG A 380 -53.05 -35.72 10.54
N TYR A 381 -52.39 -36.52 11.37
CA TYR A 381 -50.94 -36.32 11.59
C TYR A 381 -50.13 -37.60 11.84
N GLU A 382 -48.89 -37.60 11.36
CA GLU A 382 -47.96 -38.71 11.60
C GLU A 382 -46.59 -38.16 11.88
N PHE A 383 -45.68 -39.02 12.31
CA PHE A 383 -44.33 -38.61 12.62
C PHE A 383 -43.33 -39.26 11.69
N GLN A 384 -42.32 -38.51 11.28
CA GLN A 384 -41.34 -39.02 10.34
C GLN A 384 -39.91 -38.77 10.80
N VAL A 385 -39.04 -39.76 10.61
CA VAL A 385 -37.60 -39.58 10.83
C VAL A 385 -36.77 -40.16 9.68
N LEU A 386 -35.50 -39.82 9.65
CA LEU A 386 -34.58 -40.32 8.64
C LEU A 386 -34.05 -41.69 9.07
N TYR A 387 -33.98 -42.61 8.11
CA TYR A 387 -33.43 -43.94 8.33
C TYR A 387 -31.98 -43.86 8.81
N GLY A 388 -31.63 -44.68 9.80
CA GLY A 388 -30.26 -44.75 10.29
C GLY A 388 -29.90 -43.71 11.35
N MET A 389 -30.88 -42.92 11.77
CA MET A 389 -30.63 -41.84 12.71
C MET A 389 -31.53 -41.87 13.93
N ALA A 390 -31.04 -41.31 15.03
CA ALA A 390 -31.84 -41.06 16.23
C ALA A 390 -32.67 -42.26 16.68
N GLU A 391 -32.07 -43.43 16.68
CA GLU A 391 -32.77 -44.68 16.99
C GLU A 391 -33.62 -44.68 18.26
N PRO A 392 -33.10 -44.15 19.38
CA PRO A 392 -33.96 -44.16 20.58
C PRO A 392 -35.14 -43.17 20.48
N VAL A 393 -34.97 -42.09 19.72
CA VAL A 393 -36.09 -41.17 19.49
C VAL A 393 -37.13 -41.88 18.65
N ARG A 394 -36.66 -42.57 17.61
CA ARG A 394 -37.50 -43.40 16.77
C ARG A 394 -38.31 -44.44 17.58
N LYS A 395 -37.64 -45.20 18.44
CA LYS A 395 -38.34 -46.18 19.27
C LYS A 395 -39.34 -45.48 20.20
N GLY A 396 -38.91 -44.36 20.75
CA GLY A 396 -39.77 -43.53 21.59
C GLY A 396 -41.07 -43.15 20.91
N ILE A 397 -40.99 -42.69 19.66
CA ILE A 397 -42.19 -42.29 18.93
C ILE A 397 -43.12 -43.48 18.67
N LEU A 398 -42.53 -44.61 18.30
CA LEU A 398 -43.29 -45.80 18.02
C LEU A 398 -44.10 -46.22 19.25
N LYS A 399 -43.51 -46.05 20.43
CA LYS A 399 -44.14 -46.47 21.68
C LYS A 399 -45.28 -45.55 22.13
N VAL A 400 -45.11 -44.24 21.96
CA VAL A 400 -46.12 -43.28 22.41
C VAL A 400 -47.20 -43.01 21.35
N ALA A 401 -46.79 -42.74 20.13
CA ALA A 401 -47.75 -42.37 19.07
C ALA A 401 -48.14 -43.54 18.17
N GLY A 402 -47.19 -44.44 17.90
CA GLY A 402 -47.47 -45.60 17.06
C GLY A 402 -47.39 -45.37 15.56
N ARG A 403 -47.48 -44.11 15.13
CA ARG A 403 -47.51 -43.81 13.69
C ARG A 403 -46.22 -43.12 13.28
N ILE A 404 -45.24 -43.94 12.90
CA ILE A 404 -43.91 -43.48 12.58
C ILE A 404 -43.51 -44.00 11.20
N ARG A 405 -42.94 -43.12 10.39
CA ARG A 405 -42.55 -43.47 9.03
C ARG A 405 -41.08 -43.11 8.84
N LEU A 406 -40.30 -44.04 8.30
CA LEU A 406 -38.88 -43.78 8.06
C LEU A 406 -38.65 -43.33 6.64
N TYR A 407 -37.94 -42.21 6.49
CA TYR A 407 -37.49 -41.76 5.17
C TYR A 407 -36.36 -42.69 4.78
N ALA A 408 -36.61 -43.54 3.78
CA ALA A 408 -35.72 -44.64 3.45
C ALA A 408 -35.19 -44.48 2.03
N PRO A 409 -33.98 -43.90 1.90
CA PRO A 409 -33.39 -43.76 0.58
C PRO A 409 -32.57 -44.99 0.19
N TYR A 410 -32.41 -45.20 -1.12
CA TYR A 410 -31.56 -46.26 -1.61
C TYR A 410 -30.82 -45.83 -2.87
N GLY A 411 -29.64 -46.39 -3.08
CA GLY A 411 -28.89 -46.04 -4.27
C GLY A 411 -27.40 -46.11 -4.08
N ASN A 412 -26.68 -45.46 -4.99
CA ASN A 412 -25.22 -45.51 -4.98
C ASN A 412 -24.63 -44.33 -4.21
N MET A 413 -23.38 -44.49 -3.80
CA MET A 413 -22.71 -43.54 -2.94
C MET A 413 -22.41 -42.22 -3.65
N VAL A 414 -22.15 -42.30 -4.96
CA VAL A 414 -21.80 -41.09 -5.70
C VAL A 414 -22.98 -40.11 -5.83
N PRO A 415 -24.14 -40.58 -6.34
CA PRO A 415 -25.26 -39.64 -6.34
C PRO A 415 -25.84 -39.40 -4.93
N GLY A 416 -25.53 -40.29 -3.99
CA GLY A 416 -26.01 -40.11 -2.63
C GLY A 416 -25.11 -39.28 -1.73
N MET A 417 -23.99 -38.79 -2.27
CA MET A 417 -22.97 -38.14 -1.46
C MET A 417 -23.45 -36.85 -0.79
N GLY A 418 -24.26 -36.07 -1.51
CA GLY A 418 -24.84 -34.86 -0.94
C GLY A 418 -25.66 -35.20 0.29
N TYR A 419 -26.53 -36.19 0.15
CA TYR A 419 -27.34 -36.69 1.26
C TYR A 419 -26.45 -37.20 2.41
N LEU A 420 -25.43 -37.98 2.10
CA LEU A 420 -24.55 -38.50 3.15
C LEU A 420 -23.87 -37.38 3.94
N VAL A 421 -23.23 -36.45 3.24
CA VAL A 421 -22.57 -35.33 3.91
C VAL A 421 -23.56 -34.50 4.72
N ARG A 422 -24.77 -34.28 4.21
CA ARG A 422 -25.80 -33.58 4.98
C ARG A 422 -26.16 -34.32 6.28
N ARG A 423 -26.21 -35.64 6.24
CA ARG A 423 -26.46 -36.40 7.47
C ARG A 423 -25.33 -36.21 8.48
N LEU A 424 -24.10 -36.28 7.99
CA LEU A 424 -22.92 -36.13 8.86
C LEU A 424 -22.88 -34.75 9.52
N LEU A 425 -23.13 -33.69 8.74
CA LEU A 425 -23.18 -32.34 9.26
C LEU A 425 -24.30 -32.23 10.28
N GLU A 426 -25.44 -32.83 9.96
CA GLU A 426 -26.61 -32.79 10.82
C GLU A 426 -26.31 -33.34 12.21
N ASN A 427 -25.65 -34.50 12.28
CA ASN A 427 -25.39 -35.15 13.57
C ASN A 427 -24.28 -34.56 14.43
N THR A 428 -23.39 -33.79 13.83
CA THR A 428 -22.20 -33.32 14.53
C THR A 428 -22.19 -31.81 14.77
N ALA A 429 -23.17 -31.09 14.24
CA ALA A 429 -23.23 -29.64 14.41
C ALA A 429 -23.29 -29.26 15.88
N ASN A 430 -22.70 -28.11 16.22
CA ASN A 430 -22.74 -27.55 17.58
C ASN A 430 -24.15 -27.39 18.14
N GLU A 431 -25.04 -26.86 17.33
CA GLU A 431 -26.41 -26.60 17.76
C GLU A 431 -27.32 -27.82 17.60
N SER A 432 -26.76 -28.93 17.13
CA SER A 432 -27.55 -30.14 16.89
C SER A 432 -28.17 -30.68 18.16
N PHE A 433 -29.47 -30.96 18.13
CA PHE A 433 -30.16 -31.51 19.29
C PHE A 433 -29.63 -32.89 19.66
N LEU A 434 -29.34 -33.69 18.63
CA LEU A 434 -28.79 -35.02 18.84
C LEU A 434 -27.42 -34.95 19.52
N ARG A 435 -26.52 -34.13 18.98
CA ARG A 435 -25.20 -33.96 19.60
C ARG A 435 -25.28 -33.55 21.08
N GLN A 436 -26.13 -32.57 21.39
CA GLN A 436 -26.33 -32.12 22.78
C GLN A 436 -26.86 -33.20 23.69
N SER A 437 -27.80 -33.99 23.18
CA SER A 437 -28.44 -35.02 23.98
C SER A 437 -27.56 -36.24 24.21
N PHE A 438 -26.75 -36.59 23.20
CA PHE A 438 -26.11 -37.91 23.21
C PHE A 438 -24.59 -37.90 23.14
N ALA A 439 -23.99 -36.72 23.14
CA ALA A 439 -22.54 -36.62 23.16
C ALA A 439 -22.09 -35.53 24.13
N GLU A 440 -22.96 -34.58 24.39
CA GLU A 440 -22.60 -33.38 25.14
C GLU A 440 -23.06 -33.41 26.61
N ASP A 441 -23.86 -34.41 26.96
CA ASP A 441 -24.45 -34.52 28.32
C ASP A 441 -25.06 -33.20 28.79
N ALA A 442 -25.84 -32.56 27.92
CA ALA A 442 -26.44 -31.25 28.21
C ALA A 442 -27.58 -31.35 29.23
N GLN A 443 -27.80 -30.27 29.97
CA GLN A 443 -28.90 -30.22 30.94
C GLN A 443 -30.25 -30.37 30.24
N ILE A 444 -31.06 -31.30 30.72
CA ILE A 444 -32.34 -31.59 30.11
C ILE A 444 -33.28 -30.38 30.15
N GLU A 445 -33.18 -29.58 31.20
CA GLU A 445 -34.02 -28.39 31.32
C GLU A 445 -33.75 -27.38 30.21
N ARG A 446 -32.50 -27.29 29.76
CA ARG A 446 -32.15 -26.36 28.69
C ARG A 446 -32.57 -26.90 27.34
N LEU A 447 -32.59 -28.22 27.20
CA LEU A 447 -32.93 -28.87 25.95
C LEU A 447 -34.43 -28.80 25.68
N LEU A 448 -35.19 -28.78 26.77
CA LEU A 448 -36.64 -28.83 26.67
C LEU A 448 -37.29 -27.47 26.88
N GLU A 449 -36.48 -26.43 27.02
CA GLU A 449 -37.06 -25.12 27.22
C GLU A 449 -37.76 -24.61 25.95
N ASP A 450 -38.79 -23.79 26.14
CA ASP A 450 -39.47 -23.13 25.05
C ASP A 450 -38.43 -22.38 24.22
N PRO A 451 -38.28 -22.75 22.94
CA PRO A 451 -37.30 -22.11 22.07
C PRO A 451 -37.58 -20.62 21.90
N ALA A 452 -38.83 -20.22 22.07
CA ALA A 452 -39.19 -18.80 22.03
C ALA A 452 -38.47 -18.03 23.13
N VAL A 453 -38.27 -18.68 24.28
CA VAL A 453 -37.49 -18.08 25.35
C VAL A 453 -36.00 -18.05 25.02
N THR A 454 -35.50 -19.16 24.47
CA THR A 454 -34.11 -19.23 24.00
C THR A 454 -33.83 -18.14 22.97
N VAL A 455 -34.77 -17.95 22.06
CA VAL A 455 -34.66 -16.92 21.03
C VAL A 455 -34.39 -15.54 21.63
N GLU A 456 -35.21 -15.14 22.60
CA GLU A 456 -35.10 -13.83 23.22
C GLU A 456 -33.78 -13.64 23.94
N ARG A 457 -33.34 -14.69 24.61
CA ARG A 457 -32.05 -14.67 25.29
C ARG A 457 -30.93 -14.46 24.28
N GLU A 458 -30.94 -15.22 23.19
CA GLU A 458 -29.88 -15.17 22.19
C GLU A 458 -29.79 -13.83 21.47
N ARG A 459 -30.94 -13.25 21.18
CA ARG A 459 -31.02 -11.96 20.50
C ARG A 459 -30.50 -10.84 21.39
N ALA A 460 -30.92 -10.84 22.65
CA ALA A 460 -30.51 -9.80 23.60
C ALA A 460 -29.03 -9.92 23.92
N ALA A 461 -28.51 -11.15 23.85
CA ALA A 461 -27.09 -11.40 24.01
C ALA A 461 -26.30 -10.69 22.91
N ARG A 462 -26.86 -10.72 21.70
CA ARG A 462 -26.20 -10.10 20.56
C ARG A 462 -26.37 -8.57 20.54
N ALA A 463 -27.24 -8.06 21.40
CA ALA A 463 -27.31 -6.62 21.63
C ALA A 463 -26.02 -6.14 22.31
N ALA A 464 -25.34 -7.05 23.01
CA ALA A 464 -24.05 -6.76 23.61
C ALA A 464 -22.92 -6.78 22.57
N LEU A 473 -15.22 4.14 6.53
CA LEU A 473 -14.09 5.07 6.54
C LEU A 473 -14.50 6.51 6.28
N GLY A 474 -14.78 7.23 7.37
CA GLY A 474 -15.02 8.66 7.29
C GLY A 474 -16.31 9.01 6.62
N GLY A 475 -17.42 8.60 7.23
CA GLY A 475 -18.74 8.90 6.72
C GLY A 475 -19.22 7.91 5.69
N LEU A 476 -18.29 7.32 4.94
CA LEU A 476 -18.67 6.37 3.88
C LEU A 476 -18.76 4.94 4.38
N PRO A 477 -19.86 4.25 4.04
CA PRO A 477 -19.96 2.82 4.32
C PRO A 477 -18.79 2.09 3.67
N PRO A 478 -18.39 0.95 4.24
CA PRO A 478 -17.30 0.20 3.62
C PRO A 478 -17.74 -0.32 2.26
N PHE A 479 -16.78 -0.73 1.42
CA PHE A 479 -17.14 -1.23 0.11
C PHE A 479 -17.86 -2.58 0.19
N ASN A 480 -18.95 -2.71 -0.55
CA ASN A 480 -19.60 -4.01 -0.78
C ASN A 480 -20.00 -4.06 -2.24
N ASN A 481 -19.91 -5.25 -2.85
CA ASN A 481 -20.33 -5.40 -4.23
C ASN A 481 -21.84 -5.25 -4.34
N GLU A 482 -22.29 -4.69 -5.46
CA GLU A 482 -23.71 -4.49 -5.69
C GLU A 482 -24.41 -5.84 -5.89
N ALA A 483 -25.57 -5.98 -5.23
CA ALA A 483 -26.36 -7.20 -5.24
C ALA A 483 -26.70 -7.71 -6.65
N MET A 484 -26.36 -8.96 -6.91
CA MET A 484 -26.70 -9.56 -8.19
C MET A 484 -28.23 -9.67 -8.32
N VAL A 485 -28.71 -9.68 -9.56
CA VAL A 485 -30.13 -9.88 -9.82
C VAL A 485 -30.56 -11.22 -9.21
N ASP A 486 -31.78 -11.27 -8.67
CA ASP A 486 -32.20 -12.42 -7.88
C ASP A 486 -33.52 -12.96 -8.42
N PHE A 487 -33.42 -13.94 -9.31
CA PHE A 487 -34.59 -14.44 -10.02
C PHE A 487 -35.49 -15.36 -9.18
N THR A 488 -35.15 -15.56 -7.91
CA THR A 488 -36.13 -16.14 -6.98
C THR A 488 -37.29 -15.16 -6.75
N ARG A 489 -37.07 -13.88 -7.05
CA ARG A 489 -38.11 -12.87 -6.82
C ARG A 489 -38.96 -12.69 -8.06
N ALA A 490 -40.27 -12.62 -7.86
CA ALA A 490 -41.18 -12.48 -8.97
C ALA A 490 -41.00 -11.11 -9.64
N ASP A 491 -40.70 -10.08 -8.85
CA ASP A 491 -40.49 -8.75 -9.43
C ASP A 491 -39.25 -8.71 -10.33
N HIS A 492 -38.17 -9.37 -9.91
CA HIS A 492 -36.98 -9.42 -10.76
C HIS A 492 -37.25 -10.19 -12.05
N ARG A 493 -38.05 -11.26 -11.97
CA ARG A 493 -38.40 -12.04 -13.17
C ARG A 493 -39.23 -11.20 -14.14
N ALA A 494 -40.10 -10.36 -13.60
CA ALA A 494 -40.99 -9.54 -14.42
C ALA A 494 -40.29 -8.30 -15.01
N ALA A 495 -39.18 -7.90 -14.40
CA ALA A 495 -38.50 -6.64 -14.74
C ALA A 495 -37.91 -6.66 -16.14
N PHE A 496 -37.27 -7.76 -16.53
CA PHE A 496 -36.62 -7.81 -17.84
C PHE A 496 -37.56 -7.69 -19.03
N PRO A 497 -38.66 -8.45 -19.05
CA PRO A 497 -39.55 -8.25 -20.21
C PRO A 497 -40.10 -6.83 -20.26
N LYS A 498 -40.47 -6.28 -19.10
CA LYS A 498 -40.95 -4.89 -19.03
C LYS A 498 -39.92 -3.90 -19.59
N HIS A 499 -38.66 -4.03 -19.15
CA HIS A 499 -37.64 -3.05 -19.54
C HIS A 499 -37.10 -3.24 -20.95
N ILE A 500 -37.13 -4.48 -21.45
CA ILE A 500 -36.78 -4.72 -22.85
C ILE A 500 -37.81 -4.05 -23.73
N ALA A 501 -39.07 -4.13 -23.34
CA ALA A 501 -40.15 -3.49 -24.06
C ALA A 501 -40.03 -1.96 -24.01
N GLN A 502 -39.69 -1.43 -22.85
CA GLN A 502 -39.51 0.01 -22.70
C GLN A 502 -38.33 0.56 -23.52
N VAL A 503 -37.26 -0.24 -23.63
CA VAL A 503 -36.12 0.14 -24.46
C VAL A 503 -36.49 0.20 -25.95
N ARG A 504 -37.32 -0.74 -26.40
CA ARG A 504 -37.76 -0.77 -27.79
C ARG A 504 -38.63 0.43 -28.21
N THR A 505 -39.18 1.17 -27.26
CA THR A 505 -39.90 2.38 -27.60
C THR A 505 -38.96 3.55 -27.86
N GLN A 506 -37.66 3.37 -27.58
CA GLN A 506 -36.68 4.45 -27.76
C GLN A 506 -35.58 4.15 -28.78
N LEU A 507 -35.90 3.32 -29.77
CA LEU A 507 -34.95 2.98 -30.83
C LEU A 507 -35.00 4.02 -31.94
N GLY A 508 -33.98 4.03 -32.80
CA GLY A 508 -33.99 4.91 -33.96
C GLY A 508 -33.26 6.25 -33.83
N LYS A 509 -32.77 6.56 -32.64
CA LYS A 509 -32.07 7.82 -32.40
C LYS A 509 -30.70 7.91 -33.09
N THR A 510 -30.25 9.15 -33.34
CA THR A 510 -28.89 9.39 -33.79
C THR A 510 -28.04 9.87 -32.61
N TYR A 511 -26.93 9.17 -32.35
CA TYR A 511 -26.06 9.53 -31.23
C TYR A 511 -24.88 10.37 -31.70
N PRO A 512 -24.72 11.58 -31.16
CA PRO A 512 -23.63 12.48 -31.57
C PRO A 512 -22.40 12.27 -30.71
N LEU A 513 -21.30 12.91 -31.08
CA LEU A 513 -20.13 12.95 -30.21
C LEU A 513 -20.48 13.85 -29.04
N PHE A 514 -19.74 13.75 -27.95
CA PHE A 514 -19.94 14.65 -26.81
C PHE A 514 -18.60 15.24 -26.43
N ILE A 515 -18.39 16.50 -26.82
CA ILE A 515 -17.11 17.15 -26.63
C ILE A 515 -17.28 18.48 -25.90
N ASN A 516 -16.57 18.61 -24.78
CA ASN A 516 -16.60 19.84 -23.99
C ASN A 516 -18.00 20.22 -23.55
N GLY A 517 -18.81 19.23 -23.22
CA GLY A 517 -20.16 19.45 -22.76
C GLY A 517 -21.18 19.69 -23.87
N LYS A 518 -20.76 19.57 -25.12
CA LYS A 518 -21.68 19.83 -26.23
C LYS A 518 -21.83 18.62 -27.15
N GLU A 519 -23.04 18.42 -27.67
CA GLU A 519 -23.29 17.41 -28.69
C GLU A 519 -22.81 17.91 -30.05
N VAL A 520 -21.99 17.11 -30.71
CA VAL A 520 -21.47 17.48 -32.02
C VAL A 520 -21.86 16.40 -33.03
N ARG A 521 -22.65 16.77 -34.04
CA ARG A 521 -23.07 15.80 -35.05
C ARG A 521 -22.06 15.79 -36.18
N THR A 522 -21.89 14.64 -36.82
CA THR A 522 -21.11 14.56 -38.05
C THR A 522 -21.93 13.87 -39.13
N ASN A 523 -21.45 13.90 -40.36
CA ASN A 523 -22.19 13.31 -41.47
C ASN A 523 -21.85 11.84 -41.74
N ASP A 524 -20.90 11.32 -40.98
CA ASP A 524 -20.53 9.93 -41.11
C ASP A 524 -21.27 9.12 -40.05
N LEU A 525 -22.24 8.32 -40.47
CA LEU A 525 -23.06 7.55 -39.54
C LEU A 525 -22.85 6.05 -39.73
N ILE A 526 -22.71 5.33 -38.62
CA ILE A 526 -22.72 3.87 -38.62
C ILE A 526 -23.87 3.34 -37.77
N PRO A 527 -24.70 2.46 -38.35
CA PRO A 527 -25.83 1.92 -37.58
C PRO A 527 -25.41 0.84 -36.61
N THR A 528 -26.13 0.70 -35.51
CA THR A 528 -25.88 -0.36 -34.55
C THR A 528 -27.13 -1.24 -34.47
N VAL A 529 -26.94 -2.56 -34.53
CA VAL A 529 -28.07 -3.47 -34.66
C VAL A 529 -28.05 -4.60 -33.62
N ASN A 530 -29.19 -5.28 -33.49
CA ASN A 530 -29.38 -6.40 -32.56
C ASN A 530 -28.79 -7.67 -33.18
N PRO A 531 -27.72 -8.22 -32.57
CA PRO A 531 -27.03 -9.37 -33.18
C PRO A 531 -27.89 -10.63 -33.26
N ASN A 532 -28.89 -10.75 -32.40
CA ASN A 532 -29.83 -11.86 -32.50
C ASN A 532 -30.99 -11.59 -33.47
N LYS A 533 -31.06 -10.35 -33.96
CA LYS A 533 -32.03 -9.95 -34.99
C LYS A 533 -31.55 -8.68 -35.69
N PRO A 534 -30.63 -8.84 -36.66
CA PRO A 534 -29.92 -7.70 -37.28
C PRO A 534 -30.80 -6.72 -38.05
N SER A 535 -32.01 -7.13 -38.41
CA SER A 535 -32.92 -6.20 -39.04
C SER A 535 -33.40 -5.15 -38.03
N GLU A 536 -33.33 -5.48 -36.74
CA GLU A 536 -33.63 -4.51 -35.69
C GLU A 536 -32.50 -3.50 -35.45
N VAL A 537 -32.64 -2.31 -36.02
CA VAL A 537 -31.63 -1.27 -35.86
C VAL A 537 -31.91 -0.47 -34.59
N LEU A 538 -30.92 -0.36 -33.70
CA LEU A 538 -31.14 0.35 -32.44
C LEU A 538 -30.87 1.86 -32.57
N GLY A 539 -29.98 2.23 -33.47
CA GLY A 539 -29.67 3.63 -33.72
C GLY A 539 -28.56 3.84 -34.73
N GLN A 540 -28.26 5.10 -34.99
CA GLN A 540 -27.13 5.51 -35.84
C GLN A 540 -26.12 6.27 -35.00
N ILE A 541 -24.83 5.98 -35.20
CA ILE A 541 -23.77 6.64 -34.42
C ILE A 541 -22.88 7.53 -35.32
N CYS A 542 -22.73 8.79 -34.92
CA CYS A 542 -21.82 9.73 -35.58
C CYS A 542 -20.36 9.37 -35.34
N GLN A 543 -19.57 9.39 -36.41
CA GLN A 543 -18.17 9.01 -36.29
C GLN A 543 -17.31 10.26 -36.29
N ALA A 544 -16.40 10.35 -35.32
CA ALA A 544 -15.49 11.49 -35.24
C ALA A 544 -14.34 11.32 -36.24
N GLY A 545 -14.07 12.36 -37.01
CA GLY A 545 -12.84 12.42 -37.78
C GLY A 545 -11.68 12.88 -36.90
N THR A 546 -10.51 13.05 -37.49
CA THR A 546 -9.35 13.47 -36.73
C THR A 546 -9.52 14.87 -36.19
N THR A 547 -10.23 15.72 -36.94
CA THR A 547 -10.49 17.08 -36.48
C THR A 547 -11.28 17.06 -35.16
N GLU A 548 -12.32 16.23 -35.09
CA GLU A 548 -13.13 16.11 -33.89
C GLU A 548 -12.34 15.49 -32.73
N VAL A 549 -11.53 14.47 -33.02
CA VAL A 549 -10.68 13.88 -31.99
C VAL A 549 -9.73 14.97 -31.41
N GLY A 550 -9.10 15.73 -32.31
CA GLY A 550 -8.23 16.83 -31.93
C GLY A 550 -8.94 17.83 -31.02
N ASP A 551 -10.17 18.18 -31.37
CA ASP A 551 -11.01 19.04 -30.54
C ASP A 551 -11.30 18.43 -29.16
N ALA A 552 -11.63 17.15 -29.09
CA ALA A 552 -11.85 16.50 -27.80
C ALA A 552 -10.60 16.52 -26.94
N ILE A 553 -9.46 16.16 -27.54
CA ILE A 553 -8.19 16.19 -26.85
C ILE A 553 -7.87 17.61 -26.36
N ALA A 554 -8.14 18.60 -27.20
CA ALA A 554 -7.94 19.99 -26.81
C ALA A 554 -8.88 20.34 -25.65
N ALA A 555 -10.13 19.90 -25.72
CA ALA A 555 -11.08 20.14 -24.62
C ALA A 555 -10.60 19.50 -23.30
N ALA A 556 -10.15 18.25 -23.36
CA ALA A 556 -9.68 17.56 -22.17
C ALA A 556 -8.47 18.28 -21.59
N LYS A 557 -7.56 18.70 -22.46
CA LYS A 557 -6.36 19.43 -22.05
C LYS A 557 -6.71 20.74 -21.34
N ALA A 558 -7.70 21.45 -21.85
CA ALA A 558 -8.12 22.73 -21.28
C ALA A 558 -8.77 22.57 -19.91
N ALA A 559 -9.48 21.46 -19.73
CA ALA A 559 -10.17 21.18 -18.46
C ALA A 559 -9.22 20.64 -17.40
N PHE A 560 -8.12 20.03 -17.86
CA PHE A 560 -7.17 19.36 -16.99
C PHE A 560 -6.62 20.18 -15.79
N PRO A 561 -6.13 21.41 -16.01
CA PRO A 561 -5.61 22.16 -14.85
C PRO A 561 -6.59 22.33 -13.68
N ALA A 562 -7.83 22.72 -13.97
CA ALA A 562 -8.83 22.87 -12.93
C ALA A 562 -9.27 21.53 -12.34
N TRP A 563 -9.38 20.50 -13.18
CA TRP A 563 -9.75 19.18 -12.67
C TRP A 563 -8.64 18.63 -11.75
N ARG A 564 -7.40 18.79 -12.18
CA ARG A 564 -6.26 18.35 -11.38
C ARG A 564 -6.28 19.00 -9.99
N ASP A 565 -6.65 20.28 -9.95
CA ASP A 565 -6.67 21.05 -8.68
C ASP A 565 -7.92 20.83 -7.84
N THR A 566 -8.87 20.06 -8.37
CA THR A 566 -10.05 19.68 -7.60
C THR A 566 -9.67 18.63 -6.55
N ASP A 567 -10.13 18.86 -5.32
CA ASP A 567 -9.85 17.97 -4.20
C ASP A 567 -10.27 16.51 -4.47
N PRO A 568 -9.37 15.56 -4.18
CA PRO A 568 -9.62 14.13 -4.42
C PRO A 568 -10.96 13.63 -3.84
N ARG A 569 -11.31 14.09 -2.64
CA ARG A 569 -12.61 13.75 -2.04
C ARG A 569 -13.77 14.30 -2.89
N THR A 570 -13.60 15.49 -3.45
CA THR A 570 -14.62 16.07 -4.31
C THR A 570 -14.74 15.28 -5.60
N ARG A 571 -13.61 14.95 -6.21
CA ARG A 571 -13.60 14.11 -7.41
C ARG A 571 -14.34 12.79 -7.14
N ALA A 572 -14.03 12.15 -6.02
CA ALA A 572 -14.64 10.86 -5.67
C ALA A 572 -16.15 10.97 -5.58
N GLU A 573 -16.63 12.13 -5.10
CA GLU A 573 -18.05 12.39 -4.95
C GLU A 573 -18.81 12.30 -6.28
N TYR A 574 -18.21 12.79 -7.36
CA TYR A 574 -18.81 12.62 -8.68
C TYR A 574 -19.01 11.14 -9.03
N LEU A 575 -18.04 10.30 -8.68
CA LEU A 575 -18.15 8.88 -8.96
C LEU A 575 -19.30 8.26 -8.15
N LEU A 576 -19.44 8.67 -6.90
CA LEU A 576 -20.51 8.14 -6.07
C LEU A 576 -21.86 8.59 -6.61
N LYS A 577 -21.94 9.83 -7.10
CA LYS A 577 -23.17 10.32 -7.70
C LYS A 577 -23.51 9.52 -8.95
N ALA A 578 -22.49 9.31 -9.79
CA ALA A 578 -22.65 8.50 -11.00
C ALA A 578 -23.10 7.06 -10.67
N ALA A 579 -22.61 6.53 -9.54
CA ALA A 579 -23.01 5.17 -9.09
C ALA A 579 -24.49 5.13 -8.70
N GLN A 580 -24.92 6.16 -7.97
CA GLN A 580 -26.32 6.28 -7.60
C GLN A 580 -27.20 6.42 -8.85
N ALA A 581 -26.75 7.21 -9.82
CA ALA A 581 -27.50 7.33 -11.07
C ALA A 581 -27.69 5.97 -11.79
N ALA A 582 -26.64 5.17 -11.81
CA ALA A 582 -26.70 3.91 -12.52
C ALA A 582 -27.55 2.90 -11.74
N ARG A 583 -27.38 2.89 -10.42
CA ARG A 583 -28.12 2.00 -9.53
C ARG A 583 -29.62 2.18 -9.74
N LYS A 584 -30.03 3.43 -9.96
CA LYS A 584 -31.43 3.76 -10.19
C LYS A 584 -31.92 3.29 -11.56
N ARG A 585 -31.00 3.02 -12.47
CA ARG A 585 -31.38 2.64 -13.83
C ARG A 585 -30.99 1.20 -14.17
N LEU A 586 -30.78 0.39 -13.12
CA LEU A 586 -30.19 -0.95 -13.28
C LEU A 586 -30.83 -1.86 -14.34
N PHE A 587 -32.15 -2.08 -14.26
CA PHE A 587 -32.82 -2.95 -15.22
C PHE A 587 -32.89 -2.32 -16.60
N GLU A 588 -33.01 -1.00 -16.65
CA GLU A 588 -33.03 -0.30 -17.93
C GLU A 588 -31.68 -0.41 -18.66
N LEU A 589 -30.59 -0.10 -17.94
CA LEU A 589 -29.26 -0.23 -18.50
C LEU A 589 -28.97 -1.68 -18.91
N SER A 590 -29.49 -2.63 -18.16
CA SER A 590 -29.33 -4.04 -18.52
C SER A 590 -30.06 -4.38 -19.82
N ALA A 591 -31.26 -3.82 -19.99
CA ALA A 591 -32.09 -4.13 -21.16
C ALA A 591 -31.37 -3.74 -22.45
N TRP A 592 -30.72 -2.58 -22.42
CA TRP A 592 -30.01 -2.07 -23.58
C TRP A 592 -28.93 -3.05 -24.03
N GLN A 593 -28.22 -3.64 -23.06
CA GLN A 593 -27.18 -4.61 -23.39
C GLN A 593 -27.73 -5.91 -23.95
N VAL A 594 -28.89 -6.34 -23.46
CA VAL A 594 -29.54 -7.54 -23.98
C VAL A 594 -29.78 -7.39 -25.48
N LEU A 595 -30.27 -6.23 -25.89
CA LEU A 595 -30.59 -5.98 -27.29
C LEU A 595 -29.37 -5.56 -28.15
N GLU A 596 -28.48 -4.72 -27.61
CA GLU A 596 -27.38 -4.19 -28.43
C GLU A 596 -26.23 -5.16 -28.70
N ILE A 597 -25.87 -6.00 -27.72
CA ILE A 597 -24.70 -6.88 -27.89
C ILE A 597 -25.00 -8.36 -27.56
N GLY A 598 -26.27 -8.68 -27.37
CA GLY A 598 -26.67 -10.07 -27.16
C GLY A 598 -26.29 -10.67 -25.81
N LYS A 599 -26.27 -9.83 -24.77
CA LYS A 599 -26.12 -10.31 -23.40
C LYS A 599 -27.38 -11.02 -22.90
N GLN A 600 -27.19 -12.13 -22.17
CA GLN A 600 -28.30 -12.80 -21.50
C GLN A 600 -28.68 -11.93 -20.30
N TRP A 601 -29.89 -12.13 -19.75
CA TRP A 601 -30.37 -11.27 -18.66
C TRP A 601 -29.38 -11.17 -17.51
N ASP A 602 -28.98 -12.31 -16.93
CA ASP A 602 -27.98 -12.32 -15.85
C ASP A 602 -26.67 -11.63 -16.24
N GLN A 603 -26.24 -11.86 -17.47
CA GLN A 603 -24.97 -11.32 -17.97
C GLN A 603 -25.08 -9.80 -18.12
N ALA A 604 -26.25 -9.34 -18.56
CA ALA A 604 -26.45 -7.91 -18.73
C ALA A 604 -26.43 -7.21 -17.38
N TYR A 605 -27.18 -7.77 -16.44
CA TYR A 605 -27.28 -7.20 -15.09
C TYR A 605 -25.92 -7.16 -14.39
N ALA A 606 -25.16 -8.26 -14.50
CA ALA A 606 -23.81 -8.35 -13.95
C ALA A 606 -22.85 -7.31 -14.56
N ASP A 607 -23.05 -6.98 -15.82
CA ASP A 607 -22.23 -5.96 -16.46
C ASP A 607 -22.50 -4.60 -15.79
N VAL A 608 -23.76 -4.32 -15.50
CA VAL A 608 -24.14 -3.04 -14.89
C VAL A 608 -23.69 -2.94 -13.42
N THR A 609 -23.86 -4.02 -12.66
CA THR A 609 -23.43 -4.03 -11.26
C THR A 609 -21.92 -3.91 -11.13
N GLU A 610 -21.19 -4.44 -12.11
CA GLU A 610 -19.73 -4.31 -12.09
C GLU A 610 -19.30 -2.83 -12.29
N ALA A 611 -19.98 -2.12 -13.20
CA ALA A 611 -19.78 -0.68 -13.41
C ALA A 611 -19.99 0.12 -12.12
N ILE A 612 -21.04 -0.22 -11.40
CA ILE A 612 -21.36 0.39 -10.12
C ILE A 612 -20.27 0.08 -9.11
N ASP A 613 -19.80 -1.16 -9.13
CA ASP A 613 -18.72 -1.57 -8.24
C ASP A 613 -17.45 -0.75 -8.46
N PHE A 614 -17.04 -0.58 -9.72
CA PHE A 614 -15.86 0.19 -10.07
C PHE A 614 -16.00 1.63 -9.52
N LEU A 615 -17.16 2.22 -9.78
CA LEU A 615 -17.44 3.57 -9.32
C LEU A 615 -17.29 3.68 -7.80
N GLU A 616 -17.98 2.79 -7.08
CA GLU A 616 -17.91 2.76 -5.62
C GLU A 616 -16.51 2.45 -5.09
N TYR A 617 -15.81 1.56 -5.79
CA TYR A 617 -14.52 1.10 -5.32
C TYR A 617 -13.43 2.16 -5.59
N TYR A 618 -13.43 2.71 -6.80
CA TYR A 618 -12.38 3.65 -7.18
C TYR A 618 -12.54 4.99 -6.43
N ALA A 619 -13.77 5.35 -6.06
CA ALA A 619 -14.00 6.54 -5.25
C ALA A 619 -13.32 6.38 -3.89
N ARG A 620 -13.54 5.23 -3.26
CA ARG A 620 -12.97 4.94 -1.94
C ARG A 620 -11.45 4.86 -2.02
N GLU A 621 -10.94 4.29 -3.11
CA GLU A 621 -9.51 4.19 -3.34
C GLU A 621 -8.88 5.57 -3.49
N MET A 622 -9.54 6.48 -4.20
CA MET A 622 -8.95 7.81 -4.38
C MET A 622 -8.95 8.55 -3.04
N ILE A 623 -9.98 8.30 -2.25
CA ILE A 623 -10.08 8.91 -0.91
C ILE A 623 -8.95 8.38 -0.05
N ARG A 624 -8.63 7.10 -0.22
CA ARG A 624 -7.57 6.47 0.55
C ARG A 624 -6.22 7.08 0.15
N LEU A 625 -6.02 7.29 -1.14
CA LEU A 625 -4.70 7.67 -1.67
C LEU A 625 -4.53 9.19 -1.74
N GLY A 626 -5.62 9.91 -1.53
CA GLY A 626 -5.68 11.33 -1.78
C GLY A 626 -4.99 12.21 -0.76
N GLN A 627 -4.74 11.68 0.44
CA GLN A 627 -4.04 12.45 1.49
C GLN A 627 -2.52 12.26 1.40
N PRO A 628 -1.77 13.38 1.38
CA PRO A 628 -0.31 13.26 1.45
C PRO A 628 0.10 12.60 2.76
N GLN A 629 1.06 11.70 2.72
CA GLN A 629 1.53 11.00 3.92
C GLN A 629 2.94 11.43 4.28
N ARG A 630 3.18 11.68 5.55
CA ARG A 630 4.54 11.89 6.00
C ARG A 630 5.34 10.61 5.79
N VAL A 631 6.56 10.73 5.25
CA VAL A 631 7.49 9.61 5.17
C VAL A 631 8.80 9.99 5.85
N GLY A 632 9.46 9.01 6.47
CA GLY A 632 10.64 9.29 7.29
C GLY A 632 10.23 9.88 8.63
N HIS A 633 11.13 9.84 9.60
CA HIS A 633 10.78 10.23 10.96
C HIS A 633 11.82 11.14 11.59
N ALA A 634 12.68 11.73 10.76
CA ALA A 634 13.70 12.64 11.27
C ALA A 634 13.09 13.99 11.66
N PRO A 635 13.47 14.52 12.83
CA PRO A 635 12.93 15.82 13.27
C PRO A 635 13.54 16.96 12.45
N GLY A 636 12.95 18.15 12.52
CA GLY A 636 13.45 19.29 11.78
C GLY A 636 13.24 19.15 10.27
N GLU A 637 12.39 18.18 9.90
CA GLU A 637 12.17 17.82 8.51
C GLU A 637 10.78 17.19 8.34
N LEU A 638 10.08 17.60 7.28
CA LEU A 638 8.82 16.96 6.92
C LEU A 638 8.89 16.58 5.48
N ASN A 639 8.77 15.28 5.20
CA ASN A 639 8.65 14.79 3.84
C ASN A 639 7.22 14.31 3.62
N HIS A 640 6.57 14.84 2.60
CA HIS A 640 5.25 14.34 2.25
C HIS A 640 5.21 13.73 0.87
N TYR A 641 4.62 12.53 0.80
CA TYR A 641 4.58 11.74 -0.40
C TYR A 641 3.12 11.66 -0.85
N PHE A 642 2.88 11.90 -2.13
CA PHE A 642 1.52 12.02 -2.63
C PHE A 642 1.49 11.82 -4.13
N TYR A 643 0.31 11.91 -4.76
CA TYR A 643 0.19 11.62 -6.18
C TYR A 643 -0.35 12.77 -7.03
N GLU A 644 0.04 12.76 -8.29
CA GLU A 644 -0.42 13.73 -9.29
C GLU A 644 -0.92 13.00 -10.52
N PRO A 645 -2.00 13.50 -11.12
CA PRO A 645 -2.47 12.97 -12.39
C PRO A 645 -1.46 13.20 -13.53
N LYS A 646 -1.68 12.51 -14.64
CA LYS A 646 -0.75 12.60 -15.75
C LYS A 646 -1.16 13.65 -16.79
N GLY A 647 -2.46 13.76 -17.03
CA GLY A 647 -2.96 14.69 -18.03
C GLY A 647 -4.15 14.13 -18.77
N VAL A 648 -4.04 14.02 -20.09
CA VAL A 648 -5.16 13.54 -20.88
C VAL A 648 -5.02 12.06 -21.18
N ALA A 649 -6.07 11.30 -20.89
CA ALA A 649 -6.12 9.85 -21.09
C ALA A 649 -7.02 9.48 -22.26
N ALA A 650 -6.49 8.68 -23.18
CA ALA A 650 -7.32 8.03 -24.19
C ALA A 650 -7.85 6.70 -23.63
N VAL A 651 -9.16 6.50 -23.73
CA VAL A 651 -9.77 5.27 -23.24
C VAL A 651 -10.39 4.55 -24.43
N ILE A 652 -9.85 3.38 -24.74
CA ILE A 652 -10.28 2.66 -25.93
C ILE A 652 -10.93 1.36 -25.45
N ALA A 653 -12.26 1.34 -25.47
CA ALA A 653 -13.06 0.34 -24.74
C ALA A 653 -13.55 -0.80 -25.63
N PRO A 654 -13.73 -1.99 -25.03
CA PRO A 654 -14.21 -3.17 -25.78
C PRO A 654 -15.75 -3.26 -25.84
N TRP A 655 -16.27 -4.10 -26.72
CA TRP A 655 -17.72 -4.33 -26.81
C TRP A 655 -18.23 -5.43 -25.86
N ASN A 656 -17.35 -6.34 -25.44
CA ASN A 656 -17.81 -7.51 -24.66
C ASN A 656 -18.26 -7.22 -23.22
N PHE A 657 -17.62 -6.24 -22.57
CA PHE A 657 -18.12 -5.71 -21.30
C PHE A 657 -18.33 -4.22 -21.43
N PRO A 658 -19.38 -3.84 -22.18
CA PRO A 658 -19.54 -2.47 -22.72
C PRO A 658 -19.73 -1.36 -21.69
N LEU A 659 -20.33 -1.65 -20.55
CA LEU A 659 -20.48 -0.62 -19.54
C LEU A 659 -19.39 -0.76 -18.49
N ALA A 660 -19.26 -1.97 -17.93
CA ALA A 660 -18.31 -2.25 -16.86
C ALA A 660 -16.86 -1.83 -17.14
N ILE A 661 -16.27 -2.36 -18.21
CA ILE A 661 -14.86 -2.09 -18.47
C ILE A 661 -14.63 -0.66 -18.96
N SER A 662 -15.56 -0.14 -19.76
CA SER A 662 -15.57 1.26 -20.16
C SER A 662 -15.58 2.16 -18.91
N MET A 663 -16.55 1.91 -18.03
CA MET A 663 -16.70 2.69 -16.82
C MET A 663 -15.53 2.52 -15.86
N GLY A 664 -15.00 1.30 -15.77
CA GLY A 664 -13.82 1.05 -14.96
C GLY A 664 -12.61 1.88 -15.35
N MET A 665 -12.22 1.79 -16.62
CA MET A 665 -11.06 2.54 -17.12
C MET A 665 -11.28 4.06 -17.08
N ALA A 666 -12.47 4.47 -17.50
CA ALA A 666 -12.81 5.88 -17.58
C ALA A 666 -12.88 6.54 -16.19
N SER A 667 -13.61 5.91 -15.27
CA SER A 667 -13.74 6.48 -13.92
C SER A 667 -12.43 6.47 -13.16
N ALA A 668 -11.60 5.47 -13.40
CA ALA A 668 -10.27 5.40 -12.76
C ALA A 668 -9.41 6.57 -13.20
N ALA A 669 -9.45 6.88 -14.49
CA ALA A 669 -8.69 7.99 -15.05
C ALA A 669 -9.21 9.32 -14.48
N ILE A 670 -10.53 9.43 -14.39
CA ILE A 670 -11.18 10.66 -13.97
C ILE A 670 -11.01 10.92 -12.49
N VAL A 671 -11.16 9.89 -11.67
CA VAL A 671 -11.08 10.11 -10.23
C VAL A 671 -9.66 10.48 -9.77
N THR A 672 -8.66 10.04 -10.52
CA THR A 672 -7.27 10.35 -10.20
C THR A 672 -6.83 11.70 -10.77
N GLY A 673 -7.75 12.42 -11.41
CA GLY A 673 -7.48 13.80 -11.80
C GLY A 673 -7.11 13.98 -13.26
N ASN A 674 -7.23 12.92 -14.05
CA ASN A 674 -7.00 13.02 -15.48
C ASN A 674 -8.29 13.40 -16.21
N CYS A 675 -8.15 13.86 -17.44
CA CYS A 675 -9.31 14.07 -18.31
C CYS A 675 -9.30 13.04 -19.45
N VAL A 676 -10.48 12.67 -19.91
CA VAL A 676 -10.63 11.50 -20.77
C VAL A 676 -11.19 11.82 -22.17
N VAL A 677 -10.55 11.25 -23.18
CA VAL A 677 -11.14 11.14 -24.50
C VAL A 677 -11.45 9.66 -24.69
N PHE A 678 -12.73 9.36 -24.82
CA PHE A 678 -13.24 8.00 -24.77
C PHE A 678 -13.68 7.50 -26.14
N LYS A 679 -13.07 6.40 -26.62
CA LYS A 679 -13.54 5.76 -27.85
C LYS A 679 -14.20 4.42 -27.53
N PRO A 680 -15.54 4.36 -27.60
CA PRO A 680 -16.23 3.08 -27.39
C PRO A 680 -16.09 2.21 -28.64
N SER A 681 -16.21 0.90 -28.48
CA SER A 681 -16.29 0.03 -29.64
C SER A 681 -17.52 0.41 -30.48
N GLY A 682 -17.40 0.31 -31.80
CA GLY A 682 -18.49 0.68 -32.68
C GLY A 682 -19.82 -0.02 -32.40
N ILE A 683 -19.78 -1.34 -32.22
CA ILE A 683 -21.03 -2.08 -32.06
C ILE A 683 -21.70 -1.98 -30.69
N THR A 684 -21.05 -1.31 -29.74
CA THR A 684 -21.70 -1.03 -28.46
C THR A 684 -21.64 0.46 -28.15
N SER A 685 -21.78 1.28 -29.19
CA SER A 685 -21.68 2.73 -29.02
C SER A 685 -22.80 3.32 -28.16
N ILE A 686 -23.98 2.72 -28.20
CA ILE A 686 -25.07 3.21 -27.34
C ILE A 686 -24.76 2.97 -25.86
N ILE A 687 -24.15 1.83 -25.53
CA ILE A 687 -23.80 1.59 -24.14
C ILE A 687 -22.74 2.61 -23.73
N GLY A 688 -21.88 2.97 -24.68
CA GLY A 688 -20.90 4.02 -24.47
C GLY A 688 -21.54 5.36 -24.15
N TRP A 689 -22.64 5.67 -24.84
CA TRP A 689 -23.41 6.89 -24.57
C TRP A 689 -23.95 6.91 -23.13
N HIS A 690 -24.22 5.73 -22.57
CA HIS A 690 -24.65 5.65 -21.18
C HIS A 690 -23.66 6.32 -20.22
N LEU A 691 -22.37 6.27 -20.53
CA LEU A 691 -21.37 6.96 -19.72
C LEU A 691 -21.60 8.46 -19.77
N VAL A 692 -21.92 8.97 -20.97
CA VAL A 692 -22.24 10.39 -21.11
C VAL A 692 -23.40 10.74 -20.20
N GLU A 693 -24.47 9.94 -20.25
CA GLU A 693 -25.65 10.21 -19.42
C GLU A 693 -25.36 10.15 -17.92
N LEU A 694 -24.57 9.17 -17.49
CA LEU A 694 -24.31 9.01 -16.07
C LEU A 694 -23.44 10.15 -15.53
N PHE A 695 -22.43 10.54 -16.30
CA PHE A 695 -21.52 11.60 -15.86
C PHE A 695 -22.21 12.95 -15.91
N ARG A 696 -23.16 13.10 -16.84
CA ARG A 696 -23.94 14.32 -16.93
C ARG A 696 -24.88 14.41 -15.74
N GLU A 697 -25.53 13.29 -15.42
CA GLU A 697 -26.44 13.28 -14.29
C GLU A 697 -25.67 13.56 -13.00
N ALA A 698 -24.40 13.17 -12.97
CA ALA A 698 -23.56 13.44 -11.81
C ALA A 698 -23.02 14.88 -11.77
N GLY A 699 -23.11 15.58 -12.90
CA GLY A 699 -22.69 16.97 -12.93
C GLY A 699 -21.20 17.19 -13.18
N LEU A 700 -20.53 16.23 -13.79
CA LEU A 700 -19.11 16.33 -14.08
C LEU A 700 -18.76 17.58 -14.90
N PRO A 701 -17.68 18.30 -14.52
CA PRO A 701 -17.30 19.49 -15.27
C PRO A 701 -17.06 19.19 -16.76
N GLU A 702 -17.36 20.14 -17.63
CA GLU A 702 -17.23 19.97 -19.07
C GLU A 702 -15.77 19.69 -19.47
N GLY A 703 -15.60 18.81 -20.45
CA GLY A 703 -14.27 18.51 -20.95
C GLY A 703 -13.54 17.43 -20.19
N VAL A 704 -14.02 17.10 -18.99
CA VAL A 704 -13.41 16.04 -18.19
C VAL A 704 -13.65 14.66 -18.82
N PHE A 705 -14.82 14.50 -19.44
CA PHE A 705 -15.12 13.28 -20.18
C PHE A 705 -15.64 13.67 -21.57
N ASN A 706 -15.00 13.15 -22.60
CA ASN A 706 -15.41 13.43 -23.97
C ASN A 706 -15.64 12.11 -24.73
N PHE A 707 -16.68 12.07 -25.55
CA PHE A 707 -17.16 10.83 -26.17
C PHE A 707 -16.96 10.93 -27.69
N THR A 708 -16.03 10.13 -28.21
CA THR A 708 -15.64 10.23 -29.62
C THR A 708 -15.58 8.86 -30.31
N PRO A 709 -16.75 8.26 -30.57
CA PRO A 709 -16.72 7.09 -31.44
C PRO A 709 -16.17 7.51 -32.81
N GLY A 710 -15.46 6.61 -33.47
CA GLY A 710 -14.90 6.91 -34.77
C GLY A 710 -14.36 5.65 -35.40
N ARG A 711 -14.06 5.72 -36.70
CA ARG A 711 -13.43 4.60 -37.38
C ARG A 711 -11.95 4.52 -37.03
N GLY A 712 -11.52 3.36 -36.53
CA GLY A 712 -10.12 3.13 -36.19
C GLY A 712 -9.14 3.45 -37.31
N SER A 713 -9.51 3.07 -38.54
CA SER A 713 -8.65 3.30 -39.70
C SER A 713 -8.51 4.77 -40.05
N VAL A 714 -9.42 5.60 -39.55
CA VAL A 714 -9.36 7.04 -39.74
C VAL A 714 -8.68 7.77 -38.58
N MET A 715 -9.04 7.45 -37.34
CA MET A 715 -8.55 8.23 -36.19
C MET A 715 -7.85 7.42 -35.11
N GLY A 716 -7.70 6.12 -35.35
CA GLY A 716 -7.08 5.22 -34.39
C GLY A 716 -5.67 5.60 -33.99
N ASP A 717 -4.76 5.61 -34.97
CA ASP A 717 -3.37 5.97 -34.71
C ASP A 717 -3.26 7.43 -34.28
N TYR A 718 -4.14 8.28 -34.82
CA TYR A 718 -4.12 9.71 -34.50
C TYR A 718 -4.28 9.93 -33.01
N LEU A 719 -5.29 9.29 -32.43
CA LEU A 719 -5.54 9.36 -30.99
C LEU A 719 -4.35 8.87 -30.17
N VAL A 720 -3.88 7.67 -30.47
CA VAL A 720 -2.73 7.08 -29.78
C VAL A 720 -1.42 7.88 -29.91
N ASP A 721 -1.17 8.42 -31.11
CA ASP A 721 0.08 9.14 -31.40
C ASP A 721 0.13 10.57 -30.87
N HIS A 722 -1.01 11.11 -30.50
CA HIS A 722 -1.12 12.55 -30.25
C HIS A 722 -0.21 12.99 -29.11
N PRO A 723 0.54 14.08 -29.33
CA PRO A 723 1.50 14.57 -28.34
C PRO A 723 0.88 15.04 -27.01
N ASP A 724 -0.42 15.36 -27.01
CA ASP A 724 -1.07 15.79 -25.76
C ASP A 724 -1.63 14.64 -24.93
N ILE A 725 -1.51 13.41 -25.42
CA ILE A 725 -1.97 12.23 -24.68
C ILE A 725 -0.86 11.77 -23.72
N SER A 726 -1.21 11.53 -22.44
CA SER A 726 -0.20 11.08 -21.48
C SER A 726 -0.44 9.63 -21.01
N LEU A 727 -1.61 9.11 -21.32
CA LEU A 727 -1.96 7.77 -20.84
C LEU A 727 -2.95 7.14 -21.81
N ILE A 728 -2.77 5.85 -22.07
CA ILE A 728 -3.71 5.09 -22.88
C ILE A 728 -4.21 3.89 -22.07
N ALA A 729 -5.51 3.81 -21.87
CA ALA A 729 -6.11 2.64 -21.25
C ALA A 729 -6.79 1.84 -22.34
N PHE A 730 -6.30 0.62 -22.59
CA PHE A 730 -6.81 -0.19 -23.67
C PHE A 730 -7.24 -1.57 -23.18
N THR A 731 -8.34 -2.07 -23.71
CA THR A 731 -8.79 -3.43 -23.42
C THR A 731 -9.28 -3.97 -24.72
N GLY A 732 -8.64 -5.02 -25.21
CA GLY A 732 -9.01 -5.59 -26.49
C GLY A 732 -8.02 -6.65 -26.92
N SER A 733 -7.81 -6.76 -28.22
CA SER A 733 -7.03 -7.87 -28.76
C SER A 733 -5.55 -7.64 -28.57
N MET A 734 -4.80 -8.73 -28.51
CA MET A 734 -3.35 -8.66 -28.36
C MET A 734 -2.70 -7.89 -29.52
N GLU A 735 -3.15 -8.19 -30.73
CA GLU A 735 -2.62 -7.56 -31.94
C GLU A 735 -2.72 -6.02 -31.89
N THR A 736 -3.91 -5.51 -31.59
CA THR A 736 -4.12 -4.08 -31.45
C THR A 736 -3.36 -3.56 -30.25
N GLY A 737 -3.44 -4.29 -29.14
CA GLY A 737 -2.75 -3.91 -27.93
C GLY A 737 -1.25 -3.72 -28.12
N LEU A 738 -0.62 -4.65 -28.83
CA LEU A 738 0.83 -4.61 -29.04
C LEU A 738 1.21 -3.49 -30.01
N ARG A 739 0.34 -3.25 -30.99
CA ARG A 739 0.54 -2.11 -31.88
C ARG A 739 0.56 -0.80 -31.09
N ILE A 740 -0.44 -0.60 -30.23
CA ILE A 740 -0.53 0.63 -29.46
C ILE A 740 0.68 0.82 -28.57
N ILE A 741 1.20 -0.28 -28.01
CA ILE A 741 2.33 -0.19 -27.11
C ILE A 741 3.54 0.28 -27.88
N GLU A 742 3.70 -0.25 -29.10
CA GLU A 742 4.78 0.16 -29.97
C GLU A 742 4.72 1.66 -30.29
N ARG A 743 3.57 2.13 -30.75
CA ARG A 743 3.44 3.52 -31.20
C ARG A 743 3.52 4.51 -30.05
N ALA A 744 2.98 4.12 -28.90
CA ALA A 744 2.92 5.01 -27.74
C ALA A 744 4.30 5.26 -27.15
N ALA A 745 5.23 4.35 -27.44
CA ALA A 745 6.60 4.44 -26.91
C ALA A 745 7.39 5.61 -27.46
N LYS A 746 7.08 6.04 -28.69
CA LYS A 746 7.74 7.21 -29.28
C LYS A 746 7.34 8.54 -28.60
N VAL A 747 8.32 9.40 -28.31
CA VAL A 747 8.01 10.74 -27.78
C VAL A 747 8.07 11.77 -28.91
N HIS A 748 6.94 12.36 -29.24
CA HIS A 748 6.86 13.36 -30.31
C HIS A 748 7.20 14.76 -29.80
N PRO A 749 7.50 15.71 -30.72
CA PRO A 749 7.69 17.10 -30.32
C PRO A 749 6.50 17.64 -29.53
N GLY A 750 6.78 18.28 -28.39
CA GLY A 750 5.75 18.91 -27.60
C GLY A 750 5.07 17.94 -26.65
N GLN A 751 5.53 16.69 -26.65
CA GLN A 751 4.95 15.70 -25.78
C GLN A 751 5.54 15.80 -24.38
N ALA A 752 4.67 16.04 -23.41
CA ALA A 752 5.09 16.31 -22.04
C ALA A 752 5.66 15.09 -21.34
N ASN A 753 5.05 13.92 -21.56
CA ASN A 753 5.39 12.72 -20.80
C ASN A 753 5.70 11.50 -21.67
N VAL A 754 6.44 10.55 -21.10
CA VAL A 754 6.44 9.19 -21.67
C VAL A 754 5.05 8.64 -21.39
N LYS A 755 4.36 8.18 -22.43
CA LYS A 755 3.01 7.71 -22.28
C LYS A 755 2.90 6.44 -21.42
N LYS A 756 1.96 6.46 -20.48
CA LYS A 756 1.69 5.31 -19.63
C LYS A 756 0.68 4.42 -20.32
N ILE A 757 0.99 3.13 -20.39
CA ILE A 757 0.09 2.14 -20.95
C ILE A 757 -0.56 1.31 -19.88
N ILE A 758 -1.89 1.30 -19.87
CA ILE A 758 -2.64 0.38 -19.03
C ILE A 758 -3.42 -0.48 -20.01
N SER A 759 -3.14 -1.77 -20.01
CA SER A 759 -3.65 -2.63 -21.06
C SER A 759 -4.04 -4.01 -20.56
N GLU A 760 -5.25 -4.43 -20.95
CA GLU A 760 -5.73 -5.79 -20.73
C GLU A 760 -5.99 -6.40 -22.10
N MET A 761 -5.28 -7.46 -22.41
CA MET A 761 -5.47 -8.12 -23.69
C MET A 761 -6.10 -9.51 -23.46
N GLY A 762 -5.95 -10.42 -24.41
CA GLY A 762 -6.71 -11.64 -24.31
C GLY A 762 -6.12 -12.77 -23.48
N GLY A 763 -6.79 -13.92 -23.51
CA GLY A 763 -6.27 -15.13 -22.92
C GLY A 763 -6.59 -16.35 -23.74
N LYS A 764 -5.91 -17.44 -23.45
CA LYS A 764 -6.29 -18.74 -24.00
C LYS A 764 -6.38 -19.63 -22.77
N ASN A 765 -7.49 -19.50 -22.06
CA ASN A 765 -7.59 -20.04 -20.70
C ASN A 765 -8.02 -21.50 -20.58
N ALA A 766 -7.28 -22.24 -19.74
CA ALA A 766 -7.53 -23.65 -19.51
C ALA A 766 -8.13 -23.93 -18.14
N ILE A 767 -9.01 -24.93 -18.07
CA ILE A 767 -9.40 -25.51 -16.80
C ILE A 767 -8.87 -26.95 -16.78
N ILE A 768 -8.27 -27.34 -15.66
CA ILE A 768 -7.70 -28.69 -15.53
C ILE A 768 -8.66 -29.55 -14.72
N ILE A 769 -9.07 -30.67 -15.28
CA ILE A 769 -9.91 -31.62 -14.58
C ILE A 769 -9.04 -32.78 -14.09
N ASP A 770 -8.75 -32.80 -12.80
CA ASP A 770 -7.88 -33.80 -12.17
C ASP A 770 -8.65 -35.12 -11.99
N ASP A 771 -7.91 -36.23 -11.86
CA ASP A 771 -8.52 -37.55 -11.61
C ASP A 771 -9.63 -37.57 -10.55
N ASP A 772 -9.42 -36.82 -9.47
CA ASP A 772 -10.33 -36.84 -8.33
C ASP A 772 -11.36 -35.69 -8.34
N ALA A 773 -11.48 -35.03 -9.49
CA ALA A 773 -12.44 -33.93 -9.59
C ALA A 773 -13.85 -34.38 -9.29
N ASP A 774 -14.62 -33.51 -8.64
CA ASP A 774 -16.06 -33.73 -8.48
C ASP A 774 -16.71 -33.40 -9.81
N LEU A 775 -17.14 -34.41 -10.56
CA LEU A 775 -17.64 -34.17 -11.90
C LEU A 775 -18.99 -33.44 -11.91
N ASP A 776 -19.74 -33.54 -10.82
CA ASP A 776 -21.03 -32.88 -10.74
C ASP A 776 -20.89 -31.36 -10.54
N GLU A 777 -19.74 -30.95 -10.03
CA GLU A 777 -19.40 -29.54 -9.95
C GLU A 777 -18.75 -29.12 -11.26
N ALA A 778 -17.77 -29.89 -11.68
CA ALA A 778 -16.92 -29.51 -12.79
C ALA A 778 -17.67 -29.32 -14.11
N VAL A 779 -18.63 -30.19 -14.40
CA VAL A 779 -19.29 -30.16 -15.70
C VAL A 779 -20.07 -28.85 -15.93
N PRO A 780 -20.99 -28.49 -15.01
CA PRO A 780 -21.67 -27.23 -15.30
C PRO A 780 -20.78 -25.98 -15.18
N HIS A 781 -19.77 -26.01 -14.35
CA HIS A 781 -18.83 -24.94 -14.24
C HIS A 781 -18.02 -24.74 -15.51
N VAL A 782 -17.57 -25.82 -16.11
CA VAL A 782 -16.82 -25.78 -17.36
C VAL A 782 -17.70 -25.26 -18.49
N LEU A 783 -18.95 -25.73 -18.51
CA LEU A 783 -19.90 -25.35 -19.55
C LEU A 783 -20.20 -23.84 -19.52
N TYR A 784 -20.47 -23.32 -18.32
CA TYR A 784 -20.64 -21.88 -18.15
C TYR A 784 -19.38 -21.10 -18.55
N SER A 785 -18.23 -21.55 -18.08
CA SER A 785 -16.96 -20.88 -18.36
C SER A 785 -16.71 -20.76 -19.85
N ALA A 786 -17.06 -21.82 -20.59
CA ALA A 786 -16.75 -21.87 -22.02
C ALA A 786 -17.81 -21.18 -22.89
N PHE A 787 -19.07 -21.27 -22.48
CA PHE A 787 -20.19 -20.84 -23.33
C PHE A 787 -21.01 -19.68 -22.76
N GLY A 788 -20.65 -19.23 -21.57
CA GLY A 788 -21.26 -18.05 -20.99
C GLY A 788 -21.03 -16.87 -21.92
N PHE A 789 -22.10 -16.17 -22.26
CA PHE A 789 -22.05 -15.07 -23.21
C PHE A 789 -21.34 -15.49 -24.51
N GLN A 790 -21.67 -16.69 -24.99
CA GLN A 790 -21.13 -17.20 -26.25
C GLN A 790 -19.62 -17.34 -26.20
N GLY A 791 -19.03 -17.46 -25.02
CA GLY A 791 -17.58 -17.52 -24.92
C GLY A 791 -16.86 -16.20 -25.25
N GLN A 792 -17.58 -15.09 -25.22
CA GLN A 792 -17.02 -13.79 -25.58
C GLN A 792 -16.45 -13.03 -24.38
N LYS A 793 -15.58 -13.71 -23.64
CA LYS A 793 -14.93 -13.10 -22.49
C LYS A 793 -13.44 -13.40 -22.56
N CYS A 794 -12.62 -12.45 -22.16
CA CYS A 794 -11.17 -12.64 -22.13
C CYS A 794 -10.85 -13.73 -21.11
N SER A 795 -11.74 -13.89 -20.13
CA SER A 795 -11.57 -14.92 -19.09
C SER A 795 -12.12 -16.32 -19.45
N ALA A 796 -12.79 -16.44 -20.59
CA ALA A 796 -13.50 -17.67 -20.97
C ALA A 796 -12.58 -18.89 -21.06
N CYS A 797 -13.11 -20.04 -20.66
CA CYS A 797 -12.38 -21.30 -20.83
C CYS A 797 -12.47 -21.78 -22.27
N SER A 798 -11.34 -21.84 -22.97
CA SER A 798 -11.35 -22.30 -24.35
C SER A 798 -10.56 -23.61 -24.49
N ARG A 799 -9.89 -24.00 -23.41
CA ARG A 799 -9.20 -25.29 -23.35
C ARG A 799 -9.58 -26.00 -22.06
N VAL A 800 -10.01 -27.27 -22.18
CA VAL A 800 -10.18 -28.04 -20.96
C VAL A 800 -9.24 -29.23 -20.98
N ILE A 801 -8.38 -29.29 -19.97
CA ILE A 801 -7.32 -30.28 -19.92
C ILE A 801 -7.71 -31.36 -18.92
N VAL A 802 -8.04 -32.54 -19.44
CA VAL A 802 -8.59 -33.60 -18.63
C VAL A 802 -7.57 -34.74 -18.47
N LEU A 803 -7.37 -35.17 -17.23
CA LEU A 803 -6.48 -36.28 -16.93
C LEU A 803 -7.01 -37.57 -17.54
N ASP A 804 -6.05 -38.38 -18.01
CA ASP A 804 -6.27 -39.61 -18.76
C ASP A 804 -7.41 -40.50 -18.22
N ALA A 805 -7.31 -40.90 -16.96
CA ALA A 805 -8.20 -41.90 -16.40
C ALA A 805 -9.63 -41.40 -16.21
N VAL A 806 -9.84 -40.09 -16.30
CA VAL A 806 -11.17 -39.56 -16.09
C VAL A 806 -11.74 -38.94 -17.37
N TYR A 807 -10.95 -38.99 -18.45
CA TYR A 807 -11.30 -38.34 -19.71
C TYR A 807 -12.64 -38.74 -20.34
N ASP A 808 -12.86 -40.04 -20.54
CA ASP A 808 -14.04 -40.50 -21.26
C ASP A 808 -15.31 -40.22 -20.47
N LYS A 809 -15.23 -40.38 -19.15
CA LYS A 809 -16.34 -40.09 -18.26
C LYS A 809 -16.68 -38.58 -18.23
N PHE A 810 -15.67 -37.73 -18.11
CA PHE A 810 -15.90 -36.28 -18.14
C PHE A 810 -16.56 -35.84 -19.44
N ILE A 811 -16.05 -36.30 -20.59
CA ILE A 811 -16.60 -35.81 -21.85
C ILE A 811 -18.01 -36.30 -22.13
N GLU A 812 -18.32 -37.52 -21.69
CA GLU A 812 -19.67 -38.03 -21.84
C GLU A 812 -20.65 -37.14 -21.05
N ARG A 813 -20.30 -36.83 -19.81
CA ARG A 813 -21.14 -35.96 -19.02
C ARG A 813 -21.16 -34.51 -19.56
N LEU A 814 -20.02 -34.00 -20.00
CA LEU A 814 -19.97 -32.62 -20.50
C LEU A 814 -20.88 -32.44 -21.72
N VAL A 815 -20.73 -33.36 -22.68
CA VAL A 815 -21.53 -33.35 -23.89
C VAL A 815 -23.02 -33.61 -23.62
N SER A 816 -23.32 -34.51 -22.68
CA SER A 816 -24.73 -34.79 -22.39
C SER A 816 -25.45 -33.58 -21.78
N MET A 817 -24.73 -32.78 -21.01
CA MET A 817 -25.33 -31.58 -20.46
C MET A 817 -25.47 -30.49 -21.53
N ALA A 818 -24.45 -30.32 -22.35
CA ALA A 818 -24.46 -29.38 -23.46
C ALA A 818 -25.66 -29.61 -24.39
N LYS A 819 -25.96 -30.87 -24.68
CA LYS A 819 -27.03 -31.22 -25.61
C LYS A 819 -28.42 -30.80 -25.07
N ALA A 820 -28.51 -30.63 -23.76
CA ALA A 820 -29.71 -30.14 -23.12
C ALA A 820 -29.92 -28.63 -23.34
N THR A 821 -28.84 -27.87 -23.55
CA THR A 821 -28.96 -26.41 -23.68
C THR A 821 -29.46 -25.97 -25.05
N LYS A 822 -30.05 -24.78 -25.11
CA LYS A 822 -30.56 -24.21 -26.35
C LYS A 822 -29.82 -22.94 -26.74
N VAL A 823 -29.59 -22.78 -28.04
CA VAL A 823 -29.01 -21.57 -28.59
C VAL A 823 -30.10 -20.71 -29.23
N GLY A 824 -30.14 -19.42 -28.86
CA GLY A 824 -31.12 -18.52 -29.43
C GLY A 824 -31.09 -17.14 -28.79
N PRO A 825 -31.96 -16.21 -29.26
CA PRO A 825 -32.01 -14.81 -28.79
C PRO A 825 -31.87 -14.68 -27.28
N SER A 826 -30.95 -13.82 -26.87
CA SER A 826 -30.69 -13.59 -25.45
C SER A 826 -31.88 -12.97 -24.73
N GLU A 827 -32.83 -12.39 -25.47
CA GLU A 827 -33.99 -11.80 -24.80
C GLU A 827 -34.93 -12.88 -24.26
N ASP A 828 -34.82 -14.09 -24.82
CA ASP A 828 -35.56 -15.26 -24.35
C ASP A 828 -34.68 -15.98 -23.35
N PRO A 829 -35.06 -15.95 -22.08
CA PRO A 829 -34.24 -16.51 -21.00
C PRO A 829 -34.15 -18.03 -21.02
N ALA A 830 -34.88 -18.70 -21.93
CA ALA A 830 -34.82 -20.15 -22.01
C ALA A 830 -33.50 -20.55 -22.69
N ASN A 831 -32.97 -19.64 -23.48
CA ASN A 831 -31.74 -19.91 -24.20
C ASN A 831 -30.51 -19.78 -23.32
N TYR A 832 -29.56 -20.70 -23.49
CA TYR A 832 -28.31 -20.69 -22.72
C TYR A 832 -27.34 -19.63 -23.24
N MET A 833 -27.15 -19.62 -24.55
CA MET A 833 -26.32 -18.62 -25.23
C MET A 833 -26.99 -18.28 -26.56
N GLY A 834 -26.53 -17.20 -27.19
CA GLY A 834 -27.17 -16.66 -28.39
C GLY A 834 -26.17 -16.27 -29.46
N ALA A 835 -26.56 -15.38 -30.36
CA ALA A 835 -25.71 -14.91 -31.44
C ALA A 835 -24.44 -14.24 -30.92
N VAL A 836 -23.35 -14.31 -31.70
CA VAL A 836 -22.10 -13.60 -31.36
C VAL A 836 -22.23 -12.12 -31.75
N ALA A 837 -21.17 -11.35 -31.53
CA ALA A 837 -21.27 -9.88 -31.53
C ALA A 837 -21.74 -9.26 -32.84
N ASP A 838 -21.11 -9.66 -33.94
CA ASP A 838 -21.48 -9.15 -35.27
C ASP A 838 -21.05 -10.11 -36.38
N ASP A 839 -21.32 -9.70 -37.62
CA ASP A 839 -21.01 -10.53 -38.77
C ASP A 839 -19.54 -10.93 -38.86
N LYS A 840 -18.64 -9.97 -38.63
CA LYS A 840 -17.21 -10.22 -38.69
C LYS A 840 -16.80 -11.30 -37.69
N ALA A 841 -17.34 -11.20 -36.48
CA ALA A 841 -17.05 -12.15 -35.41
C ALA A 841 -17.53 -13.53 -35.85
N MET A 842 -18.73 -13.58 -36.38
CA MET A 842 -19.33 -14.83 -36.82
C MET A 842 -18.47 -15.53 -37.85
N LYS A 843 -18.09 -14.79 -38.89
CA LYS A 843 -17.22 -15.32 -39.95
C LYS A 843 -15.91 -15.84 -39.40
N SER A 844 -15.30 -15.07 -38.49
CA SER A 844 -13.96 -15.43 -38.02
C SER A 844 -13.99 -16.64 -37.06
N ILE A 845 -15.00 -16.71 -36.20
CA ILE A 845 -15.21 -17.85 -35.33
C ILE A 845 -15.50 -19.13 -36.13
N LYS A 846 -16.25 -18.98 -37.23
CA LYS A 846 -16.59 -20.14 -38.03
C LYS A 846 -15.37 -20.70 -38.75
N GLU A 847 -14.48 -19.81 -39.18
CA GLU A 847 -13.24 -20.27 -39.79
C GLU A 847 -12.43 -21.07 -38.80
N TYR A 848 -12.33 -20.56 -37.57
CA TYR A 848 -11.65 -21.25 -36.49
C TYR A 848 -12.28 -22.60 -36.14
N ALA A 849 -13.61 -22.66 -36.14
CA ALA A 849 -14.29 -23.93 -35.90
C ALA A 849 -13.92 -24.97 -36.97
N GLU A 850 -13.83 -24.56 -38.23
CA GLU A 850 -13.40 -25.47 -39.31
C GLU A 850 -11.95 -25.92 -39.15
N ILE A 851 -11.08 -25.01 -38.75
CA ILE A 851 -9.70 -25.35 -38.50
C ILE A 851 -9.65 -26.37 -37.38
N GLY A 852 -10.39 -26.08 -36.32
CA GLY A 852 -10.50 -26.96 -35.18
C GLY A 852 -11.00 -28.35 -35.54
N LYS A 853 -12.04 -28.42 -36.36
CA LYS A 853 -12.57 -29.71 -36.84
C LYS A 853 -11.56 -30.55 -37.61
N ARG A 854 -10.65 -29.89 -38.31
CA ARG A 854 -9.60 -30.61 -39.03
C ARG A 854 -8.51 -31.10 -38.08
N GLU A 855 -8.20 -30.31 -37.04
CA GLU A 855 -7.15 -30.63 -36.07
C GLU A 855 -7.55 -31.74 -35.08
N GLY A 856 -8.76 -31.67 -34.54
CA GLY A 856 -9.26 -32.64 -33.59
C GLY A 856 -10.50 -33.36 -34.11
N HIS A 857 -11.40 -33.74 -33.21
CA HIS A 857 -12.61 -34.43 -33.62
C HIS A 857 -13.79 -33.81 -32.91
N VAL A 858 -14.82 -33.44 -33.67
CA VAL A 858 -15.97 -32.79 -33.08
C VAL A 858 -16.73 -33.74 -32.13
N LEU A 859 -17.03 -33.25 -30.95
CA LEU A 859 -17.74 -34.04 -29.95
C LEU A 859 -19.18 -33.57 -29.86
N TYR A 860 -19.40 -32.28 -30.09
CA TYR A 860 -20.75 -31.72 -30.06
C TYR A 860 -20.80 -30.45 -30.90
N GLU A 861 -21.86 -30.33 -31.69
CA GLU A 861 -22.12 -29.11 -32.46
C GLU A 861 -23.62 -28.87 -32.42
N SER A 862 -24.03 -27.81 -31.72
CA SER A 862 -25.45 -27.59 -31.44
C SER A 862 -26.19 -27.16 -32.69
N PRO A 863 -27.52 -27.37 -32.71
CA PRO A 863 -28.33 -26.70 -33.72
C PRO A 863 -28.28 -25.18 -33.49
N VAL A 864 -28.67 -24.38 -34.48
CA VAL A 864 -28.93 -22.95 -34.27
C VAL A 864 -30.28 -22.57 -34.91
N PRO A 865 -30.87 -21.43 -34.48
CA PRO A 865 -32.14 -21.05 -35.11
C PRO A 865 -31.96 -20.79 -36.60
N ALA A 866 -32.95 -21.16 -37.41
CA ALA A 866 -32.93 -20.79 -38.82
C ALA A 866 -33.33 -19.33 -38.90
N GLY A 867 -32.93 -18.65 -39.97
CA GLY A 867 -33.26 -17.25 -40.13
C GLY A 867 -32.13 -16.33 -39.72
N GLU A 868 -32.46 -15.07 -39.49
CA GLU A 868 -31.43 -14.05 -39.26
C GLU A 868 -30.82 -14.14 -37.86
N GLY A 869 -29.62 -13.60 -37.73
CA GLY A 869 -28.91 -13.62 -36.46
C GLY A 869 -27.53 -14.15 -36.67
N TYR A 870 -26.57 -13.65 -35.90
CA TYR A 870 -25.19 -14.08 -36.03
C TYR A 870 -24.91 -15.33 -35.19
N PHE A 871 -25.56 -16.43 -35.56
CA PHE A 871 -25.48 -17.65 -34.76
C PHE A 871 -24.28 -18.53 -35.10
N VAL A 872 -23.54 -18.90 -34.06
CA VAL A 872 -22.50 -19.91 -34.16
C VAL A 872 -22.88 -21.03 -33.20
N PRO A 873 -22.82 -22.30 -33.66
CA PRO A 873 -23.17 -23.44 -32.78
C PRO A 873 -22.28 -23.50 -31.54
N MET A 874 -22.86 -23.93 -30.43
CA MET A 874 -22.07 -24.36 -29.29
C MET A 874 -21.27 -25.60 -29.77
N THR A 875 -19.94 -25.49 -29.71
CA THR A 875 -19.06 -26.43 -30.40
C THR A 875 -18.01 -26.94 -29.40
N ILE A 876 -17.89 -28.26 -29.30
CA ILE A 876 -16.88 -28.90 -28.46
C ILE A 876 -16.06 -29.86 -29.31
N ILE A 877 -14.73 -29.76 -29.24
CA ILE A 877 -13.84 -30.53 -30.09
C ILE A 877 -12.76 -31.28 -29.30
N GLY A 878 -12.60 -32.57 -29.56
CA GLY A 878 -11.68 -33.40 -28.81
C GLY A 878 -10.41 -33.74 -29.56
N GLY A 879 -9.47 -34.39 -28.87
CA GLY A 879 -8.21 -34.74 -29.49
C GLY A 879 -7.29 -33.54 -29.72
N ILE A 880 -7.50 -32.47 -28.97
CA ILE A 880 -6.65 -31.30 -29.17
C ILE A 880 -5.30 -31.38 -28.41
N LYS A 881 -4.22 -30.92 -29.04
CA LYS A 881 -2.90 -30.95 -28.43
C LYS A 881 -2.26 -29.54 -28.50
N PRO A 882 -1.23 -29.28 -27.69
CA PRO A 882 -0.69 -27.90 -27.65
C PRO A 882 -0.16 -27.36 -28.99
N GLU A 883 0.23 -28.23 -29.92
CA GLU A 883 0.71 -27.78 -31.22
C GLU A 883 -0.41 -27.27 -32.13
N HIS A 884 -1.66 -27.50 -31.74
CA HIS A 884 -2.78 -27.15 -32.62
C HIS A 884 -3.09 -25.65 -32.56
N ARG A 885 -3.59 -25.10 -33.67
CA ARG A 885 -3.98 -23.70 -33.71
C ARG A 885 -5.06 -23.36 -32.69
N ILE A 886 -6.09 -24.19 -32.58
CA ILE A 886 -7.15 -23.86 -31.62
C ILE A 886 -6.75 -24.15 -30.17
N ALA A 887 -5.53 -24.61 -29.96
CA ALA A 887 -4.97 -24.73 -28.62
C ALA A 887 -4.10 -23.51 -28.28
N GLN A 888 -3.90 -22.63 -29.26
CA GLN A 888 -2.98 -21.50 -29.08
C GLN A 888 -3.63 -20.13 -29.30
N GLU A 889 -4.49 -20.03 -30.30
CA GLU A 889 -5.04 -18.76 -30.74
C GLU A 889 -6.41 -18.46 -30.11
N GLU A 890 -6.57 -17.26 -29.59
CA GLU A 890 -7.83 -16.86 -28.97
C GLU A 890 -8.93 -16.76 -30.02
N ILE A 891 -9.98 -17.55 -29.86
CA ILE A 891 -11.08 -17.57 -30.82
C ILE A 891 -12.17 -16.56 -30.43
N PHE A 892 -12.39 -16.39 -29.13
CA PHE A 892 -13.38 -15.44 -28.62
C PHE A 892 -14.78 -15.79 -29.11
N GLY A 893 -15.09 -17.08 -29.07
CA GLY A 893 -16.38 -17.58 -29.50
C GLY A 893 -16.66 -18.92 -28.83
N PRO A 894 -17.83 -19.50 -29.11
CA PRO A 894 -18.31 -20.71 -28.44
C PRO A 894 -17.67 -22.00 -28.98
N VAL A 895 -16.34 -22.06 -28.91
CA VAL A 895 -15.57 -23.21 -29.40
C VAL A 895 -14.61 -23.70 -28.31
N LEU A 896 -14.89 -24.87 -27.75
CA LEU A 896 -14.13 -25.42 -26.65
C LEU A 896 -13.24 -26.59 -27.10
N ALA A 897 -11.93 -26.47 -26.86
CA ALA A 897 -11.00 -27.57 -27.09
C ALA A 897 -10.83 -28.44 -25.85
N VAL A 898 -11.01 -29.74 -26.02
CA VAL A 898 -10.78 -30.71 -24.95
C VAL A 898 -9.45 -31.42 -25.22
N MET A 899 -8.56 -31.44 -24.23
CA MET A 899 -7.22 -32.00 -24.38
C MET A 899 -7.00 -33.09 -23.34
N ARG A 900 -6.35 -34.18 -23.73
CA ARG A 900 -6.15 -35.33 -22.82
C ARG A 900 -4.71 -35.41 -22.28
N ALA A 901 -4.54 -35.09 -21.00
CA ALA A 901 -3.21 -35.15 -20.36
C ALA A 901 -2.91 -36.51 -19.72
N LYS A 902 -1.68 -36.98 -19.88
CA LYS A 902 -1.31 -38.32 -19.42
C LYS A 902 -1.12 -38.44 -17.90
N ASP A 903 -0.79 -37.33 -17.25
CA ASP A 903 -0.60 -37.29 -15.81
C ASP A 903 -0.67 -35.83 -15.35
N PHE A 904 -0.64 -35.58 -14.04
CA PHE A 904 -0.76 -34.20 -13.58
C PHE A 904 0.34 -33.25 -14.07
N ASP A 905 1.58 -33.75 -14.14
CA ASP A 905 2.67 -32.91 -14.63
C ASP A 905 2.50 -32.45 -16.08
N GLN A 906 2.02 -33.33 -16.96
CA GLN A 906 1.76 -32.90 -18.33
C GLN A 906 0.59 -31.92 -18.38
N ALA A 907 -0.40 -32.11 -17.52
CA ALA A 907 -1.53 -31.17 -17.45
C ALA A 907 -1.06 -29.74 -17.17
N ILE A 908 -0.18 -29.58 -16.18
CA ILE A 908 0.32 -28.26 -15.81
C ILE A 908 1.14 -27.70 -16.98
N GLU A 909 2.03 -28.52 -17.50
CA GLU A 909 2.83 -28.17 -18.67
C GLU A 909 1.99 -27.66 -19.84
N TRP A 910 0.89 -28.37 -20.13
CA TRP A 910 0.02 -28.00 -21.25
C TRP A 910 -0.75 -26.71 -20.95
N ALA A 911 -1.23 -26.57 -19.71
CA ALA A 911 -1.89 -25.34 -19.28
C ALA A 911 -1.02 -24.13 -19.52
N ASN A 912 0.28 -24.32 -19.29
CA ASN A 912 1.28 -23.26 -19.45
C ASN A 912 1.88 -23.18 -20.86
N SER A 913 1.27 -23.85 -21.83
CA SER A 913 1.89 -23.96 -23.15
C SER A 913 1.53 -22.88 -24.17
N THR A 914 0.74 -21.88 -23.75
CA THR A 914 0.35 -20.80 -24.69
C THR A 914 1.14 -19.52 -24.41
N GLN A 915 0.90 -18.46 -25.17
CA GLN A 915 1.60 -17.22 -24.88
C GLN A 915 0.83 -16.30 -23.93
N PHE A 916 -0.35 -16.76 -23.51
CA PHE A 916 -1.19 -16.00 -22.61
C PHE A 916 -1.11 -16.48 -21.16
N ALA A 917 -1.62 -15.66 -20.24
CA ALA A 917 -1.66 -16.01 -18.81
C ALA A 917 -2.73 -15.22 -18.06
N LEU A 918 -3.94 -15.22 -18.60
CA LEU A 918 -5.00 -14.40 -18.02
C LEU A 918 -5.73 -15.11 -16.86
N THR A 919 -6.53 -16.12 -17.18
CA THR A 919 -7.19 -16.91 -16.14
C THR A 919 -6.95 -18.41 -16.31
N GLY A 920 -7.26 -19.14 -15.26
CA GLY A 920 -7.14 -20.59 -15.30
C GLY A 920 -8.01 -21.17 -14.21
N GLY A 921 -8.34 -22.44 -14.37
CA GLY A 921 -9.11 -23.14 -13.37
C GLY A 921 -8.54 -24.53 -13.12
N ILE A 922 -8.87 -25.08 -11.96
CA ILE A 922 -8.56 -26.46 -11.66
C ILE A 922 -9.61 -27.09 -10.76
N PHE A 923 -10.17 -28.19 -11.21
CA PHE A 923 -11.01 -29.02 -10.37
C PHE A 923 -10.20 -30.20 -9.84
N SER A 924 -9.88 -30.13 -8.55
CA SER A 924 -9.12 -31.19 -7.86
C SER A 924 -9.41 -31.17 -6.37
N ARG A 925 -9.32 -32.35 -5.75
CA ARG A 925 -9.47 -32.46 -4.31
C ARG A 925 -8.22 -33.07 -3.68
N SER A 926 -7.08 -32.80 -4.32
CA SER A 926 -5.79 -33.27 -3.84
C SER A 926 -4.99 -32.08 -3.35
N PRO A 927 -4.67 -32.03 -2.05
CA PRO A 927 -3.86 -30.93 -1.51
C PRO A 927 -2.52 -30.73 -2.23
N GLU A 928 -1.82 -31.82 -2.54
CA GLU A 928 -0.56 -31.74 -3.27
C GLU A 928 -0.75 -31.12 -4.67
N HIS A 929 -1.75 -31.60 -5.42
CA HIS A 929 -1.98 -31.09 -6.76
C HIS A 929 -2.45 -29.64 -6.76
N LEU A 930 -3.30 -29.30 -5.81
CA LEU A 930 -3.73 -27.91 -5.67
C LEU A 930 -2.54 -27.02 -5.31
N ALA A 931 -1.68 -27.52 -4.42
CA ALA A 931 -0.47 -26.79 -4.06
C ALA A 931 0.41 -26.56 -5.28
N LYS A 932 0.62 -27.60 -6.08
CA LYS A 932 1.40 -27.46 -7.31
C LYS A 932 0.79 -26.42 -8.26
N ALA A 933 -0.53 -26.41 -8.36
CA ALA A 933 -1.22 -25.48 -9.27
C ALA A 933 -1.09 -24.04 -8.79
N ARG A 934 -1.24 -23.83 -7.49
CA ARG A 934 -1.09 -22.50 -6.91
C ARG A 934 0.30 -21.98 -7.25
N ARG A 935 1.32 -22.83 -7.11
CA ARG A 935 2.67 -22.42 -7.40
C ARG A 935 2.96 -22.24 -8.89
N GLU A 936 2.54 -23.19 -9.71
CA GLU A 936 3.06 -23.33 -11.08
C GLU A 936 2.15 -22.91 -12.22
N PHE A 937 0.85 -22.86 -11.96
CA PHE A 937 -0.14 -22.54 -12.98
C PHE A 937 -0.28 -21.03 -12.88
N ARG A 938 0.69 -20.31 -13.46
CA ARG A 938 0.88 -18.90 -13.14
C ARG A 938 0.06 -17.93 -14.01
N VAL A 939 -1.27 -18.02 -13.92
CA VAL A 939 -2.14 -17.06 -14.58
C VAL A 939 -2.45 -15.91 -13.62
N GLY A 940 -2.91 -14.78 -14.15
CA GLY A 940 -3.28 -13.65 -13.29
C GLY A 940 -4.39 -14.00 -12.32
N ASN A 941 -5.38 -14.75 -12.79
CA ASN A 941 -6.41 -15.22 -11.89
C ASN A 941 -6.62 -16.72 -12.01
N LEU A 942 -6.22 -17.46 -10.98
CA LEU A 942 -6.39 -18.90 -10.90
C LEU A 942 -7.60 -19.23 -10.02
N TYR A 943 -8.53 -20.02 -10.54
CA TYR A 943 -9.69 -20.44 -9.76
C TYR A 943 -9.66 -21.93 -9.38
N ILE A 944 -9.96 -22.23 -8.12
CA ILE A 944 -9.95 -23.61 -7.63
C ILE A 944 -11.35 -24.08 -7.33
N ASN A 945 -11.78 -25.13 -8.03
CA ASN A 945 -13.10 -25.75 -7.85
C ASN A 945 -14.32 -24.87 -8.15
N ARG A 946 -14.21 -24.05 -9.19
CA ARG A 946 -15.32 -23.24 -9.66
C ARG A 946 -14.95 -22.71 -11.04
N ASN A 947 -15.89 -22.05 -11.68
CA ASN A 947 -15.67 -21.48 -13.01
C ASN A 947 -14.55 -20.43 -12.97
N ASN A 948 -13.92 -20.18 -14.10
CA ASN A 948 -12.79 -19.27 -14.14
C ASN A 948 -13.18 -17.91 -14.70
N THR A 949 -14.48 -17.62 -14.70
CA THR A 949 -14.99 -16.32 -15.16
C THR A 949 -15.73 -15.62 -14.01
N GLY A 950 -16.21 -14.41 -14.25
CA GLY A 950 -16.96 -13.70 -13.23
C GLY A 950 -16.11 -13.20 -12.06
N ALA A 951 -15.06 -12.45 -12.39
CA ALA A 951 -14.26 -11.79 -11.38
C ALA A 951 -15.02 -10.59 -10.82
N LEU A 952 -15.05 -10.46 -9.50
CA LEU A 952 -15.75 -9.35 -8.85
C LEU A 952 -14.76 -8.32 -8.36
N VAL A 953 -15.17 -7.05 -8.34
CA VAL A 953 -14.34 -5.96 -7.81
C VAL A 953 -13.96 -6.24 -6.34
N GLU A 954 -12.70 -5.95 -6.02
CA GLU A 954 -12.06 -6.23 -4.73
C GLU A 954 -11.78 -7.72 -4.43
N ARG A 955 -12.78 -8.57 -4.61
CA ARG A 955 -12.61 -10.01 -4.41
C ARG A 955 -11.63 -10.64 -5.41
N GLN A 956 -11.83 -10.38 -6.71
CA GLN A 956 -10.92 -10.93 -7.71
C GLN A 956 -10.39 -9.84 -8.65
N PRO A 957 -9.49 -8.96 -8.15
CA PRO A 957 -8.84 -8.01 -9.05
C PRO A 957 -8.23 -8.74 -10.27
N PHE A 958 -8.51 -8.21 -11.46
CA PHE A 958 -8.41 -8.97 -12.69
C PHE A 958 -7.34 -8.43 -13.64
N GLY A 959 -6.49 -9.33 -14.15
CA GLY A 959 -5.48 -8.98 -15.14
C GLY A 959 -4.26 -9.87 -14.99
N GLY A 960 -3.46 -9.93 -16.05
CA GLY A 960 -2.27 -10.78 -16.05
C GLY A 960 -1.13 -10.18 -16.84
N ALA A 961 -0.06 -10.97 -17.02
CA ALA A 961 1.07 -10.54 -17.83
C ALA A 961 1.21 -11.45 -19.05
N ARG A 962 2.45 -11.84 -19.34
CA ARG A 962 2.76 -12.49 -20.62
C ARG A 962 2.16 -11.66 -21.76
N MET A 963 1.44 -12.31 -22.66
CA MET A 963 0.78 -11.57 -23.75
C MET A 963 -0.66 -11.19 -23.38
N SER A 964 -1.03 -11.46 -22.13
CA SER A 964 -2.37 -11.12 -21.67
C SER A 964 -2.50 -9.70 -21.11
N GLY A 965 -1.37 -9.08 -20.78
CA GLY A 965 -1.42 -7.73 -20.26
C GLY A 965 -0.08 -7.20 -19.79
N VAL A 966 -0.12 -6.08 -19.05
CA VAL A 966 1.10 -5.47 -18.56
C VAL A 966 1.20 -5.50 -17.04
N GLY A 967 0.40 -6.36 -16.42
CA GLY A 967 0.43 -6.51 -14.97
C GLY A 967 -0.43 -5.53 -14.21
N THR A 968 -1.41 -4.93 -14.88
CA THR A 968 -2.34 -4.04 -14.17
C THR A 968 -3.58 -4.84 -13.82
N LYS A 969 -4.06 -4.69 -12.60
CA LYS A 969 -5.27 -5.39 -12.17
C LYS A 969 -6.40 -4.43 -11.83
N ALA A 970 -7.32 -4.24 -12.78
CA ALA A 970 -8.56 -3.51 -12.52
C ALA A 970 -9.29 -4.10 -11.32
N GLY A 971 -9.86 -3.23 -10.49
CA GLY A 971 -10.63 -3.69 -9.36
C GLY A 971 -9.82 -4.10 -8.15
N GLY A 972 -8.55 -3.73 -8.12
CA GLY A 972 -7.69 -4.02 -6.98
C GLY A 972 -7.05 -2.76 -6.40
N PRO A 973 -6.31 -2.93 -5.30
CA PRO A 973 -5.71 -1.82 -4.54
C PRO A 973 -4.42 -1.25 -5.14
N ASP A 974 -3.96 -1.77 -6.27
CA ASP A 974 -2.78 -1.24 -6.95
C ASP A 974 -3.15 -0.44 -8.21
N TYR A 975 -4.37 -0.60 -8.69
CA TYR A 975 -4.77 -0.09 -9.99
C TYR A 975 -4.65 1.45 -10.16
N LEU A 976 -5.22 2.22 -9.22
CA LEU A 976 -5.24 3.67 -9.38
C LEU A 976 -3.84 4.29 -9.47
N LEU A 977 -2.87 3.65 -8.83
CA LEU A 977 -1.48 4.11 -8.90
C LEU A 977 -0.99 4.22 -10.34
N HIS A 978 -1.51 3.38 -11.23
CA HIS A 978 -1.07 3.38 -12.61
C HIS A 978 -1.46 4.66 -13.37
N PHE A 979 -2.40 5.43 -12.81
CA PHE A 979 -2.98 6.57 -13.52
C PHE A 979 -2.37 7.87 -13.03
N MET A 980 -1.38 7.75 -12.15
CA MET A 980 -0.78 8.89 -11.45
C MET A 980 0.74 8.78 -11.37
N ASP A 981 1.38 9.88 -11.00
CA ASP A 981 2.81 9.88 -10.70
C ASP A 981 3.01 10.41 -9.29
N PRO A 982 3.90 9.76 -8.52
CA PRO A 982 4.14 10.17 -7.14
C PRO A 982 5.01 11.41 -7.08
N ARG A 983 4.85 12.21 -6.03
CA ARG A 983 5.62 13.44 -5.82
C ARG A 983 6.01 13.48 -4.35
N VAL A 984 7.17 14.06 -4.06
CA VAL A 984 7.59 14.28 -2.68
C VAL A 984 7.94 15.77 -2.45
N VAL A 985 7.40 16.35 -1.38
CA VAL A 985 7.84 17.66 -0.95
C VAL A 985 8.58 17.50 0.37
N THR A 986 9.79 18.03 0.42
CA THR A 986 10.60 17.99 1.62
C THR A 986 10.84 19.39 2.17
N GLU A 987 10.50 19.61 3.43
CA GLU A 987 10.69 20.92 4.03
C GLU A 987 11.61 20.88 5.26
N ASN A 988 12.68 21.66 5.19
CA ASN A 988 13.52 21.92 6.35
C ASN A 988 12.70 22.86 7.24
N THR A 989 12.30 22.38 8.41
CA THR A 989 11.42 23.15 9.29
C THR A 989 12.18 23.94 10.34
N MET A 990 13.51 23.78 10.35
CA MET A 990 14.34 24.49 11.29
C MET A 990 14.66 25.91 10.80
N ARG A 991 14.41 26.90 11.62
CA ARG A 991 14.84 28.27 11.37
C ARG A 991 15.62 28.76 12.56
N ARG A 992 16.82 29.27 12.30
CA ARG A 992 17.68 29.85 13.34
C ARG A 992 17.80 28.94 14.57
N GLY A 993 17.94 27.64 14.34
CA GLY A 993 18.22 26.71 15.42
C GLY A 993 17.03 26.09 16.14
N PHE A 994 15.81 26.27 15.63
CA PHE A 994 14.66 25.64 16.26
C PHE A 994 13.64 25.21 15.23
N ALA A 995 12.89 24.17 15.58
CA ALA A 995 11.85 23.64 14.69
C ALA A 995 10.68 23.14 15.52
N PRO A 996 9.49 23.13 14.93
CA PRO A 996 8.32 22.52 15.57
C PRO A 996 8.51 21.01 15.75
N ILE A 997 8.18 20.49 16.92
CA ILE A 997 8.22 19.04 17.12
C ILE A 997 6.91 18.43 16.66
N GLU A 998 7.00 17.48 15.72
CA GLU A 998 5.81 16.82 15.18
C GLU A 998 5.55 15.47 15.85
N GLU A 999 4.30 15.04 15.82
CA GLU A 999 3.83 13.85 16.52
C GLU A 999 4.73 12.63 16.31
N ASP A 1000 5.00 12.28 15.05
CA ASP A 1000 5.75 11.06 14.76
C ASP A 1000 7.26 11.26 14.65
N ASP A 1001 7.78 12.41 15.10
CA ASP A 1001 9.23 12.65 15.08
C ASP A 1001 9.98 11.67 15.96
N ASP A 1002 11.05 11.08 15.44
CA ASP A 1002 12.03 10.43 16.32
C ASP A 1002 12.72 11.52 17.15
N TRP A 1003 12.60 11.43 18.47
CA TRP A 1003 13.04 12.52 19.33
C TRP A 1003 13.67 12.00 20.64
N VAL A 1004 13.67 12.82 21.69
CA VAL A 1004 14.30 12.49 22.98
C VAL A 1004 13.35 12.69 24.17
N SER B 5 25.87 17.24 51.59
CA SER B 5 24.76 17.67 52.44
C SER B 5 24.97 19.08 52.97
N GLU B 6 26.05 19.28 53.71
CA GLU B 6 26.34 20.57 54.35
C GLU B 6 26.62 21.67 53.33
N LEU B 7 27.42 21.36 52.31
CA LEU B 7 27.67 22.31 51.23
C LEU B 7 26.36 22.65 50.54
N ASN B 8 25.56 21.61 50.31
CA ASN B 8 24.30 21.77 49.60
C ASN B 8 23.31 22.65 50.38
N THR B 9 23.38 22.57 51.71
CA THR B 9 22.54 23.39 52.57
C THR B 9 22.94 24.86 52.50
N LYS B 10 24.24 25.11 52.43
CA LYS B 10 24.77 26.46 52.23
C LYS B 10 24.33 27.01 50.88
N ILE B 11 24.36 26.17 49.86
CA ILE B 11 24.00 26.58 48.51
C ILE B 11 22.53 26.99 48.49
N VAL B 12 21.66 26.13 49.01
CA VAL B 12 20.22 26.38 49.05
C VAL B 12 19.91 27.68 49.81
N ASN B 13 20.57 27.89 50.94
CA ASN B 13 20.36 29.12 51.70
C ASN B 13 20.86 30.37 50.97
N ARG B 14 21.97 30.24 50.27
CA ARG B 14 22.53 31.35 49.49
C ARG B 14 21.52 31.69 48.39
N GLY B 15 20.96 30.66 47.78
CA GLY B 15 19.93 30.85 46.78
C GLY B 15 18.67 31.53 47.33
N LYS B 16 18.30 31.18 48.56
CA LYS B 16 17.12 31.75 49.19
C LYS B 16 17.31 33.23 49.47
N GLU B 17 18.50 33.57 49.96
CA GLU B 17 18.87 34.96 50.17
C GLU B 17 18.83 35.74 48.85
N PHE B 18 19.21 35.06 47.77
CA PHE B 18 19.29 35.71 46.47
C PHE B 18 17.88 36.09 45.98
N PHE B 19 16.98 35.10 45.99
CA PHE B 19 15.58 35.32 45.65
C PHE B 19 14.91 36.36 46.56
N GLY B 20 15.34 36.41 47.83
CA GLY B 20 14.83 37.39 48.76
C GLY B 20 15.21 38.79 48.33
N SER B 21 16.48 38.99 48.02
CA SER B 21 16.96 40.33 47.65
C SER B 21 16.48 40.80 46.26
N ILE B 22 15.89 39.89 45.49
CA ILE B 22 15.37 40.18 44.15
C ILE B 22 14.06 40.99 44.28
N SER B 23 13.33 40.73 45.36
CA SER B 23 12.17 41.53 45.75
C SER B 23 10.99 41.40 44.78
N GLY B 24 10.88 40.25 44.13
CA GLY B 24 9.78 40.02 43.21
C GLY B 24 9.92 40.65 41.83
N GLU B 25 10.92 41.50 41.63
CA GLU B 25 11.20 42.07 40.31
C GLU B 25 11.30 41.01 39.21
N LYS B 26 10.67 41.27 38.07
CA LYS B 26 10.74 40.40 36.91
C LYS B 26 11.67 41.00 35.85
N PRO B 27 12.44 40.16 35.15
CA PRO B 27 13.19 40.64 33.99
C PRO B 27 12.20 41.17 32.96
N SER B 28 12.65 42.08 32.10
CA SER B 28 11.75 42.81 31.19
C SER B 28 10.95 41.88 30.28
N LEU B 29 11.55 40.76 29.90
CA LEU B 29 10.93 39.82 28.98
C LEU B 29 9.72 39.15 29.63
N PHE B 30 9.68 39.14 30.96
CA PHE B 30 8.56 38.56 31.70
C PHE B 30 7.67 39.64 32.31
N ASN B 31 7.83 40.89 31.86
CA ASN B 31 7.02 42.00 32.34
C ASN B 31 5.77 42.10 31.49
N LYS B 32 4.65 41.64 32.05
CA LYS B 32 3.39 41.60 31.32
C LYS B 32 2.82 42.99 31.05
N GLY B 33 3.43 44.01 31.64
CA GLY B 33 3.03 45.37 31.36
C GLY B 33 3.61 45.85 30.04
N ALA B 34 4.69 45.21 29.59
CA ALA B 34 5.35 45.57 28.35
C ALA B 34 4.86 44.72 27.18
N TRP B 35 4.97 45.26 25.96
CA TRP B 35 4.58 44.53 24.76
C TRP B 35 5.40 43.25 24.59
N MET B 36 6.71 43.35 24.80
CA MET B 36 7.60 42.21 24.74
C MET B 36 7.11 41.10 25.68
N GLY B 37 6.78 41.49 26.91
CA GLY B 37 6.32 40.54 27.91
C GLY B 37 5.02 39.85 27.52
N LYS B 38 4.12 40.62 26.93
CA LYS B 38 2.85 40.08 26.42
C LYS B 38 3.09 39.07 25.30
N ALA B 39 3.96 39.43 24.35
CA ALA B 39 4.20 38.57 23.21
C ALA B 39 4.87 37.26 23.64
N MET B 40 5.79 37.34 24.60
CA MET B 40 6.45 36.15 25.10
C MET B 40 5.51 35.31 25.97
N ASP B 41 4.67 35.99 26.75
CA ASP B 41 3.67 35.32 27.57
C ASP B 41 2.75 34.47 26.67
N TRP B 42 2.27 35.06 25.59
CA TRP B 42 1.39 34.32 24.69
C TRP B 42 2.13 33.22 23.93
N SER B 43 3.40 33.45 23.62
CA SER B 43 4.23 32.43 22.98
C SER B 43 4.41 31.24 23.92
N MET B 44 4.48 31.52 25.21
CA MET B 44 4.69 30.47 26.20
C MET B 44 3.40 29.70 26.48
N GLN B 45 2.26 30.36 26.31
CA GLN B 45 0.96 29.72 26.51
C GLN B 45 0.48 28.92 25.30
N ASN B 46 0.95 29.29 24.12
CA ASN B 46 0.41 28.77 22.89
C ASN B 46 1.53 28.48 21.91
N GLU B 47 1.85 27.20 21.74
CA GLU B 47 3.01 26.80 20.94
C GLU B 47 2.89 27.22 19.47
N GLN B 48 1.67 27.19 18.94
CA GLN B 48 1.47 27.59 17.56
C GLN B 48 1.81 29.08 17.39
N PHE B 49 1.44 29.89 18.38
CA PHE B 49 1.82 31.30 18.33
C PHE B 49 3.33 31.49 18.45
N LYS B 50 3.95 30.76 19.37
CA LYS B 50 5.40 30.84 19.52
C LYS B 50 6.12 30.61 18.20
N ILE B 51 5.68 29.59 17.46
CA ILE B 51 6.30 29.26 16.19
C ILE B 51 6.10 30.40 15.20
N GLN B 52 4.88 30.93 15.13
CA GLN B 52 4.59 32.04 14.22
C GLN B 52 5.39 33.30 14.57
N MET B 53 5.45 33.62 15.86
CA MET B 53 6.09 34.85 16.32
C MET B 53 7.62 34.84 16.14
N PHE B 54 8.25 33.70 16.46
CA PHE B 54 9.70 33.57 16.33
C PHE B 54 10.13 33.53 14.86
N ARG B 55 9.34 32.85 14.04
CA ARG B 55 9.61 32.82 12.61
C ARG B 55 9.40 34.20 12.00
N PHE B 56 8.43 34.95 12.51
CA PHE B 56 8.22 36.31 12.01
C PHE B 56 9.40 37.20 12.37
N VAL B 57 9.94 37.03 13.59
CA VAL B 57 11.09 37.82 14.02
C VAL B 57 12.29 37.56 13.09
N ASP B 58 12.50 36.29 12.80
CA ASP B 58 13.55 35.85 11.87
C ASP B 58 13.45 36.52 10.49
N VAL B 59 12.25 36.47 9.90
CA VAL B 59 12.04 37.01 8.54
C VAL B 59 11.95 38.56 8.49
N PHE B 60 11.60 39.19 9.61
CA PHE B 60 11.34 40.63 9.68
C PHE B 60 12.35 41.59 8.97
N PRO B 61 13.66 41.43 9.21
CA PRO B 61 14.58 42.39 8.56
C PRO B 61 14.65 42.32 7.04
N SER B 62 14.09 41.30 6.41
CA SER B 62 14.09 41.25 4.95
C SER B 62 12.77 41.77 4.37
N LEU B 63 11.88 42.23 5.25
CA LEU B 63 10.64 42.84 4.80
C LEU B 63 10.89 44.32 4.57
N THR B 64 11.69 44.61 3.54
CA THR B 64 12.21 45.95 3.30
C THR B 64 11.29 46.86 2.46
N THR B 65 10.13 46.38 2.04
CA THR B 65 9.14 47.26 1.41
C THR B 65 7.78 47.13 2.10
N SER B 66 6.92 48.11 1.86
CA SER B 66 5.61 48.15 2.51
C SER B 66 4.72 46.96 2.11
N LYS B 67 4.84 46.55 0.86
CA LYS B 67 4.06 45.42 0.35
C LYS B 67 4.47 44.09 0.99
N LEU B 68 5.79 43.87 1.07
CA LEU B 68 6.34 42.66 1.68
C LEU B 68 5.90 42.56 3.13
N LEU B 69 5.97 43.69 3.83
CA LEU B 69 5.66 43.74 5.25
C LEU B 69 4.19 43.48 5.53
N THR B 70 3.32 44.17 4.80
CA THR B 70 1.89 44.00 4.98
C THR B 70 1.45 42.57 4.71
N GLU B 71 1.95 42.01 3.61
CA GLU B 71 1.61 40.64 3.23
C GLU B 71 2.11 39.59 4.23
N HIS B 72 3.33 39.76 4.72
CA HIS B 72 3.90 38.81 5.67
C HIS B 72 3.15 38.86 6.98
N ILE B 73 2.75 40.05 7.40
CA ILE B 73 2.07 40.20 8.68
C ILE B 73 0.75 39.45 8.63
N ARG B 74 0.01 39.67 7.55
CA ARG B 74 -1.25 38.98 7.32
C ARG B 74 -1.06 37.46 7.26
N GLU B 75 -0.02 36.99 6.55
CA GLU B 75 0.20 35.55 6.39
C GLU B 75 0.68 34.85 7.66
N TYR B 76 1.37 35.57 8.53
CA TYR B 76 1.85 34.97 9.76
C TYR B 76 0.83 35.07 10.89
N PHE B 77 0.05 36.16 10.91
CA PHE B 77 -0.79 36.45 12.05
C PHE B 77 -2.28 36.50 11.77
N GLY B 78 -2.67 36.40 10.49
CA GLY B 78 -4.07 36.52 10.12
C GLY B 78 -4.48 37.99 10.03
N ASN B 79 -5.75 38.23 9.74
CA ASN B 79 -6.24 39.61 9.64
C ASN B 79 -6.32 40.27 11.02
N GLU B 80 -6.54 41.58 11.04
CA GLU B 80 -6.55 42.36 12.27
C GLU B 80 -7.51 41.82 13.35
N GLN B 81 -8.67 41.33 12.93
CA GLN B 81 -9.68 40.84 13.87
C GLN B 81 -9.27 39.53 14.58
N ASP B 82 -8.40 38.74 13.97
CA ASP B 82 -8.11 37.38 14.45
C ASP B 82 -6.78 37.25 15.20
N MET B 83 -6.02 38.33 15.27
CA MET B 83 -4.75 38.33 15.99
C MET B 83 -4.95 38.80 17.43
N PRO B 84 -4.08 38.36 18.36
CA PRO B 84 -4.23 38.67 19.79
C PRO B 84 -4.27 40.17 20.07
N ALA B 85 -5.01 40.58 21.10
CA ALA B 85 -5.24 42.00 21.40
C ALA B 85 -3.98 42.84 21.62
N PHE B 86 -2.99 42.29 22.31
CA PHE B 86 -1.74 43.02 22.53
C PHE B 86 -1.12 43.42 21.20
N MET B 87 -1.45 42.68 20.15
CA MET B 87 -1.05 43.04 18.80
C MET B 87 -2.08 44.00 18.22
N ALA B 103 0.53 51.31 6.71
CA ALA B 103 -0.60 51.34 7.63
C ALA B 103 -0.15 51.45 9.09
N VAL B 104 -1.10 51.73 9.98
CA VAL B 104 -0.82 51.91 11.39
C VAL B 104 -0.25 50.62 11.97
N LEU B 105 -0.81 49.50 11.52
CA LEU B 105 -0.39 48.19 12.01
C LEU B 105 1.08 47.90 11.68
N ASN B 106 1.48 48.18 10.44
CA ASN B 106 2.86 47.98 10.04
C ASN B 106 3.84 48.75 10.91
N LYS B 107 3.49 50.00 11.22
CA LYS B 107 4.33 50.91 11.98
C LYS B 107 4.51 50.44 13.43
N VAL B 108 3.40 50.09 14.07
CA VAL B 108 3.41 49.67 15.46
C VAL B 108 4.17 48.37 15.67
N LEU B 109 3.90 47.39 14.80
CA LEU B 109 4.56 46.11 14.92
C LEU B 109 6.06 46.26 14.67
N THR B 110 6.40 47.03 13.63
CA THR B 110 7.79 47.32 13.31
C THR B 110 8.51 47.93 14.51
N SER B 111 7.83 48.86 15.20
CA SER B 111 8.42 49.51 16.36
C SER B 111 8.68 48.51 17.46
N ASN B 112 7.74 47.63 17.69
CA ASN B 112 7.87 46.67 18.77
C ASN B 112 8.94 45.60 18.53
N ILE B 113 9.10 45.18 17.28
CA ILE B 113 10.13 44.22 16.94
C ILE B 113 11.50 44.89 17.02
N GLU B 114 11.61 46.11 16.49
CA GLU B 114 12.86 46.85 16.53
C GLU B 114 13.34 47.05 17.97
N GLU B 115 12.42 47.46 18.85
CA GLU B 115 12.75 47.70 20.25
C GLU B 115 13.13 46.41 21.00
N MET B 116 12.57 45.29 20.58
CA MET B 116 12.92 44.03 21.22
C MET B 116 14.34 43.60 20.82
N ALA B 117 14.69 43.84 19.56
CA ALA B 117 16.04 43.55 19.09
C ALA B 117 17.07 44.44 19.78
N ARG B 118 16.79 45.74 19.90
CA ARG B 118 17.71 46.67 20.57
C ARG B 118 17.90 46.33 22.03
N GLN B 119 16.96 45.57 22.57
CA GLN B 119 16.98 45.14 23.96
C GLN B 119 18.24 44.35 24.28
N PHE B 120 18.79 43.66 23.28
CA PHE B 120 19.91 42.75 23.53
C PHE B 120 21.28 43.28 23.07
N ILE B 121 21.33 44.49 22.52
CA ILE B 121 22.60 45.01 21.99
C ILE B 121 23.00 46.34 22.63
N VAL B 122 24.31 46.62 22.70
CA VAL B 122 24.76 47.90 23.26
C VAL B 122 24.89 48.98 22.21
N GLY B 123 24.57 48.64 20.96
CA GLY B 123 24.63 49.58 19.87
C GLY B 123 24.59 48.92 18.50
N GLU B 124 24.42 49.73 17.47
CA GLU B 124 24.47 49.21 16.09
C GLU B 124 25.86 49.38 15.47
N THR B 125 26.62 50.33 16.00
CA THR B 125 27.96 50.63 15.48
C THR B 125 29.00 50.63 16.59
N THR B 126 30.26 50.61 16.18
CA THR B 126 31.40 50.66 17.09
C THR B 126 31.38 51.90 18.00
N LYS B 127 31.17 53.08 17.42
CA LYS B 127 31.15 54.31 18.20
C LYS B 127 29.97 54.31 19.19
N GLU B 128 28.84 53.77 18.78
CA GLU B 128 27.68 53.70 19.68
C GLU B 128 27.94 52.71 20.80
N ALA B 129 28.53 51.57 20.46
CA ALA B 129 28.88 50.57 21.46
C ALA B 129 29.82 51.15 22.52
N VAL B 130 30.87 51.84 22.07
CA VAL B 130 31.85 52.43 22.98
C VAL B 130 31.21 53.45 23.94
N LYS B 131 30.32 54.29 23.41
CA LYS B 131 29.58 55.22 24.25
C LYS B 131 28.79 54.48 25.32
N ASN B 132 28.04 53.45 24.91
CA ASN B 132 27.20 52.70 25.84
C ASN B 132 27.97 51.83 26.83
N LEU B 133 29.19 51.41 26.44
CA LEU B 133 30.03 50.62 27.34
C LEU B 133 30.46 51.41 28.56
N GLU B 134 30.74 52.69 28.35
CA GLU B 134 31.12 53.58 29.43
C GLU B 134 29.95 53.84 30.38
N LYS B 135 28.75 53.86 29.82
CA LYS B 135 27.55 53.93 30.65
C LYS B 135 27.39 52.69 31.56
N LEU B 136 27.70 51.51 31.02
CA LEU B 136 27.70 50.29 31.85
C LEU B 136 28.71 50.34 32.98
N ARG B 137 29.89 50.87 32.70
CA ARG B 137 30.93 50.99 33.72
C ARG B 137 30.47 51.86 34.90
N LYS B 138 29.73 52.92 34.60
CA LYS B 138 29.26 53.83 35.64
C LYS B 138 28.19 53.18 36.53
N ASP B 139 27.42 52.25 35.96
CA ASP B 139 26.46 51.49 36.77
C ASP B 139 27.11 50.31 37.49
N GLY B 140 28.42 50.17 37.37
CA GLY B 140 29.14 49.15 38.11
C GLY B 140 29.46 47.88 37.35
N PHE B 141 29.20 47.87 36.04
CA PHE B 141 29.37 46.64 35.25
C PHE B 141 30.58 46.62 34.34
N ALA B 142 31.30 45.50 34.36
CA ALA B 142 32.33 45.23 33.38
C ALA B 142 31.67 44.67 32.13
N ALA B 143 32.40 44.62 31.02
CA ALA B 143 31.85 44.06 29.79
C ALA B 143 32.80 43.11 29.05
N VAL B 144 32.22 42.19 28.28
CA VAL B 144 32.96 41.53 27.22
C VAL B 144 32.19 41.82 25.93
N VAL B 145 32.87 42.51 25.02
CA VAL B 145 32.23 43.06 23.84
C VAL B 145 32.36 42.08 22.68
N ASP B 146 31.30 41.97 21.90
CA ASP B 146 31.26 41.03 20.79
C ASP B 146 30.65 41.74 19.59
N VAL B 147 31.18 41.46 18.40
CA VAL B 147 30.63 42.01 17.19
C VAL B 147 29.68 40.97 16.63
N LEU B 148 28.40 41.30 16.50
CA LEU B 148 27.40 40.36 15.98
C LEU B 148 27.77 39.77 14.62
N GLY B 149 27.78 38.45 14.55
CA GLY B 149 28.05 37.76 13.30
C GLY B 149 28.55 36.37 13.60
N GLU B 150 28.27 35.45 12.68
CA GLU B 150 28.72 34.07 12.78
C GLU B 150 28.57 33.43 11.41
N ALA B 151 29.29 32.34 11.18
CA ALA B 151 29.18 31.57 9.93
C ALA B 151 29.30 32.46 8.69
N THR B 152 30.46 33.12 8.56
CA THR B 152 30.69 34.10 7.50
C THR B 152 30.57 33.41 6.14
N LEU B 153 30.34 34.18 5.09
CA LEU B 153 30.16 33.57 3.78
C LEU B 153 31.35 33.78 2.84
N SER B 154 32.31 34.62 3.22
CA SER B 154 33.45 34.86 2.33
C SER B 154 34.69 35.39 3.04
N GLU B 155 35.81 35.41 2.32
CA GLU B 155 37.05 35.97 2.84
C GLU B 155 36.88 37.47 3.07
N GLU B 156 36.19 38.13 2.14
CA GLU B 156 35.95 39.56 2.27
C GLU B 156 35.14 39.87 3.54
N GLU B 157 34.08 39.10 3.80
CA GLU B 157 33.28 39.30 5.02
C GLU B 157 34.07 38.98 6.30
N ALA B 158 34.88 37.92 6.27
CA ALA B 158 35.76 37.62 7.40
C ALA B 158 36.72 38.78 7.68
N GLU B 159 37.19 39.41 6.60
CA GLU B 159 38.07 40.57 6.75
C GLU B 159 37.38 41.76 7.40
N VAL B 160 36.15 42.05 6.98
CA VAL B 160 35.37 43.14 7.56
C VAL B 160 35.10 42.92 9.06
N TYR B 161 34.75 41.69 9.40
CA TYR B 161 34.51 41.32 10.79
C TYR B 161 35.79 41.53 11.59
N THR B 162 36.89 41.01 11.05
CA THR B 162 38.20 41.16 11.67
C THR B 162 38.58 42.63 11.88
N ASN B 163 38.41 43.43 10.84
CA ASN B 163 38.77 44.84 10.94
C ASN B 163 37.83 45.60 11.86
N THR B 164 36.63 45.07 12.07
CA THR B 164 35.71 45.71 12.99
C THR B 164 36.26 45.59 14.42
N TYR B 165 36.83 44.42 14.73
CA TYR B 165 37.49 44.25 16.02
C TYR B 165 38.71 45.15 16.15
N LEU B 166 39.50 45.27 15.08
CA LEU B 166 40.68 46.13 15.13
C LEU B 166 40.29 47.60 15.36
N GLU B 167 39.19 48.03 14.73
CA GLU B 167 38.69 49.39 14.92
C GLU B 167 38.17 49.59 16.35
N LEU B 168 37.42 48.61 16.85
CA LEU B 168 36.96 48.60 18.24
C LEU B 168 38.11 48.75 19.22
N LEU B 169 39.15 47.95 19.03
CA LEU B 169 40.31 47.94 19.91
C LEU B 169 41.07 49.28 19.88
N GLU B 170 41.23 49.86 18.69
CA GLU B 170 41.83 51.18 18.59
C GLU B 170 41.06 52.24 19.38
N ALA B 171 39.73 52.20 19.26
CA ALA B 171 38.87 53.11 20.01
C ALA B 171 38.99 52.88 21.52
N LEU B 172 38.89 51.63 21.96
CA LEU B 172 39.02 51.31 23.39
C LEU B 172 40.41 51.62 23.95
N LYS B 173 41.43 51.45 23.12
CA LYS B 173 42.80 51.78 23.52
C LYS B 173 42.88 53.26 23.95
N LYS B 174 42.22 54.12 23.17
CA LYS B 174 42.18 55.56 23.45
C LYS B 174 41.38 55.89 24.72
N GLU B 175 40.37 55.09 25.04
CA GLU B 175 39.42 55.42 26.10
C GLU B 175 39.80 54.89 27.47
N GLN B 176 40.43 53.72 27.50
CA GLN B 176 40.55 52.98 28.74
C GLN B 176 41.41 53.67 29.80
N GLY B 177 42.40 54.43 29.37
CA GLY B 177 43.25 55.17 30.30
C GLY B 177 42.48 56.14 31.18
N SER B 178 41.34 56.60 30.68
CA SER B 178 40.51 57.57 31.42
C SER B 178 39.47 56.88 32.30
N TRP B 179 39.34 55.56 32.15
CA TRP B 179 38.39 54.80 32.94
C TRP B 179 38.98 54.44 34.28
N LYS B 180 38.25 54.74 35.35
CA LYS B 180 38.66 54.27 36.67
C LYS B 180 38.28 52.80 36.79
N GLY B 181 39.22 51.98 37.29
CA GLY B 181 38.97 50.57 37.51
C GLY B 181 37.81 50.34 38.48
N LEU B 182 36.94 49.38 38.16
CA LEU B 182 35.83 49.03 39.03
C LEU B 182 36.34 48.62 40.40
N PRO B 183 35.59 48.96 41.46
CA PRO B 183 35.98 48.76 42.86
C PRO B 183 36.24 47.30 43.21
N GLY B 184 37.23 47.06 44.06
CA GLY B 184 37.54 45.73 44.51
C GLY B 184 37.90 45.77 45.97
N LYS B 185 38.51 44.69 46.46
CA LYS B 185 38.94 44.64 47.86
C LYS B 185 40.46 44.68 47.94
N GLY B 186 41.12 44.69 46.79
CA GLY B 186 42.57 44.69 46.74
C GLY B 186 43.09 44.59 45.31
N GLY B 187 44.41 44.58 45.17
CA GLY B 187 45.03 44.52 43.86
C GLY B 187 45.43 45.88 43.29
N ASP B 188 45.36 46.00 41.97
CA ASP B 188 45.82 47.15 41.20
C ASP B 188 44.65 48.10 40.96
N PRO B 189 44.76 49.35 41.43
CA PRO B 189 43.67 50.32 41.26
C PRO B 189 43.39 50.71 39.80
N GLY B 190 44.30 50.39 38.89
CA GLY B 190 44.07 50.65 37.48
C GLY B 190 43.34 49.53 36.73
N LEU B 191 43.12 48.41 37.42
CA LEU B 191 42.42 47.26 36.83
C LEU B 191 41.07 47.03 37.50
N ASP B 192 40.11 46.45 36.77
CA ASP B 192 38.79 46.17 37.34
C ASP B 192 38.82 45.18 38.50
N TRP B 193 38.21 45.61 39.61
CA TRP B 193 38.22 44.85 40.86
C TRP B 193 39.65 44.62 41.36
N GLY B 194 40.59 45.39 40.85
CA GLY B 194 41.98 45.25 41.23
C GLY B 194 42.77 44.23 40.42
N HIS B 195 42.14 43.53 39.49
CA HIS B 195 42.85 42.46 38.80
C HIS B 195 42.51 42.20 37.33
N ALA B 196 41.29 42.53 36.89
CA ALA B 196 40.89 42.22 35.52
C ALA B 196 41.18 43.34 34.50
N PRO B 197 41.71 42.96 33.32
CA PRO B 197 41.92 43.94 32.24
C PRO B 197 40.61 44.63 31.89
N LYS B 198 40.65 45.93 31.65
CA LYS B 198 39.44 46.70 31.44
C LYS B 198 38.83 46.46 30.07
N VAL B 199 39.63 45.94 29.16
CA VAL B 199 39.14 45.67 27.80
C VAL B 199 39.09 44.17 27.55
N ASN B 200 37.91 43.69 27.23
CA ASN B 200 37.65 42.26 27.14
C ASN B 200 36.71 42.05 25.95
N ILE B 201 37.13 41.22 25.00
CA ILE B 201 36.35 40.98 23.80
C ILE B 201 36.17 39.47 23.56
N ALA B 202 35.12 39.13 22.82
CA ALA B 202 34.85 37.75 22.46
C ALA B 202 34.69 37.71 20.95
N VAL B 203 35.19 36.63 20.34
CA VAL B 203 35.20 36.43 18.91
C VAL B 203 34.63 35.04 18.58
N LYS B 204 33.80 34.95 17.54
CA LYS B 204 33.30 33.66 17.06
C LYS B 204 34.15 33.12 15.90
N PRO B 205 34.78 31.95 16.10
CA PRO B 205 35.63 31.33 15.07
C PRO B 205 34.98 31.17 13.68
N THR B 206 33.69 30.82 13.60
CA THR B 206 33.09 30.61 12.28
C THR B 206 32.86 31.90 11.50
N ALA B 207 32.97 33.04 12.17
CA ALA B 207 32.90 34.33 11.50
C ALA B 207 34.23 34.65 10.83
N LEU B 208 35.24 33.84 11.13
CA LEU B 208 36.60 34.10 10.66
C LEU B 208 36.97 33.31 9.40
N PHE B 209 36.12 32.37 8.99
CA PHE B 209 36.42 31.53 7.82
C PHE B 209 35.18 30.81 7.33
N CYS B 210 34.83 31.03 6.07
CA CYS B 210 33.54 30.60 5.53
C CYS B 210 33.44 29.13 5.12
N LEU B 211 34.56 28.41 5.12
CA LEU B 211 34.54 26.99 4.77
C LEU B 211 35.00 26.15 5.96
N ALA B 212 34.82 26.67 7.16
CA ALA B 212 35.21 25.95 8.38
C ALA B 212 34.52 24.59 8.43
N ASN B 213 35.30 23.53 8.34
CA ASN B 213 34.79 22.17 8.20
C ASN B 213 35.84 21.18 8.66
N PRO B 214 35.49 20.30 9.61
CA PRO B 214 36.47 19.33 10.13
C PRO B 214 36.86 18.27 9.10
N GLN B 215 36.20 18.28 7.94
CA GLN B 215 36.62 17.41 6.85
C GLN B 215 37.95 17.92 6.31
N ASP B 216 38.17 19.24 6.40
CA ASP B 216 39.47 19.84 6.13
C ASP B 216 39.98 20.43 7.45
N PHE B 217 40.39 19.54 8.35
CA PHE B 217 40.67 19.95 9.72
C PHE B 217 41.78 20.99 9.86
N GLU B 218 42.94 20.67 9.30
CA GLU B 218 44.11 21.55 9.35
C GLU B 218 43.90 22.86 8.59
N GLY B 219 43.31 22.77 7.40
CA GLY B 219 42.99 23.94 6.62
C GLY B 219 42.14 24.94 7.40
N SER B 220 41.16 24.42 8.13
CA SER B 220 40.23 25.26 8.90
C SER B 220 40.92 25.86 10.11
N VAL B 221 41.73 25.05 10.80
CA VAL B 221 42.47 25.54 11.97
C VAL B 221 43.37 26.72 11.58
N VAL B 222 44.15 26.56 10.52
CA VAL B 222 45.08 27.60 10.07
C VAL B 222 44.38 28.90 9.64
N ALA B 223 43.32 28.78 8.85
CA ALA B 223 42.64 29.96 8.35
C ALA B 223 42.02 30.78 9.49
N ILE B 224 41.41 30.08 10.44
CA ILE B 224 40.86 30.74 11.62
C ILE B 224 41.96 31.32 12.51
N LEU B 225 42.97 30.50 12.80
CA LEU B 225 44.09 30.93 13.63
C LEU B 225 44.78 32.16 13.07
N ASP B 226 44.90 32.24 11.75
CA ASP B 226 45.57 33.38 11.15
C ASP B 226 44.87 34.72 11.45
N ARG B 227 43.54 34.73 11.38
CA ARG B 227 42.79 35.96 11.69
C ARG B 227 42.70 36.17 13.19
N MET B 228 42.53 35.07 13.94
CA MET B 228 42.46 35.16 15.39
C MET B 228 43.76 35.76 15.93
N ARG B 229 44.87 35.44 15.29
CA ARG B 229 46.18 35.93 15.73
C ARG B 229 46.27 37.45 15.57
N ARG B 230 45.80 37.96 14.44
CA ARG B 230 45.82 39.39 14.16
C ARG B 230 45.02 40.15 15.20
N ILE B 231 43.85 39.61 15.56
CA ILE B 231 43.03 40.22 16.59
C ILE B 231 43.76 40.17 17.93
N PHE B 232 44.33 39.00 18.23
CA PHE B 232 44.98 38.76 19.51
C PHE B 232 46.20 39.69 19.72
N LYS B 233 46.99 39.88 18.66
CA LYS B 233 48.12 40.82 18.73
C LYS B 233 47.66 42.21 19.17
N LYS B 234 46.53 42.66 18.64
CA LYS B 234 46.02 43.99 18.95
C LYS B 234 45.50 44.02 20.39
N VAL B 235 44.89 42.92 20.82
CA VAL B 235 44.44 42.80 22.20
C VAL B 235 45.65 42.87 23.13
N MET B 236 46.70 42.14 22.77
CA MET B 236 47.89 42.13 23.63
C MET B 236 48.48 43.53 23.76
N GLU B 237 48.45 44.27 22.65
CA GLU B 237 48.95 45.63 22.57
C GLU B 237 48.30 46.58 23.60
N LEU B 238 47.11 46.26 24.07
CA LEU B 238 46.51 47.09 25.12
C LEU B 238 46.24 46.36 26.43
N ASN B 239 46.92 45.22 26.60
CA ASN B 239 46.84 44.43 27.83
C ASN B 239 45.41 43.98 28.10
N GLY B 240 44.72 43.61 27.03
CA GLY B 240 43.33 43.21 27.14
C GLY B 240 43.12 41.71 27.20
N PHE B 241 41.85 41.29 27.27
CA PHE B 241 41.49 39.89 27.34
C PHE B 241 40.76 39.49 26.04
N LEU B 242 41.12 38.35 25.47
CA LEU B 242 40.40 37.81 24.32
C LEU B 242 39.78 36.46 24.71
N CYS B 243 38.47 36.33 24.51
CA CYS B 243 37.80 35.06 24.78
C CYS B 243 37.27 34.48 23.48
N ILE B 244 37.56 33.20 23.27
CA ILE B 244 37.09 32.50 22.08
C ILE B 244 35.78 31.79 22.38
N ASP B 245 34.71 32.25 21.74
CA ASP B 245 33.39 31.66 21.90
C ASP B 245 33.38 30.22 21.38
N MET B 246 32.49 29.41 21.93
CA MET B 246 32.31 28.05 21.43
C MET B 246 31.00 27.98 20.64
N GLU B 247 31.04 27.36 19.47
CA GLU B 247 29.85 27.30 18.63
C GLU B 247 29.28 25.88 18.53
N SER B 248 28.82 25.47 17.35
CA SER B 248 28.17 24.16 17.25
C SER B 248 29.20 23.03 17.32
N TYR B 249 28.72 21.85 17.68
CA TYR B 249 29.58 20.68 17.92
C TYR B 249 30.48 20.35 16.73
N ARG B 250 29.99 20.60 15.53
CA ARG B 250 30.75 20.41 14.30
C ARG B 250 32.12 21.10 14.32
N HIS B 251 32.23 22.21 15.06
CA HIS B 251 33.47 22.97 15.05
C HIS B 251 34.21 22.90 16.37
N LYS B 252 33.67 22.14 17.31
CA LYS B 252 34.21 22.09 18.67
C LYS B 252 35.71 21.76 18.73
N GLU B 253 36.13 20.68 18.03
CA GLU B 253 37.54 20.28 18.08
C GLU B 253 38.46 21.25 17.33
N ILE B 254 37.97 21.81 16.23
CA ILE B 254 38.70 22.83 15.48
C ILE B 254 39.00 24.01 16.42
N ILE B 255 37.97 24.45 17.12
CA ILE B 255 38.06 25.63 17.98
C ILE B 255 39.02 25.40 19.15
N LEU B 256 38.95 24.20 19.75
CA LEU B 256 39.90 23.84 20.79
C LEU B 256 41.35 23.87 20.28
N GLU B 257 41.55 23.44 19.04
CA GLU B 257 42.89 23.42 18.47
C GLU B 257 43.41 24.82 18.20
N VAL B 258 42.52 25.71 17.75
CA VAL B 258 42.89 27.12 17.55
C VAL B 258 43.37 27.74 18.86
N PHE B 259 42.59 27.56 19.93
CA PHE B 259 42.97 28.02 21.26
C PHE B 259 44.33 27.47 21.71
N ARG B 260 44.51 26.16 21.59
CA ARG B 260 45.74 25.51 22.05
C ARG B 260 46.95 26.07 21.31
N ARG B 261 46.87 26.14 19.98
CA ARG B 261 47.95 26.71 19.19
C ARG B 261 48.25 28.16 19.54
N LEU B 262 47.20 28.98 19.63
CA LEU B 262 47.38 30.41 19.88
C LEU B 262 47.99 30.64 21.25
N LYS B 263 47.55 29.84 22.22
CA LYS B 263 48.05 29.92 23.57
C LYS B 263 49.57 29.64 23.59
N LEU B 264 50.00 28.62 22.86
CA LEU B 264 51.41 28.24 22.83
C LEU B 264 52.32 29.26 22.12
N GLU B 265 51.80 29.97 21.12
CA GLU B 265 52.58 31.03 20.46
C GLU B 265 52.82 32.20 21.42
N TYR B 266 51.96 32.33 22.42
CA TYR B 266 52.08 33.42 23.39
C TYR B 266 51.88 32.87 24.79
N ARG B 267 52.77 31.95 25.16
CA ARG B 267 52.61 31.12 26.35
C ARG B 267 52.70 31.96 27.62
N ASP B 268 53.34 33.11 27.53
CA ASP B 268 53.50 33.98 28.70
C ASP B 268 52.35 35.00 28.89
N TYR B 269 51.44 35.09 27.94
CA TYR B 269 50.31 36.02 28.03
C TYR B 269 49.08 35.39 28.66
N PRO B 270 48.66 35.90 29.83
CA PRO B 270 47.61 35.32 30.67
C PRO B 270 46.16 35.55 30.21
N HIS B 271 45.91 36.60 29.43
CA HIS B 271 44.52 37.03 29.19
C HIS B 271 43.92 36.45 27.92
N LEU B 272 43.84 35.12 27.87
CA LEU B 272 43.24 34.42 26.75
C LEU B 272 42.34 33.32 27.27
N GLY B 273 41.08 33.36 26.84
CA GLY B 273 40.10 32.40 27.31
C GLY B 273 39.46 31.57 26.23
N ILE B 274 38.79 30.50 26.65
CA ILE B 274 38.05 29.62 25.77
C ILE B 274 36.75 29.20 26.48
N VAL B 275 35.67 29.11 25.71
CA VAL B 275 34.41 28.58 26.24
C VAL B 275 34.37 27.05 26.19
N LEU B 276 33.90 26.44 27.28
CA LEU B 276 33.54 25.04 27.29
C LEU B 276 32.07 24.90 27.70
N GLN B 277 31.36 23.98 27.04
CA GLN B 277 29.91 23.81 27.21
C GLN B 277 29.55 22.57 28.03
N ALA B 278 28.98 22.77 29.21
CA ALA B 278 28.65 21.67 30.11
C ALA B 278 27.50 20.81 29.59
N TYR B 279 26.74 21.32 28.62
CA TYR B 279 25.69 20.51 28.03
C TYR B 279 26.21 19.38 27.11
N LEU B 280 27.50 19.37 26.79
CA LEU B 280 28.10 18.29 25.99
C LEU B 280 28.57 17.12 26.85
N LYS B 281 28.16 15.90 26.47
CA LYS B 281 28.68 14.70 27.11
C LYS B 281 30.21 14.64 27.05
N ASP B 282 30.79 15.20 25.99
CA ASP B 282 32.25 15.29 25.87
C ASP B 282 32.92 16.14 26.96
N ASN B 283 32.18 17.03 27.61
CA ASN B 283 32.86 18.11 28.36
C ASN B 283 33.68 17.68 29.57
N ASP B 284 33.31 16.60 30.25
CA ASP B 284 34.11 16.11 31.38
C ASP B 284 35.53 15.74 30.91
N LYS B 285 35.61 14.99 29.82
CA LYS B 285 36.89 14.62 29.21
C LYS B 285 37.63 15.85 28.64
N ASP B 286 36.91 16.69 27.91
CA ASP B 286 37.52 17.87 27.34
C ASP B 286 38.11 18.79 28.39
N LEU B 287 37.36 19.01 29.47
CA LEU B 287 37.84 19.87 30.57
C LEU B 287 39.09 19.26 31.20
N ASP B 288 39.03 17.95 31.39
CA ASP B 288 40.13 17.22 31.99
C ASP B 288 41.38 17.25 31.11
N ASP B 289 41.21 16.98 29.81
CA ASP B 289 42.33 17.03 28.85
C ASP B 289 42.98 18.42 28.82
N LEU B 290 42.14 19.46 28.77
CA LEU B 290 42.62 20.82 28.67
C LEU B 290 43.44 21.22 29.90
N LEU B 291 42.95 20.85 31.08
CA LEU B 291 43.70 21.06 32.31
C LEU B 291 45.03 20.30 32.28
N ALA B 292 44.99 19.05 31.84
CA ALA B 292 46.21 18.24 31.76
C ALA B 292 47.20 18.84 30.76
N TRP B 293 46.68 19.29 29.63
CA TRP B 293 47.46 19.92 28.57
C TRP B 293 48.15 21.17 29.11
N ALA B 294 47.41 21.94 29.90
CA ALA B 294 47.95 23.17 30.48
C ALA B 294 49.12 22.85 31.42
N LYS B 295 48.93 21.81 32.25
CA LYS B 295 49.99 21.37 33.16
C LYS B 295 51.23 20.92 32.39
N GLU B 296 51.02 20.06 31.40
CA GLU B 296 52.11 19.51 30.59
C GLU B 296 52.92 20.59 29.89
N HIS B 297 52.28 21.70 29.55
CA HIS B 297 52.97 22.78 28.86
C HIS B 297 53.35 23.92 29.80
N LYS B 298 52.99 23.76 31.07
CA LYS B 298 53.25 24.78 32.09
C LYS B 298 52.79 26.14 31.62
N VAL B 299 51.53 26.21 31.18
CA VAL B 299 50.89 27.47 30.88
C VAL B 299 49.65 27.60 31.73
N GLN B 300 49.10 28.81 31.81
CA GLN B 300 47.84 29.02 32.50
C GLN B 300 46.75 29.22 31.47
N ILE B 301 45.51 28.96 31.85
CA ILE B 301 44.42 29.16 30.92
C ILE B 301 43.26 29.85 31.61
N SER B 302 42.25 30.15 30.83
CA SER B 302 41.03 30.74 31.35
C SER B 302 39.83 30.07 30.68
N VAL B 303 38.88 29.61 31.47
CA VAL B 303 37.69 28.97 30.91
C VAL B 303 36.41 29.73 31.28
N ARG B 304 35.62 30.06 30.28
CA ARG B 304 34.26 30.50 30.53
C ARG B 304 33.37 29.29 30.40
N LEU B 305 32.91 28.79 31.54
CA LEU B 305 32.05 27.62 31.52
C LEU B 305 30.61 28.07 31.31
N VAL B 306 29.99 27.52 30.26
CA VAL B 306 28.60 27.80 29.98
C VAL B 306 27.88 26.46 29.95
N LYS B 307 26.55 26.49 29.87
CA LYS B 307 25.82 25.26 29.59
C LYS B 307 25.82 24.99 28.09
N GLY B 308 25.24 25.89 27.29
CA GLY B 308 25.32 25.77 25.84
C GLY B 308 24.10 26.31 25.14
N ALA B 309 24.33 26.90 23.96
CA ALA B 309 23.31 27.73 23.32
C ALA B 309 22.62 27.07 22.14
N TYR B 310 23.09 25.89 21.74
CA TYR B 310 22.65 25.26 20.50
C TYR B 310 21.93 23.93 20.71
N TRP B 311 21.26 23.77 21.86
CA TRP B 311 20.70 22.46 22.24
C TRP B 311 19.74 21.90 21.19
N ASP B 312 18.76 22.69 20.77
CA ASP B 312 17.76 22.19 19.83
C ASP B 312 18.45 21.77 18.54
N TYR B 313 19.37 22.61 18.09
CA TYR B 313 20.09 22.33 16.87
C TYR B 313 20.90 21.01 16.94
N GLU B 314 21.66 20.80 18.02
CA GLU B 314 22.47 19.57 18.09
C GLU B 314 21.64 18.30 18.08
N THR B 315 20.51 18.32 18.77
CA THR B 315 19.64 17.16 18.85
C THR B 315 19.03 16.83 17.49
N VAL B 316 18.57 17.84 16.77
CA VAL B 316 18.00 17.63 15.44
C VAL B 316 19.07 17.15 14.44
N LYS B 317 20.24 17.80 14.44
CA LYS B 317 21.32 17.46 13.52
C LYS B 317 21.82 16.02 13.68
N ALA B 318 21.96 15.57 14.92
CA ALA B 318 22.45 14.24 15.20
C ALA B 318 21.39 13.20 14.82
N LYS B 319 20.13 13.52 15.11
CA LYS B 319 18.99 12.67 14.75
C LYS B 319 18.86 12.47 13.23
N GLN B 320 19.14 13.54 12.47
CA GLN B 320 19.01 13.49 11.02
C GLN B 320 20.11 12.66 10.36
N ASN B 321 21.19 12.42 11.09
CA ASN B 321 22.33 11.72 10.52
C ASN B 321 22.66 10.43 11.26
N ASP B 322 21.76 10.02 12.13
CA ASP B 322 21.95 8.84 12.98
C ASP B 322 23.28 8.89 13.72
N TRP B 323 23.65 10.09 14.18
CA TRP B 323 24.77 10.25 15.09
C TRP B 323 24.28 10.22 16.53
N GLU B 324 25.12 9.78 17.44
CA GLU B 324 24.82 9.89 18.87
C GLU B 324 24.61 11.36 19.19
N VAL B 325 23.54 11.67 19.94
CA VAL B 325 23.27 13.03 20.38
C VAL B 325 24.40 13.52 21.29
N PRO B 326 25.09 14.61 20.89
CA PRO B 326 26.28 15.03 21.65
C PRO B 326 25.96 15.81 22.94
N VAL B 327 24.71 16.21 23.11
CA VAL B 327 24.27 16.91 24.32
C VAL B 327 23.47 15.99 25.26
N TRP B 328 23.58 16.23 26.56
CA TRP B 328 22.62 15.66 27.51
C TRP B 328 21.21 16.03 27.07
N THR B 329 20.23 15.20 27.43
CA THR B 329 18.86 15.39 26.96
C THR B 329 17.84 15.49 28.10
N ILE B 330 18.34 15.38 29.33
CA ILE B 330 17.59 15.73 30.51
C ILE B 330 18.22 17.02 31.02
N LYS B 331 17.40 18.05 31.22
CA LYS B 331 17.96 19.38 31.46
C LYS B 331 18.82 19.42 32.74
N ALA B 332 18.37 18.74 33.78
CA ALA B 332 19.11 18.67 35.04
C ALA B 332 20.49 18.04 34.90
N GLU B 333 20.68 17.19 33.88
CA GLU B 333 22.00 16.60 33.59
C GLU B 333 23.02 17.68 33.22
N SER B 334 22.57 18.69 32.49
CA SER B 334 23.45 19.81 32.15
C SER B 334 23.78 20.64 33.41
N ASP B 335 22.76 20.89 34.23
CA ASP B 335 22.96 21.59 35.50
C ASP B 335 23.95 20.86 36.40
N ALA B 336 23.78 19.54 36.51
CA ALA B 336 24.65 18.72 37.33
C ALA B 336 26.08 18.72 36.80
N ALA B 337 26.21 18.60 35.48
CA ALA B 337 27.50 18.66 34.80
C ALA B 337 28.19 19.99 35.09
N TYR B 338 27.42 21.08 35.02
CA TYR B 338 28.00 22.39 35.29
C TYR B 338 28.58 22.48 36.70
N GLU B 339 27.82 22.05 37.70
CA GLU B 339 28.31 22.17 39.09
C GLU B 339 29.57 21.34 39.29
N ARG B 340 29.60 20.17 38.64
CA ARG B 340 30.69 19.23 38.72
C ARG B 340 31.95 19.78 38.04
N GLN B 341 31.76 20.36 36.86
CA GLN B 341 32.86 20.91 36.10
C GLN B 341 33.39 22.22 36.71
N ALA B 342 32.50 23.06 37.23
CA ALA B 342 32.90 24.27 37.92
C ALA B 342 33.74 23.95 39.17
N ARG B 343 33.35 22.91 39.92
CA ARG B 343 34.14 22.50 41.07
C ARG B 343 35.56 22.09 40.65
N LYS B 344 35.66 21.35 39.55
CA LYS B 344 36.93 20.92 38.99
C LYS B 344 37.81 22.11 38.58
N ILE B 345 37.19 23.13 37.99
CA ILE B 345 37.94 24.33 37.61
C ILE B 345 38.41 25.11 38.83
N LEU B 346 37.52 25.27 39.81
CA LEU B 346 37.83 26.02 41.02
C LEU B 346 38.98 25.39 41.78
N GLU B 347 38.99 24.06 41.83
CA GLU B 347 40.05 23.31 42.49
C GLU B 347 41.37 23.57 41.79
N ASN B 348 41.30 23.76 40.49
CA ASN B 348 42.49 24.00 39.70
C ASN B 348 42.71 25.49 39.40
N HIS B 349 42.34 26.34 40.35
CA HIS B 349 42.44 27.79 40.16
C HIS B 349 43.85 28.32 39.89
N GLN B 350 44.88 27.59 40.34
CA GLN B 350 46.26 27.98 40.08
C GLN B 350 46.53 28.01 38.57
N ILE B 351 46.09 26.98 37.85
CA ILE B 351 46.27 26.98 36.41
C ILE B 351 45.07 27.56 35.63
N CYS B 352 43.87 27.50 36.21
CA CYS B 352 42.68 27.88 35.45
C CYS B 352 41.82 29.00 36.05
N HIS B 353 41.80 30.14 35.37
CA HIS B 353 40.90 31.25 35.72
C HIS B 353 39.48 30.92 35.26
N PHE B 354 38.48 31.39 36.02
CA PHE B 354 37.10 30.92 35.84
C PHE B 354 36.07 32.03 35.62
N ALA B 355 35.35 31.95 34.50
CA ALA B 355 34.19 32.80 34.33
C ALA B 355 32.89 31.98 34.40
N CYS B 356 32.14 32.16 35.48
CA CYS B 356 30.83 31.53 35.62
C CYS B 356 29.80 32.27 34.76
N ALA B 357 29.38 31.65 33.67
CA ALA B 357 28.45 32.27 32.75
C ALA B 357 27.08 31.58 32.83
N SER B 358 26.21 32.09 33.68
CA SER B 358 24.90 31.48 33.89
C SER B 358 23.94 32.48 34.49
N HIS B 359 22.66 32.35 34.18
CA HIS B 359 21.62 33.20 34.77
C HIS B 359 20.84 32.44 35.83
N ASN B 360 21.22 31.18 36.06
CA ASN B 360 20.54 30.27 36.98
C ASN B 360 21.01 30.53 38.41
N ILE B 361 20.09 30.91 39.30
CA ILE B 361 20.43 31.26 40.68
C ILE B 361 21.01 30.07 41.48
N ARG B 362 20.51 28.87 41.21
CA ARG B 362 21.06 27.67 41.84
C ARG B 362 22.52 27.46 41.43
N THR B 363 22.79 27.56 40.13
CA THR B 363 24.13 27.39 39.59
C THR B 363 25.11 28.44 40.15
N ILE B 364 24.68 29.69 40.10
CA ILE B 364 25.49 30.81 40.60
C ILE B 364 25.78 30.63 42.09
N SER B 365 24.76 30.20 42.83
CA SER B 365 24.89 29.98 44.26
C SER B 365 25.86 28.84 44.56
N ALA B 366 25.82 27.81 43.72
CA ALA B 366 26.70 26.65 43.88
C ALA B 366 28.15 27.06 43.67
N VAL B 367 28.38 27.90 42.67
CA VAL B 367 29.71 28.38 42.36
C VAL B 367 30.23 29.25 43.51
N MET B 368 29.38 30.13 44.00
CA MET B 368 29.75 31.01 45.12
C MET B 368 30.13 30.22 46.38
N GLU B 369 29.35 29.20 46.71
CA GLU B 369 29.64 28.44 47.93
C GLU B 369 30.83 27.49 47.74
N MET B 370 30.97 26.92 46.54
CA MET B 370 32.13 26.08 46.26
C MET B 370 33.43 26.88 46.34
N ALA B 371 33.42 28.09 45.74
CA ALA B 371 34.57 28.97 45.80
C ALA B 371 34.93 29.36 47.25
N ARG B 372 33.92 29.68 48.05
CA ARG B 372 34.14 29.97 49.48
C ARG B 372 34.69 28.74 50.20
N GLU B 373 34.11 27.57 49.93
CA GLU B 373 34.53 26.33 50.59
C GLU B 373 35.99 25.93 50.29
N LEU B 374 36.46 26.28 49.09
CA LEU B 374 37.83 25.98 48.67
C LEU B 374 38.74 27.19 48.83
N ASN B 375 38.22 28.26 49.43
CA ASN B 375 38.95 29.50 49.64
C ASN B 375 39.69 30.00 48.41
N VAL B 376 39.01 30.02 47.27
CA VAL B 376 39.61 30.45 46.03
C VAL B 376 39.75 31.97 46.02
N PRO B 377 40.91 32.48 45.60
CA PRO B 377 41.12 33.94 45.49
C PRO B 377 40.15 34.54 44.49
N GLU B 378 39.62 35.72 44.82
CA GLU B 378 38.57 36.34 44.01
C GLU B 378 39.04 36.71 42.62
N ASP B 379 40.35 36.94 42.46
CA ASP B 379 40.93 37.22 41.15
C ASP B 379 40.96 36.00 40.23
N ARG B 380 40.54 34.84 40.74
CA ARG B 380 40.53 33.62 39.94
C ARG B 380 39.15 33.27 39.41
N TYR B 381 38.14 34.07 39.79
CA TYR B 381 36.79 33.86 39.26
C TYR B 381 35.93 35.11 39.21
N GLU B 382 35.11 35.19 38.17
CA GLU B 382 34.13 36.27 38.02
C GLU B 382 32.83 35.69 37.50
N PHE B 383 31.80 36.53 37.44
CA PHE B 383 30.48 36.12 36.98
C PHE B 383 30.09 36.90 35.72
N GLN B 384 29.41 36.24 34.80
CA GLN B 384 29.03 36.86 33.55
C GLN B 384 27.57 36.55 33.21
N VAL B 385 26.90 37.52 32.58
CA VAL B 385 25.55 37.31 32.10
C VAL B 385 25.39 37.96 30.72
N LEU B 386 24.30 37.68 30.04
CA LEU B 386 24.05 38.27 28.74
C LEU B 386 23.34 39.62 28.91
N TYR B 387 23.77 40.61 28.14
CA TYR B 387 23.18 41.94 28.18
C TYR B 387 21.71 41.89 27.86
N GLY B 388 20.91 42.67 28.58
CA GLY B 388 19.48 42.83 28.32
C GLY B 388 18.60 41.68 28.78
N MET B 389 19.16 40.82 29.62
CA MET B 389 18.49 39.63 30.07
C MET B 389 18.61 39.48 31.57
N ALA B 390 17.63 38.80 32.16
CA ALA B 390 17.70 38.40 33.56
C ALA B 390 18.16 39.55 34.46
N GLU B 391 17.59 40.73 34.24
CA GLU B 391 17.98 41.94 34.96
C GLU B 391 18.05 41.84 36.49
N PRO B 392 17.04 41.25 37.15
CA PRO B 392 17.17 41.09 38.60
C PRO B 392 18.37 40.19 38.99
N VAL B 393 18.65 39.15 38.21
CA VAL B 393 19.77 38.27 38.53
C VAL B 393 21.09 39.03 38.46
N ARG B 394 21.27 39.75 37.35
CA ARG B 394 22.42 40.63 37.15
C ARG B 394 22.69 41.55 38.34
N LYS B 395 21.62 42.19 38.85
CA LYS B 395 21.76 43.13 39.95
C LYS B 395 22.08 42.44 41.28
N GLY B 396 21.54 41.24 41.46
CA GLY B 396 21.82 40.45 42.65
C GLY B 396 23.28 40.02 42.73
N ILE B 397 23.83 39.63 41.59
CA ILE B 397 25.24 39.26 41.52
C ILE B 397 26.09 40.48 41.89
N LEU B 398 25.79 41.62 41.27
CA LEU B 398 26.51 42.86 41.56
C LEU B 398 26.55 43.11 43.07
N LYS B 399 25.39 42.91 43.71
CA LYS B 399 25.24 43.13 45.16
C LYS B 399 26.01 42.14 46.02
N VAL B 400 26.01 40.87 45.63
CA VAL B 400 26.63 39.83 46.45
C VAL B 400 28.09 39.56 46.11
N ALA B 401 28.41 39.41 44.82
CA ALA B 401 29.76 39.07 44.38
C ALA B 401 30.59 40.31 44.04
N GLY B 402 29.93 41.32 43.48
CA GLY B 402 30.63 42.53 43.08
C GLY B 402 31.29 42.43 41.72
N ARG B 403 31.67 41.22 41.31
CA ARG B 403 32.39 41.06 40.06
C ARG B 403 31.51 40.45 38.97
N ILE B 404 30.91 41.32 38.17
CA ILE B 404 29.90 40.91 37.21
C ILE B 404 30.18 41.59 35.86
N ARG B 405 30.27 40.77 34.82
CA ARG B 405 30.58 41.23 33.47
C ARG B 405 29.43 40.93 32.51
N LEU B 406 29.07 41.88 31.66
CA LEU B 406 28.01 41.65 30.69
C LEU B 406 28.55 41.31 29.30
N TYR B 407 28.05 40.23 28.71
CA TYR B 407 28.35 39.95 27.32
C TYR B 407 27.54 40.95 26.49
N ALA B 408 28.24 41.87 25.86
CA ALA B 408 27.59 43.00 25.20
C ALA B 408 27.86 43.02 23.70
N PRO B 409 26.93 42.47 22.92
CA PRO B 409 27.15 42.46 21.47
C PRO B 409 26.69 43.76 20.81
N TYR B 410 27.20 44.03 19.61
CA TYR B 410 26.73 45.15 18.84
C TYR B 410 26.78 44.85 17.35
N GLY B 411 25.92 45.51 16.60
CA GLY B 411 25.83 45.26 15.17
C GLY B 411 24.40 45.32 14.70
N ASN B 412 24.13 44.82 13.50
CA ASN B 412 22.78 44.88 12.94
C ASN B 412 21.96 43.59 13.03
N MET B 413 20.68 43.72 12.73
CA MET B 413 19.70 42.66 12.99
C MET B 413 19.92 41.40 12.16
N VAL B 414 20.35 41.57 10.92
CA VAL B 414 20.57 40.41 10.06
C VAL B 414 21.72 39.54 10.58
N PRO B 415 22.94 40.10 10.73
CA PRO B 415 23.98 39.20 11.23
C PRO B 415 23.73 38.76 12.68
N GLY B 416 23.00 39.58 13.44
CA GLY B 416 22.67 39.23 14.81
C GLY B 416 21.41 38.38 15.02
N MET B 417 20.78 37.91 13.93
CA MET B 417 19.48 37.23 14.04
C MET B 417 19.55 35.89 14.79
N GLY B 418 20.58 35.10 14.50
CA GLY B 418 20.83 33.87 15.24
C GLY B 418 20.88 34.12 16.74
N TYR B 419 21.63 35.15 17.12
CA TYR B 419 21.76 35.53 18.52
C TYR B 419 20.41 35.88 19.11
N LEU B 420 19.65 36.70 18.39
CA LEU B 420 18.37 37.17 18.89
C LEU B 420 17.44 35.99 19.15
N VAL B 421 17.31 35.13 18.14
CA VAL B 421 16.40 33.98 18.24
C VAL B 421 16.83 33.06 19.40
N ARG B 422 18.14 32.85 19.54
CA ARG B 422 18.65 32.06 20.66
C ARG B 422 18.24 32.66 22.01
N ARG B 423 18.16 33.99 22.10
CA ARG B 423 17.76 34.60 23.36
C ARG B 423 16.27 34.34 23.64
N LEU B 424 15.46 34.44 22.58
CA LEU B 424 14.02 34.25 22.69
C LEU B 424 13.78 32.80 23.10
N LEU B 425 14.45 31.89 22.41
CA LEU B 425 14.38 30.47 22.74
C LEU B 425 14.80 30.19 24.18
N GLU B 426 15.90 30.81 24.60
CA GLU B 426 16.42 30.58 25.94
C GLU B 426 15.45 31.01 27.04
N ASN B 427 14.77 32.14 26.84
CA ASN B 427 13.91 32.67 27.89
C ASN B 427 12.56 31.97 28.02
N THR B 428 12.12 31.32 26.94
CA THR B 428 10.76 30.80 26.87
C THR B 428 10.67 29.27 26.93
N ALA B 429 11.82 28.60 26.92
CA ALA B 429 11.84 27.12 26.96
C ALA B 429 11.21 26.59 28.23
N ASN B 430 10.47 25.49 28.11
CA ASN B 430 9.80 24.89 29.27
C ASN B 430 10.77 24.67 30.42
N GLU B 431 11.98 24.24 30.09
CA GLU B 431 13.00 23.89 31.07
C GLU B 431 13.83 25.09 31.53
N SER B 432 13.52 26.28 31.02
CA SER B 432 14.28 27.48 31.37
C SER B 432 14.10 27.88 32.83
N PHE B 433 15.22 27.99 33.54
CA PHE B 433 15.21 28.46 34.92
C PHE B 433 14.53 29.82 35.06
N LEU B 434 14.71 30.70 34.07
CA LEU B 434 14.13 32.04 34.13
C LEU B 434 12.62 31.99 33.95
N ARG B 435 12.15 31.18 33.00
CA ARG B 435 10.72 30.99 32.81
C ARG B 435 10.07 30.39 34.06
N GLN B 436 10.71 29.39 34.64
CA GLN B 436 10.17 28.74 35.82
C GLN B 436 10.12 29.71 37.00
N SER B 437 11.16 30.53 37.11
CA SER B 437 11.20 31.51 38.20
C SER B 437 10.24 32.67 37.99
N PHE B 438 10.21 33.21 36.77
CA PHE B 438 9.58 34.51 36.55
C PHE B 438 8.27 34.51 35.75
N ALA B 439 7.93 33.36 35.18
CA ALA B 439 6.64 33.19 34.52
C ALA B 439 5.73 32.15 35.19
N GLU B 440 6.31 31.11 35.80
CA GLU B 440 5.51 29.97 36.23
C GLU B 440 5.31 29.89 37.74
N ASP B 441 5.91 30.83 38.47
CA ASP B 441 5.86 30.83 39.92
C ASP B 441 6.25 29.47 40.51
N ALA B 442 7.30 28.87 39.98
CA ALA B 442 7.75 27.57 40.45
C ALA B 442 8.24 27.66 41.90
N GLN B 443 8.04 26.58 42.66
CA GLN B 443 8.43 26.55 44.06
C GLN B 443 9.94 26.72 44.19
N ILE B 444 10.38 27.51 45.16
CA ILE B 444 11.79 27.79 45.32
C ILE B 444 12.62 26.55 45.75
N GLU B 445 12.04 25.71 46.59
CA GLU B 445 12.73 24.49 47.01
C GLU B 445 13.09 23.63 45.81
N ARG B 446 12.13 23.44 44.91
CA ARG B 446 12.38 22.70 43.67
C ARG B 446 13.44 23.39 42.79
N LEU B 447 13.35 24.71 42.66
CA LEU B 447 14.32 25.45 41.86
C LEU B 447 15.75 25.36 42.40
N LEU B 448 15.89 25.30 43.73
CA LEU B 448 17.21 25.31 44.36
C LEU B 448 17.71 23.92 44.75
N GLU B 449 16.93 22.89 44.42
CA GLU B 449 17.34 21.51 44.66
C GLU B 449 18.67 21.19 43.97
N ASP B 450 19.52 20.41 44.64
CA ASP B 450 20.73 19.87 44.00
C ASP B 450 20.32 19.13 42.74
N PRO B 451 20.81 19.58 41.57
CA PRO B 451 20.40 18.98 40.31
C PRO B 451 20.81 17.51 40.15
N ALA B 452 21.80 17.05 40.93
CA ALA B 452 22.17 15.64 40.90
C ALA B 452 20.97 14.82 41.39
N VAL B 453 20.25 15.35 42.39
CA VAL B 453 19.04 14.69 42.87
C VAL B 453 17.98 14.69 41.76
N THR B 454 17.79 15.85 41.15
CA THR B 454 16.85 16.00 40.04
C THR B 454 17.15 14.98 38.95
N VAL B 455 18.43 14.83 38.60
CA VAL B 455 18.87 13.87 37.59
C VAL B 455 18.42 12.45 37.94
N GLU B 456 18.70 12.03 39.17
CA GLU B 456 18.35 10.67 39.59
C GLU B 456 16.84 10.42 39.49
N ARG B 457 16.05 11.43 39.84
CA ARG B 457 14.60 11.33 39.81
C ARG B 457 14.06 11.34 38.39
N GLU B 458 14.63 12.19 37.54
CA GLU B 458 14.23 12.26 36.14
C GLU B 458 14.57 10.97 35.40
N ARG B 459 15.76 10.44 35.64
CA ARG B 459 16.21 9.24 34.95
C ARG B 459 15.30 8.05 35.23
N ALA B 460 14.82 7.96 36.47
CA ALA B 460 13.94 6.87 36.88
C ALA B 460 12.54 7.01 36.29
N ALA B 461 12.07 8.25 36.16
CA ALA B 461 10.79 8.52 35.52
C ALA B 461 10.84 8.16 34.04
N ARG B 462 11.98 8.43 33.40
CA ARG B 462 12.18 8.17 31.98
C ARG B 462 12.32 6.67 31.72
N ALA B 463 12.56 5.91 32.78
CA ALA B 463 12.59 4.46 32.69
C ALA B 463 11.19 3.86 32.88
N ALA B 464 10.16 4.66 32.60
CA ALA B 464 8.77 4.21 32.70
C ALA B 464 7.82 5.09 31.89
N LYS B 471 8.83 0.62 16.12
CA LYS B 471 9.47 -0.70 16.19
C LYS B 471 9.49 -1.41 14.84
N GLY B 472 10.15 -2.57 14.80
CA GLY B 472 10.33 -3.32 13.56
C GLY B 472 9.27 -4.38 13.31
N LEU B 473 9.62 -5.38 12.51
CA LEU B 473 8.67 -6.42 12.11
C LEU B 473 9.37 -7.73 11.73
N GLY B 474 9.11 -8.78 12.49
CA GLY B 474 9.61 -10.11 12.19
C GLY B 474 11.03 -10.36 12.69
N GLY B 475 11.33 -9.84 13.87
CA GLY B 475 12.65 -10.01 14.45
C GLY B 475 13.63 -8.95 13.98
N LEU B 476 13.28 -8.24 12.92
CA LEU B 476 14.13 -7.20 12.37
C LEU B 476 13.87 -5.85 13.01
N PRO B 477 14.94 -5.14 13.37
CA PRO B 477 14.81 -3.74 13.77
C PRO B 477 14.15 -2.92 12.66
N PRO B 478 13.49 -1.82 13.00
CA PRO B 478 12.92 -0.95 11.97
C PRO B 478 14.00 -0.37 11.06
N PHE B 479 13.62 0.13 9.89
CA PHE B 479 14.58 0.76 9.00
C PHE B 479 15.16 2.04 9.60
N ASN B 480 16.47 2.21 9.47
CA ASN B 480 17.12 3.46 9.78
C ASN B 480 18.25 3.67 8.79
N ASN B 481 18.45 4.90 8.35
CA ASN B 481 19.54 5.18 7.43
C ASN B 481 20.89 4.99 8.13
N GLU B 482 21.85 4.43 7.40
CA GLU B 482 23.18 4.17 7.93
C GLU B 482 23.80 5.51 8.27
N ALA B 483 24.49 5.59 9.41
CA ALA B 483 25.04 6.87 9.87
C ALA B 483 26.09 7.45 8.91
N MET B 484 26.01 8.75 8.67
CA MET B 484 26.97 9.44 7.81
C MET B 484 28.35 9.44 8.46
N VAL B 485 29.41 9.49 7.65
CA VAL B 485 30.77 9.66 8.19
C VAL B 485 30.82 10.95 9.03
N ASP B 486 31.54 10.92 10.14
CA ASP B 486 31.48 12.00 11.13
C ASP B 486 32.89 12.50 11.37
N PHE B 487 33.24 13.60 10.70
CA PHE B 487 34.60 14.10 10.71
C PHE B 487 34.97 14.91 11.96
N THR B 488 34.06 14.99 12.92
CA THR B 488 34.40 15.48 14.26
C THR B 488 35.24 14.45 15.01
N ARG B 489 35.22 13.21 14.53
CA ARG B 489 36.01 12.12 15.10
C ARG B 489 37.40 12.02 14.46
N ALA B 490 38.44 12.00 15.29
CA ALA B 490 39.81 11.84 14.79
C ALA B 490 40.00 10.56 13.97
N ASP B 491 39.38 9.47 14.40
CA ASP B 491 39.53 8.20 13.68
C ASP B 491 38.90 8.26 12.29
N HIS B 492 37.76 8.94 12.16
CA HIS B 492 37.17 9.08 10.82
C HIS B 492 38.07 9.91 9.91
N ARG B 493 38.67 10.97 10.44
CA ARG B 493 39.58 11.82 9.66
C ARG B 493 40.80 11.02 9.21
N ALA B 494 41.27 10.14 10.06
CA ALA B 494 42.47 9.36 9.77
C ALA B 494 42.20 8.17 8.84
N ALA B 495 40.94 7.76 8.73
CA ALA B 495 40.59 6.56 7.96
C ALA B 495 40.80 6.68 6.45
N PHE B 496 40.46 7.84 5.89
CA PHE B 496 40.55 8.03 4.45
C PHE B 496 41.97 7.95 3.87
N PRO B 497 42.95 8.73 4.42
CA PRO B 497 44.30 8.60 3.87
C PRO B 497 44.82 7.18 3.94
N LYS B 498 44.50 6.47 5.02
CA LYS B 498 44.95 5.08 5.17
C LYS B 498 44.31 4.17 4.12
N HIS B 499 43.01 4.28 3.92
CA HIS B 499 42.33 3.40 2.98
C HIS B 499 42.65 3.71 1.52
N ILE B 500 42.88 4.99 1.21
CA ILE B 500 43.32 5.39 -0.12
C ILE B 500 44.68 4.74 -0.45
N ALA B 501 45.65 4.86 0.46
CA ALA B 501 46.93 4.15 0.34
C ALA B 501 46.75 2.62 0.16
N GLN B 502 45.87 2.04 0.96
CA GLN B 502 45.59 0.61 0.83
C GLN B 502 45.09 0.26 -0.57
N VAL B 503 44.14 1.05 -1.07
CA VAL B 503 43.61 0.86 -2.41
C VAL B 503 44.73 0.97 -3.45
N ARG B 504 45.68 1.88 -3.20
CA ARG B 504 46.81 2.06 -4.12
C ARG B 504 47.71 0.82 -4.25
N THR B 505 47.71 -0.05 -3.24
CA THR B 505 48.46 -1.30 -3.35
C THR B 505 47.69 -2.34 -4.17
N GLN B 506 46.46 -2.04 -4.52
CA GLN B 506 45.60 -3.00 -5.22
C GLN B 506 45.41 -2.68 -6.70
N LEU B 507 46.16 -1.71 -7.22
CA LEU B 507 45.94 -1.25 -8.59
C LEU B 507 46.56 -2.18 -9.62
N GLY B 508 45.98 -2.17 -10.82
CA GLY B 508 46.57 -2.86 -11.96
C GLY B 508 46.00 -4.24 -12.23
N LYS B 509 44.83 -4.53 -11.66
CA LYS B 509 44.27 -5.85 -11.87
C LYS B 509 43.39 -5.87 -13.10
N THR B 510 43.15 -7.06 -13.63
CA THR B 510 42.21 -7.21 -14.73
C THR B 510 40.91 -7.77 -14.19
N TYR B 511 39.80 -7.11 -14.49
CA TYR B 511 38.49 -7.50 -14.00
C TYR B 511 37.76 -8.24 -15.10
N PRO B 512 37.40 -9.51 -14.84
CA PRO B 512 36.73 -10.33 -15.85
C PRO B 512 35.21 -10.13 -15.76
N LEU B 513 34.47 -10.72 -16.69
CA LEU B 513 33.03 -10.80 -16.53
C LEU B 513 32.76 -11.82 -15.43
N PHE B 514 31.56 -11.78 -14.87
CA PHE B 514 31.15 -12.78 -13.87
C PHE B 514 29.78 -13.30 -14.30
N ILE B 515 29.75 -14.57 -14.71
CA ILE B 515 28.58 -15.13 -15.34
C ILE B 515 28.32 -16.52 -14.79
N ASN B 516 27.13 -16.71 -14.22
CA ASN B 516 26.74 -17.98 -13.63
C ASN B 516 27.78 -18.47 -12.63
N GLY B 517 28.25 -17.56 -11.77
CA GLY B 517 29.18 -17.92 -10.72
C GLY B 517 30.63 -18.10 -11.15
N LYS B 518 30.90 -17.87 -12.44
CA LYS B 518 32.22 -18.12 -13.00
C LYS B 518 32.83 -16.85 -13.61
N GLU B 519 34.15 -16.73 -13.55
CA GLU B 519 34.81 -15.62 -14.23
C GLU B 519 35.02 -15.96 -15.71
N VAL B 520 34.71 -14.98 -16.56
CA VAL B 520 34.84 -15.18 -17.99
C VAL B 520 35.68 -14.04 -18.54
N ARG B 521 36.80 -14.39 -19.15
CA ARG B 521 37.72 -13.37 -19.62
C ARG B 521 37.47 -13.14 -21.11
N THR B 522 37.53 -11.88 -21.54
CA THR B 522 37.53 -11.59 -22.96
C THR B 522 38.83 -10.89 -23.33
N ASN B 523 39.10 -10.73 -24.61
CA ASN B 523 40.35 -10.10 -24.99
C ASN B 523 40.25 -8.64 -25.38
N ASP B 524 39.08 -8.04 -25.17
CA ASP B 524 38.89 -6.62 -25.36
C ASP B 524 38.93 -5.94 -24.00
N LEU B 525 40.05 -5.30 -23.67
CA LEU B 525 40.20 -4.63 -22.37
C LEU B 525 40.20 -3.12 -22.52
N ILE B 526 39.55 -2.45 -21.57
CA ILE B 526 39.52 -1.00 -21.51
C ILE B 526 40.02 -0.55 -20.14
N PRO B 527 41.07 0.29 -20.10
CA PRO B 527 41.55 0.74 -18.79
C PRO B 527 40.57 1.70 -18.11
N THR B 528 40.59 1.69 -16.78
CA THR B 528 39.91 2.70 -15.99
C THR B 528 40.98 3.54 -15.26
N VAL B 529 40.80 4.86 -15.24
CA VAL B 529 41.82 5.74 -14.69
C VAL B 529 41.29 6.75 -13.68
N ASN B 530 42.22 7.31 -12.91
CA ASN B 530 41.93 8.37 -11.95
C ASN B 530 41.65 9.66 -12.71
N PRO B 531 40.41 10.16 -12.66
CA PRO B 531 40.10 11.40 -13.38
C PRO B 531 40.90 12.62 -12.90
N ASN B 532 41.29 12.65 -11.63
CA ASN B 532 42.15 13.70 -11.12
C ASN B 532 43.64 13.50 -11.42
N LYS B 533 43.98 12.32 -11.95
CA LYS B 533 45.35 12.02 -12.31
C LYS B 533 45.36 10.89 -13.34
N PRO B 534 45.02 11.21 -14.61
CA PRO B 534 44.69 10.19 -15.60
C PRO B 534 45.82 9.23 -15.92
N SER B 535 47.04 9.58 -15.53
CA SER B 535 48.17 8.69 -15.73
C SER B 535 48.17 7.55 -14.69
N GLU B 536 47.35 7.66 -13.67
CA GLU B 536 47.24 6.60 -12.69
C GLU B 536 46.17 5.61 -13.13
N VAL B 537 46.60 4.46 -13.62
CA VAL B 537 45.67 3.43 -14.10
C VAL B 537 45.26 2.49 -12.97
N LEU B 538 43.96 2.41 -12.70
CA LEU B 538 43.45 1.61 -11.60
C LEU B 538 43.27 0.13 -11.95
N GLY B 539 42.96 -0.14 -13.22
CA GLY B 539 42.81 -1.52 -13.67
C GLY B 539 42.35 -1.62 -15.11
N GLN B 540 42.15 -2.85 -15.57
CA GLN B 540 41.72 -3.13 -16.94
C GLN B 540 40.43 -3.92 -16.85
N ILE B 541 39.46 -3.59 -17.71
CA ILE B 541 38.15 -4.25 -17.64
C ILE B 541 37.84 -5.02 -18.91
N CYS B 542 37.52 -6.31 -18.76
CA CYS B 542 37.08 -7.12 -19.87
C CYS B 542 35.73 -6.60 -20.38
N GLN B 543 35.57 -6.59 -21.70
CA GLN B 543 34.32 -6.14 -22.30
C GLN B 543 33.57 -7.37 -22.83
N ALA B 544 32.27 -7.43 -22.58
CA ALA B 544 31.44 -8.50 -23.09
C ALA B 544 30.97 -8.18 -24.50
N GLY B 545 31.04 -9.16 -25.39
CA GLY B 545 30.46 -9.04 -26.70
C GLY B 545 29.04 -9.58 -26.63
N THR B 546 28.33 -9.60 -27.76
CA THR B 546 26.97 -10.12 -27.78
C THR B 546 26.93 -11.58 -27.34
N THR B 547 27.99 -12.35 -27.60
CA THR B 547 28.02 -13.75 -27.19
C THR B 547 27.97 -13.90 -25.65
N GLU B 548 28.80 -13.13 -24.96
CA GLU B 548 28.85 -13.20 -23.51
C GLU B 548 27.58 -12.64 -22.85
N VAL B 549 27.03 -11.56 -23.40
CA VAL B 549 25.76 -11.06 -22.91
C VAL B 549 24.67 -12.13 -23.13
N GLY B 550 24.62 -12.71 -24.32
CA GLY B 550 23.72 -13.83 -24.57
C GLY B 550 23.89 -14.94 -23.54
N ASP B 551 25.13 -15.22 -23.19
CA ASP B 551 25.41 -16.23 -22.16
C ASP B 551 24.91 -15.81 -20.78
N ALA B 552 25.06 -14.53 -20.43
CA ALA B 552 24.58 -14.03 -19.14
C ALA B 552 23.06 -14.08 -19.02
N ILE B 553 22.38 -13.74 -20.12
CA ILE B 553 20.94 -13.83 -20.17
C ILE B 553 20.46 -15.29 -20.04
N ALA B 554 21.15 -16.21 -20.72
CA ALA B 554 20.79 -17.63 -20.63
C ALA B 554 21.05 -18.16 -19.22
N ALA B 555 22.09 -17.64 -18.57
CA ALA B 555 22.42 -18.07 -17.21
C ALA B 555 21.36 -17.56 -16.24
N ALA B 556 20.97 -16.30 -16.41
CA ALA B 556 19.95 -15.70 -15.56
C ALA B 556 18.63 -16.44 -15.74
N LYS B 557 18.29 -16.74 -16.98
CA LYS B 557 17.05 -17.44 -17.26
C LYS B 557 17.03 -18.87 -16.66
N ALA B 558 18.18 -19.53 -16.63
CA ALA B 558 18.24 -20.88 -16.08
C ALA B 558 18.15 -20.86 -14.56
N ALA B 559 18.65 -19.78 -13.95
CA ALA B 559 18.61 -19.63 -12.49
C ALA B 559 17.25 -19.16 -12.01
N PHE B 560 16.49 -18.54 -12.90
CA PHE B 560 15.21 -17.91 -12.56
C PHE B 560 14.17 -18.82 -11.86
N PRO B 561 13.85 -19.99 -12.42
CA PRO B 561 12.83 -20.83 -11.76
C PRO B 561 13.10 -21.15 -10.29
N ALA B 562 14.31 -21.57 -9.95
CA ALA B 562 14.66 -21.82 -8.56
C ALA B 562 14.66 -20.55 -7.70
N TRP B 563 15.08 -19.42 -8.27
CA TRP B 563 15.19 -18.19 -7.48
C TRP B 563 13.79 -17.66 -7.21
N ARG B 564 12.97 -17.64 -8.25
CA ARG B 564 11.56 -17.28 -8.12
C ARG B 564 10.87 -18.12 -7.04
N ASP B 565 11.17 -19.42 -6.99
CA ASP B 565 10.56 -20.30 -6.00
C ASP B 565 11.14 -20.16 -4.59
N THR B 566 12.19 -19.35 -4.45
CA THR B 566 12.76 -19.10 -3.14
C THR B 566 11.87 -18.16 -2.31
N ASP B 567 11.64 -18.55 -1.06
CA ASP B 567 10.84 -17.76 -0.12
C ASP B 567 11.34 -16.31 -0.03
N PRO B 568 10.42 -15.33 -0.11
CA PRO B 568 10.80 -13.91 -0.11
C PRO B 568 11.66 -13.54 1.08
N ARG B 569 11.36 -14.09 2.25
CA ARG B 569 12.16 -13.82 3.44
C ARG B 569 13.60 -14.32 3.28
N THR B 570 13.78 -15.43 2.58
CA THR B 570 15.12 -15.94 2.30
C THR B 570 15.86 -15.06 1.28
N ARG B 571 15.14 -14.60 0.25
CA ARG B 571 15.74 -13.67 -0.70
C ARG B 571 16.16 -12.41 0.04
N ALA B 572 15.32 -11.95 0.96
CA ALA B 572 15.61 -10.73 1.74
C ALA B 572 16.88 -10.89 2.60
N GLU B 573 17.10 -12.11 3.09
CA GLU B 573 18.24 -12.40 3.95
C GLU B 573 19.57 -12.18 3.23
N TYR B 574 19.63 -12.55 1.95
CA TYR B 574 20.81 -12.32 1.13
C TYR B 574 21.16 -10.83 1.02
N LEU B 575 20.14 -9.98 0.90
CA LEU B 575 20.35 -8.55 0.87
C LEU B 575 20.91 -8.08 2.21
N LEU B 576 20.38 -8.63 3.30
CA LEU B 576 20.83 -8.27 4.64
C LEU B 576 22.29 -8.65 4.89
N LYS B 577 22.69 -9.81 4.38
CA LYS B 577 24.07 -10.25 4.48
C LYS B 577 24.99 -9.36 3.63
N ALA B 578 24.55 -9.04 2.42
CA ALA B 578 25.31 -8.16 1.55
C ALA B 578 25.50 -6.79 2.21
N ALA B 579 24.46 -6.31 2.87
CA ALA B 579 24.50 -5.03 3.58
C ALA B 579 25.55 -5.06 4.69
N GLN B 580 25.54 -6.14 5.46
CA GLN B 580 26.55 -6.31 6.51
C GLN B 580 27.96 -6.44 5.91
N ALA B 581 28.10 -7.11 4.76
CA ALA B 581 29.42 -7.18 4.13
C ALA B 581 29.94 -5.79 3.72
N ALA B 582 29.08 -4.94 3.15
CA ALA B 582 29.47 -3.59 2.76
C ALA B 582 29.79 -2.73 3.99
N ARG B 583 28.98 -2.88 5.03
CA ARG B 583 29.19 -2.14 6.26
C ARG B 583 30.57 -2.41 6.87
N LYS B 584 31.00 -3.66 6.85
CA LYS B 584 32.33 -4.05 7.31
C LYS B 584 33.48 -3.51 6.42
N ARG B 585 33.14 -3.03 5.22
CA ARG B 585 34.13 -2.51 4.29
C ARG B 585 33.93 -1.04 3.95
N LEU B 586 33.15 -0.34 4.77
CA LEU B 586 32.69 1.01 4.47
C LEU B 586 33.80 1.94 3.92
N PHE B 587 34.87 2.13 4.68
CA PHE B 587 35.93 3.04 4.26
C PHE B 587 36.70 2.54 3.02
N GLU B 588 36.93 1.23 2.95
CA GLU B 588 37.61 0.69 1.77
C GLU B 588 36.82 0.97 0.50
N LEU B 589 35.54 0.60 0.50
CA LEU B 589 34.68 0.82 -0.65
C LEU B 589 34.64 2.30 -1.02
N SER B 590 34.64 3.16 -0.01
CA SER B 590 34.64 4.62 -0.20
C SER B 590 35.89 5.11 -0.92
N ALA B 591 37.04 4.62 -0.47
CA ALA B 591 38.31 5.04 -1.03
C ALA B 591 38.38 4.71 -2.51
N TRP B 592 37.84 3.55 -2.91
CA TRP B 592 37.80 3.18 -4.32
C TRP B 592 37.12 4.25 -5.17
N GLN B 593 36.04 4.83 -4.65
CA GLN B 593 35.32 5.87 -5.39
C GLN B 593 36.06 7.19 -5.46
N VAL B 594 36.81 7.52 -4.42
CA VAL B 594 37.61 8.75 -4.42
C VAL B 594 38.55 8.71 -5.62
N LEU B 595 39.17 7.56 -5.83
CA LEU B 595 40.17 7.42 -6.87
C LEU B 595 39.59 7.13 -8.26
N GLU B 596 38.54 6.31 -8.35
CA GLU B 596 38.08 5.85 -9.67
C GLU B 596 37.20 6.89 -10.35
N ILE B 597 36.40 7.59 -9.57
CA ILE B 597 35.46 8.53 -10.17
C ILE B 597 35.61 9.98 -9.66
N GLY B 598 36.54 10.18 -8.72
CA GLY B 598 36.79 11.52 -8.19
C GLY B 598 35.73 12.02 -7.24
N LYS B 599 35.20 11.13 -6.40
CA LYS B 599 34.33 11.54 -5.32
C LYS B 599 35.16 12.19 -4.22
N GLN B 600 34.63 13.26 -3.60
CA GLN B 600 35.19 13.80 -2.36
C GLN B 600 34.86 12.80 -1.24
N TRP B 601 35.59 12.90 -0.12
CA TRP B 601 35.48 11.91 0.97
C TRP B 601 34.04 11.66 1.44
N ASP B 602 33.32 12.74 1.75
CA ASP B 602 31.92 12.67 2.19
C ASP B 602 31.03 12.09 1.10
N GLN B 603 31.24 12.56 -0.14
CA GLN B 603 30.47 12.06 -1.28
C GLN B 603 30.67 10.56 -1.48
N ALA B 604 31.92 10.10 -1.37
CA ALA B 604 32.22 8.67 -1.50
C ALA B 604 31.50 7.83 -0.43
N TYR B 605 31.68 8.21 0.83
CA TYR B 605 31.03 7.56 1.96
C TYR B 605 29.50 7.51 1.85
N ALA B 606 28.90 8.64 1.46
CA ALA B 606 27.44 8.70 1.33
C ALA B 606 26.94 7.81 0.21
N ASP B 607 27.77 7.63 -0.83
CA ASP B 607 27.45 6.69 -1.90
C ASP B 607 27.33 5.28 -1.33
N VAL B 608 28.28 4.91 -0.46
CA VAL B 608 28.29 3.55 0.09
C VAL B 608 27.17 3.35 1.10
N THR B 609 26.94 4.34 1.97
CA THR B 609 25.83 4.24 2.92
C THR B 609 24.47 4.15 2.23
N GLU B 610 24.32 4.82 1.09
CA GLU B 610 23.08 4.73 0.34
C GLU B 610 22.89 3.30 -0.23
N ALA B 611 23.98 2.69 -0.67
CA ALA B 611 23.96 1.31 -1.12
C ALA B 611 23.44 0.40 0.00
N ILE B 612 23.98 0.60 1.19
CA ILE B 612 23.56 -0.15 2.35
C ILE B 612 22.08 0.11 2.67
N ASP B 613 21.66 1.37 2.63
CA ASP B 613 20.25 1.70 2.85
C ASP B 613 19.31 0.97 1.89
N PHE B 614 19.62 0.98 0.60
CA PHE B 614 18.79 0.25 -0.37
C PHE B 614 18.66 -1.23 0.02
N LEU B 615 19.78 -1.84 0.39
CA LEU B 615 19.76 -3.26 0.74
C LEU B 615 18.86 -3.48 1.95
N GLU B 616 19.03 -2.64 2.97
CA GLU B 616 18.26 -2.77 4.21
C GLU B 616 16.79 -2.47 4.00
N TYR B 617 16.51 -1.46 3.18
CA TYR B 617 15.15 -1.02 2.91
C TYR B 617 14.38 -2.00 2.03
N TYR B 618 15.00 -2.42 0.93
CA TYR B 618 14.32 -3.31 -0.02
C TYR B 618 14.11 -4.72 0.58
N ALA B 619 15.00 -5.14 1.48
CA ALA B 619 14.80 -6.38 2.23
C ALA B 619 13.53 -6.30 3.07
N ARG B 620 13.38 -5.19 3.79
CA ARG B 620 12.20 -5.01 4.61
C ARG B 620 10.94 -4.88 3.75
N GLU B 621 11.08 -4.24 2.60
CA GLU B 621 9.93 -4.05 1.72
C GLU B 621 9.47 -5.38 1.14
N MET B 622 10.41 -6.26 0.78
CA MET B 622 10.01 -7.57 0.24
C MET B 622 9.36 -8.43 1.32
N ILE B 623 9.90 -8.38 2.53
CA ILE B 623 9.30 -9.08 3.65
C ILE B 623 7.85 -8.59 3.83
N ARG B 624 7.65 -7.28 3.75
CA ARG B 624 6.30 -6.70 3.87
C ARG B 624 5.36 -7.13 2.74
N LEU B 625 5.87 -7.16 1.52
CA LEU B 625 5.04 -7.45 0.34
C LEU B 625 4.98 -8.95 0.02
N GLY B 626 5.75 -9.74 0.76
CA GLY B 626 5.98 -11.12 0.40
C GLY B 626 4.91 -12.09 0.86
N GLN B 627 4.13 -11.69 1.86
CA GLN B 627 3.05 -12.53 2.36
C GLN B 627 1.79 -12.29 1.53
N PRO B 628 1.23 -13.36 0.94
CA PRO B 628 -0.06 -13.25 0.27
C PRO B 628 -1.13 -12.70 1.20
N GLN B 629 -1.90 -11.72 0.74
CA GLN B 629 -2.95 -11.11 1.55
C GLN B 629 -4.33 -11.59 1.11
N ARG B 630 -5.19 -11.91 2.08
CA ARG B 630 -6.58 -12.20 1.73
C ARG B 630 -7.28 -10.91 1.28
N VAL B 631 -7.99 -10.99 0.15
CA VAL B 631 -8.83 -9.89 -0.33
C VAL B 631 -10.30 -10.34 -0.45
N GLY B 632 -11.21 -9.46 -0.08
CA GLY B 632 -12.62 -9.82 -0.02
C GLY B 632 -12.92 -10.50 1.30
N HIS B 633 -14.21 -10.62 1.63
CA HIS B 633 -14.63 -11.16 2.92
C HIS B 633 -15.84 -12.08 2.77
N ALA B 634 -16.17 -12.44 1.53
CA ALA B 634 -17.26 -13.39 1.30
C ALA B 634 -16.89 -14.76 1.89
N PRO B 635 -17.82 -15.38 2.64
CA PRO B 635 -17.59 -16.73 3.16
C PRO B 635 -17.59 -17.79 2.03
N GLY B 636 -17.00 -18.96 2.27
CA GLY B 636 -16.96 -20.02 1.27
C GLY B 636 -15.94 -19.78 0.16
N GLU B 637 -15.15 -18.72 0.32
CA GLU B 637 -14.25 -18.28 -0.73
C GLU B 637 -12.99 -17.71 -0.07
N LEU B 638 -11.83 -18.08 -0.60
CA LEU B 638 -10.58 -17.44 -0.23
C LEU B 638 -9.96 -16.82 -1.47
N ASN B 639 -9.75 -15.50 -1.47
CA ASN B 639 -8.93 -14.88 -2.49
C ASN B 639 -7.60 -14.41 -1.87
N HIS B 640 -6.48 -14.86 -2.44
CA HIS B 640 -5.18 -14.32 -2.04
C HIS B 640 -4.49 -13.58 -3.17
N TYR B 641 -4.06 -12.36 -2.85
CA TYR B 641 -3.43 -11.43 -3.78
C TYR B 641 -1.96 -11.40 -3.39
N PHE B 642 -1.09 -11.55 -4.37
CA PHE B 642 0.35 -11.60 -4.09
C PHE B 642 1.13 -11.29 -5.37
N TYR B 643 2.45 -11.33 -5.30
CA TYR B 643 3.24 -10.87 -6.43
C TYR B 643 4.19 -11.92 -6.96
N GLU B 644 4.44 -11.89 -8.27
CA GLU B 644 5.39 -12.79 -8.94
C GLU B 644 6.45 -11.95 -9.67
N PRO B 645 7.69 -12.44 -9.73
CA PRO B 645 8.72 -11.71 -10.49
C PRO B 645 8.48 -11.78 -12.00
N LYS B 646 9.19 -10.95 -12.76
CA LYS B 646 8.99 -10.91 -14.21
C LYS B 646 9.87 -11.87 -14.99
N GLY B 647 11.11 -12.05 -14.54
CA GLY B 647 12.06 -12.88 -15.28
C GLY B 647 13.46 -12.31 -15.21
N VAL B 648 14.09 -12.13 -16.37
CA VAL B 648 15.43 -11.56 -16.44
C VAL B 648 15.39 -10.02 -16.55
N ALA B 649 16.16 -9.36 -15.69
CA ALA B 649 16.24 -7.90 -15.68
C ALA B 649 17.59 -7.42 -16.19
N ALA B 650 17.57 -6.57 -17.21
CA ALA B 650 18.78 -5.86 -17.60
C ALA B 650 18.92 -4.64 -16.68
N VAL B 651 20.07 -4.52 -16.03
CA VAL B 651 20.35 -3.36 -15.18
C VAL B 651 21.52 -2.57 -15.74
N ILE B 652 21.22 -1.36 -16.22
CA ILE B 652 22.20 -0.51 -16.89
C ILE B 652 22.48 0.71 -15.99
N ALA B 653 23.63 0.69 -15.35
CA ALA B 653 23.93 1.58 -14.24
C ALA B 653 24.73 2.81 -14.66
N PRO B 654 24.56 3.94 -13.95
CA PRO B 654 25.30 5.16 -14.26
C PRO B 654 26.65 5.18 -13.53
N TRP B 655 27.52 6.11 -13.91
CA TRP B 655 28.84 6.21 -13.28
C TRP B 655 28.89 7.16 -12.09
N ASN B 656 27.89 8.04 -12.00
CA ASN B 656 27.94 9.13 -11.00
C ASN B 656 27.55 8.70 -9.58
N PHE B 657 26.73 7.65 -9.46
CA PHE B 657 26.49 7.02 -8.16
C PHE B 657 26.70 5.53 -8.32
N PRO B 658 27.98 5.12 -8.44
CA PRO B 658 28.34 3.80 -8.98
C PRO B 658 28.06 2.61 -8.05
N LEU B 659 28.01 2.81 -6.74
CA LEU B 659 27.63 1.71 -5.86
C LEU B 659 26.16 1.85 -5.47
N ALA B 660 25.76 3.06 -5.08
CA ALA B 660 24.42 3.27 -4.55
C ALA B 660 23.33 2.90 -5.56
N ILE B 661 23.37 3.51 -6.73
CA ILE B 661 22.26 3.34 -7.68
C ILE B 661 22.26 1.94 -8.31
N SER B 662 23.45 1.44 -8.62
CA SER B 662 23.60 0.08 -9.10
C SER B 662 23.00 -0.93 -8.13
N MET B 663 23.35 -0.77 -6.87
CA MET B 663 22.94 -1.70 -5.83
C MET B 663 21.45 -1.56 -5.64
N GLY B 664 20.98 -0.33 -5.72
CA GLY B 664 19.58 -0.01 -5.57
C GLY B 664 18.79 -0.76 -6.63
N MET B 665 19.15 -0.56 -7.90
CA MET B 665 18.45 -1.21 -9.01
C MET B 665 18.59 -2.74 -8.99
N ALA B 666 19.81 -3.22 -8.81
CA ALA B 666 20.06 -4.66 -8.84
C ALA B 666 19.41 -5.39 -7.67
N SER B 667 19.50 -4.83 -6.46
CA SER B 667 18.98 -5.53 -5.28
C SER B 667 17.46 -5.56 -5.29
N ALA B 668 16.84 -4.51 -5.83
CA ALA B 668 15.37 -4.48 -5.95
C ALA B 668 14.92 -5.58 -6.89
N ALA B 669 15.59 -5.69 -8.04
CA ALA B 669 15.28 -6.72 -9.02
C ALA B 669 15.51 -8.13 -8.47
N ILE B 670 16.57 -8.28 -7.68
CA ILE B 670 16.95 -9.58 -7.14
C ILE B 670 16.02 -10.00 -6.00
N VAL B 671 15.73 -9.07 -5.10
CA VAL B 671 14.94 -9.42 -3.93
C VAL B 671 13.50 -9.78 -4.30
N THR B 672 13.01 -9.19 -5.39
CA THR B 672 11.67 -9.48 -5.86
C THR B 672 11.60 -10.77 -6.68
N GLY B 673 12.72 -11.48 -6.79
CA GLY B 673 12.71 -12.79 -7.41
C GLY B 673 13.12 -12.82 -8.89
N ASN B 674 13.61 -11.70 -9.41
CA ASN B 674 14.15 -11.68 -10.76
C ASN B 674 15.63 -12.04 -10.74
N CYS B 675 16.18 -12.36 -11.91
CA CYS B 675 17.63 -12.50 -12.08
C CYS B 675 18.17 -11.39 -12.96
N VAL B 676 19.40 -10.97 -12.68
CA VAL B 676 19.95 -9.74 -13.24
C VAL B 676 21.14 -9.93 -14.16
N VAL B 677 21.11 -9.26 -15.30
CA VAL B 677 22.31 -9.05 -16.10
C VAL B 677 22.68 -7.56 -15.97
N PHE B 678 23.85 -7.31 -15.41
CA PHE B 678 24.23 -5.98 -14.95
C PHE B 678 25.36 -5.39 -15.80
N LYS B 679 25.10 -4.22 -16.37
CA LYS B 679 26.11 -3.49 -17.13
C LYS B 679 26.49 -2.22 -16.38
N PRO B 680 27.64 -2.24 -15.70
CA PRO B 680 28.17 -1.05 -15.05
C PRO B 680 28.59 -0.04 -16.10
N SER B 681 28.70 1.23 -15.71
CA SER B 681 29.29 2.20 -16.62
C SER B 681 30.79 1.90 -16.75
N GLY B 682 31.33 2.10 -17.95
CA GLY B 682 32.70 1.75 -18.24
C GLY B 682 33.73 2.33 -17.30
N ILE B 683 33.53 3.60 -16.94
CA ILE B 683 34.51 4.30 -16.12
C ILE B 683 34.39 3.99 -14.62
N THR B 684 33.29 3.35 -14.23
CA THR B 684 33.17 2.90 -12.84
C THR B 684 32.97 1.38 -12.71
N SER B 685 33.58 0.61 -13.60
CA SER B 685 33.44 -0.84 -13.60
C SER B 685 34.05 -1.55 -12.38
N ILE B 686 35.11 -0.99 -11.82
CA ILE B 686 35.67 -1.58 -10.61
C ILE B 686 34.66 -1.49 -9.46
N ILE B 687 33.99 -0.34 -9.34
CA ILE B 687 32.93 -0.21 -8.34
C ILE B 687 31.83 -1.23 -8.63
N GLY B 688 31.56 -1.45 -9.91
CA GLY B 688 30.61 -2.46 -10.34
C GLY B 688 31.02 -3.84 -9.86
N TRP B 689 32.33 -4.09 -9.84
CA TRP B 689 32.87 -5.36 -9.36
C TRP B 689 32.62 -5.59 -7.87
N HIS B 690 32.47 -4.51 -7.11
CA HIS B 690 32.10 -4.60 -5.71
C HIS B 690 30.75 -5.31 -5.48
N LEU B 691 29.81 -5.13 -6.40
CA LEU B 691 28.55 -5.87 -6.37
C LEU B 691 28.79 -7.38 -6.49
N VAL B 692 29.77 -7.76 -7.30
CA VAL B 692 30.14 -9.17 -7.41
C VAL B 692 30.72 -9.65 -6.07
N GLU B 693 31.62 -8.85 -5.52
CA GLU B 693 32.25 -9.17 -4.24
C GLU B 693 31.20 -9.30 -3.13
N LEU B 694 30.28 -8.34 -3.07
CA LEU B 694 29.28 -8.33 -2.00
C LEU B 694 28.24 -9.46 -2.12
N PHE B 695 27.72 -9.70 -3.32
CA PHE B 695 26.75 -10.78 -3.51
C PHE B 695 27.37 -12.18 -3.35
N ARG B 696 28.64 -12.32 -3.72
CA ARG B 696 29.37 -13.58 -3.51
C ARG B 696 29.52 -13.83 -2.01
N GLU B 697 29.99 -12.81 -1.32
CA GLU B 697 30.13 -12.85 0.14
C GLU B 697 28.81 -13.23 0.80
N ALA B 698 27.69 -12.81 0.23
CA ALA B 698 26.40 -13.09 0.82
C ALA B 698 25.91 -14.51 0.52
N GLY B 699 26.55 -15.18 -0.44
CA GLY B 699 26.16 -16.53 -0.82
C GLY B 699 25.08 -16.63 -1.89
N LEU B 700 24.89 -15.56 -2.63
CA LEU B 700 23.83 -15.52 -3.63
C LEU B 700 24.03 -16.61 -4.68
N PRO B 701 23.00 -17.42 -4.94
CA PRO B 701 23.07 -18.54 -5.88
C PRO B 701 23.54 -18.07 -7.25
N GLU B 702 24.36 -18.87 -7.92
CA GLU B 702 24.93 -18.51 -9.22
C GLU B 702 23.86 -18.23 -10.27
N GLY B 703 24.09 -17.23 -11.11
CA GLY B 703 23.15 -16.89 -12.16
C GLY B 703 22.11 -15.87 -11.74
N VAL B 704 21.99 -15.61 -10.44
CA VAL B 704 21.05 -14.62 -9.97
C VAL B 704 21.60 -13.21 -10.25
N PHE B 705 22.93 -13.06 -10.17
CA PHE B 705 23.57 -11.79 -10.52
C PHE B 705 24.73 -12.04 -11.49
N ASN B 706 24.67 -11.38 -12.64
CA ASN B 706 25.71 -11.53 -13.66
C ASN B 706 26.31 -10.19 -14.05
N PHE B 707 27.62 -10.12 -14.07
CA PHE B 707 28.35 -8.87 -14.24
C PHE B 707 28.90 -8.82 -15.66
N THR B 708 28.33 -7.93 -16.49
CA THR B 708 28.74 -7.83 -17.89
C THR B 708 28.98 -6.41 -18.43
N PRO B 709 30.07 -5.76 -17.97
CA PRO B 709 30.51 -4.52 -18.64
C PRO B 709 30.72 -4.80 -20.11
N GLY B 710 30.49 -3.80 -20.96
CA GLY B 710 30.67 -3.97 -22.37
C GLY B 710 30.48 -2.66 -23.09
N ARG B 711 30.86 -2.62 -24.36
CA ARG B 711 30.67 -1.43 -25.18
C ARG B 711 29.22 -1.35 -25.64
N GLY B 712 28.55 -0.25 -25.29
CA GLY B 712 27.18 -0.01 -25.73
C GLY B 712 27.04 -0.17 -27.23
N SER B 713 28.02 0.37 -27.95
CA SER B 713 28.03 0.31 -29.41
C SER B 713 28.13 -1.11 -29.93
N VAL B 714 28.49 -2.05 -29.06
CA VAL B 714 28.55 -3.47 -29.43
C VAL B 714 27.35 -4.26 -28.91
N MET B 715 27.05 -4.10 -27.62
CA MET B 715 26.05 -5.00 -27.00
C MET B 715 24.87 -4.32 -26.31
N GLY B 716 24.79 -3.00 -26.42
CA GLY B 716 23.76 -2.22 -25.74
C GLY B 716 22.37 -2.49 -26.26
N ASP B 717 22.18 -2.30 -27.56
CA ASP B 717 20.92 -2.64 -28.18
C ASP B 717 20.61 -4.12 -28.01
N TYR B 718 21.65 -4.95 -28.09
CA TYR B 718 21.47 -6.40 -28.05
C TYR B 718 20.85 -6.79 -26.71
N LEU B 719 21.40 -6.27 -25.63
CA LEU B 719 20.89 -6.53 -24.29
C LEU B 719 19.42 -6.08 -24.15
N VAL B 720 19.11 -4.91 -24.70
CA VAL B 720 17.78 -4.31 -24.63
C VAL B 720 16.75 -5.00 -25.56
N ASP B 721 17.20 -5.46 -26.73
CA ASP B 721 16.30 -6.05 -27.73
C ASP B 721 15.99 -7.51 -27.41
N HIS B 722 16.79 -8.12 -26.56
CA HIS B 722 16.76 -9.58 -26.40
C HIS B 722 15.37 -10.09 -25.94
N PRO B 723 14.87 -11.16 -26.61
CA PRO B 723 13.53 -11.66 -26.27
C PRO B 723 13.41 -12.22 -24.83
N ASP B 724 14.49 -12.66 -24.21
CA ASP B 724 14.39 -13.19 -22.85
C ASP B 724 14.50 -12.13 -21.76
N ILE B 725 14.67 -10.86 -22.14
CA ILE B 725 14.67 -9.80 -21.14
C ILE B 725 13.20 -9.43 -20.86
N SER B 726 12.79 -9.43 -19.59
CA SER B 726 11.42 -8.99 -19.25
C SER B 726 11.37 -7.62 -18.57
N LEU B 727 12.52 -7.12 -18.14
CA LEU B 727 12.54 -5.88 -17.38
C LEU B 727 13.85 -5.16 -17.63
N ILE B 728 13.79 -3.82 -17.69
CA ILE B 728 14.99 -3.03 -17.88
C ILE B 728 14.98 -1.87 -16.90
N ALA B 729 16.01 -1.81 -16.06
CA ALA B 729 16.21 -0.72 -15.12
C ALA B 729 17.37 0.09 -15.61
N PHE B 730 17.10 1.35 -15.91
CA PHE B 730 18.08 2.21 -16.50
C PHE B 730 18.16 3.53 -15.74
N THR B 731 19.38 3.99 -15.47
CA THR B 731 19.56 5.34 -14.91
C THR B 731 20.66 6.03 -15.70
N GLY B 732 20.33 7.14 -16.35
CA GLY B 732 21.28 7.84 -17.22
C GLY B 732 20.67 8.99 -18.00
N SER B 733 21.18 9.24 -19.19
CA SER B 733 20.75 10.38 -20.01
C SER B 733 19.38 10.20 -20.61
N MET B 734 18.74 11.30 -21.00
CA MET B 734 17.41 11.23 -21.61
C MET B 734 17.45 10.58 -22.98
N GLU B 735 18.45 10.95 -23.79
CA GLU B 735 18.57 10.41 -25.13
C GLU B 735 18.66 8.87 -25.13
N THR B 736 19.36 8.32 -24.14
CA THR B 736 19.53 6.88 -24.07
C THR B 736 18.28 6.21 -23.50
N GLY B 737 17.73 6.78 -22.43
CA GLY B 737 16.50 6.28 -21.84
C GLY B 737 15.37 6.23 -22.83
N LEU B 738 15.22 7.31 -23.60
CA LEU B 738 14.16 7.37 -24.60
C LEU B 738 14.38 6.35 -25.72
N ARG B 739 15.63 6.16 -26.12
CA ARG B 739 15.96 5.13 -27.10
C ARG B 739 15.55 3.75 -26.58
N ILE B 740 15.96 3.45 -25.34
CA ILE B 740 15.63 2.18 -24.71
C ILE B 740 14.11 1.96 -24.60
N ILE B 741 13.39 3.01 -24.17
CA ILE B 741 11.93 2.94 -24.12
C ILE B 741 11.33 2.55 -25.47
N GLU B 742 11.79 3.21 -26.52
CA GLU B 742 11.29 2.92 -27.85
C GLU B 742 11.57 1.47 -28.28
N ARG B 743 12.83 1.04 -28.15
CA ARG B 743 13.23 -0.29 -28.57
C ARG B 743 12.55 -1.38 -27.74
N ALA B 744 12.39 -1.13 -26.44
CA ALA B 744 11.87 -2.15 -25.52
C ALA B 744 10.40 -2.45 -25.79
N ALA B 745 9.70 -1.52 -26.43
CA ALA B 745 8.26 -1.65 -26.63
C ALA B 745 7.93 -2.78 -27.61
N LYS B 746 8.83 -3.06 -28.54
CA LYS B 746 8.59 -4.11 -29.51
C LYS B 746 8.59 -5.50 -28.85
N VAL B 747 7.70 -6.37 -29.30
CA VAL B 747 7.67 -7.76 -28.86
C VAL B 747 8.23 -8.64 -29.98
N HIS B 748 9.38 -9.24 -29.73
CA HIS B 748 10.05 -10.11 -30.72
C HIS B 748 9.58 -11.56 -30.63
N PRO B 749 9.80 -12.36 -31.68
CA PRO B 749 9.41 -13.78 -31.57
C PRO B 749 10.11 -14.48 -30.40
N GLY B 750 9.37 -15.30 -29.65
CA GLY B 750 9.92 -15.97 -28.48
C GLY B 750 9.90 -15.13 -27.21
N GLN B 751 9.49 -13.87 -27.34
CA GLN B 751 9.50 -12.96 -26.19
C GLN B 751 8.27 -13.19 -25.29
N ALA B 752 8.51 -13.55 -24.04
CA ALA B 752 7.44 -13.95 -23.12
C ALA B 752 6.57 -12.78 -22.59
N ASN B 753 7.18 -11.64 -22.25
CA ASN B 753 6.41 -10.52 -21.68
C ASN B 753 6.55 -9.23 -22.46
N VAL B 754 5.61 -8.33 -22.25
CA VAL B 754 5.80 -6.94 -22.67
C VAL B 754 6.82 -6.37 -21.68
N LYS B 755 7.91 -5.78 -22.19
CA LYS B 755 9.00 -5.37 -21.32
C LYS B 755 8.62 -4.21 -20.39
N LYS B 756 8.95 -4.36 -19.11
CA LYS B 756 8.72 -3.31 -18.12
C LYS B 756 9.93 -2.39 -18.06
N ILE B 757 9.68 -1.09 -18.16
CA ILE B 757 10.76 -0.09 -18.07
C ILE B 757 10.77 0.62 -16.73
N ILE B 758 11.92 0.62 -16.07
CA ILE B 758 12.13 1.42 -14.89
C ILE B 758 13.30 2.34 -15.24
N SER B 759 13.00 3.62 -15.40
CA SER B 759 13.96 4.55 -15.98
C SER B 759 14.02 5.85 -15.20
N GLU B 760 15.25 6.29 -14.91
CA GLU B 760 15.49 7.58 -14.28
C GLU B 760 16.48 8.34 -15.17
N MET B 761 16.03 9.46 -15.71
CA MET B 761 16.81 10.21 -16.67
C MET B 761 17.21 11.58 -16.09
N GLY B 762 17.40 12.57 -16.95
CA GLY B 762 17.99 13.81 -16.47
C GLY B 762 17.12 14.79 -15.67
N GLY B 763 17.71 15.92 -15.38
CA GLY B 763 16.98 17.04 -14.83
C GLY B 763 17.68 18.31 -15.26
N LYS B 764 16.94 19.41 -15.26
CA LYS B 764 17.47 20.75 -15.38
C LYS B 764 16.90 21.51 -14.18
N ASN B 765 17.47 21.26 -13.01
CA ASN B 765 16.87 21.64 -11.75
C ASN B 765 17.12 23.10 -11.30
N ALA B 766 16.03 23.77 -10.92
CA ALA B 766 16.12 25.15 -10.45
C ALA B 766 15.94 25.25 -8.94
N ILE B 767 16.67 26.18 -8.33
CA ILE B 767 16.34 26.65 -6.99
C ILE B 767 15.89 28.11 -7.07
N ILE B 768 14.74 28.41 -6.47
CA ILE B 768 14.20 29.77 -6.44
C ILE B 768 14.64 30.52 -5.18
N ILE B 769 15.12 31.75 -5.35
CA ILE B 769 15.50 32.58 -4.22
C ILE B 769 14.50 33.74 -4.10
N ASP B 770 13.55 33.61 -3.19
CA ASP B 770 12.48 34.59 -3.01
C ASP B 770 13.03 35.83 -2.30
N ASP B 771 12.30 36.95 -2.40
CA ASP B 771 12.74 38.21 -1.79
C ASP B 771 13.09 38.04 -0.32
N ASP B 772 12.36 37.18 0.38
CA ASP B 772 12.48 37.10 1.83
C ASP B 772 13.35 35.94 2.27
N ALA B 773 14.11 35.39 1.32
CA ALA B 773 14.95 34.22 1.59
C ALA B 773 16.01 34.54 2.63
N ASP B 774 16.31 33.59 3.52
CA ASP B 774 17.46 33.71 4.41
C ASP B 774 18.71 33.44 3.60
N LEU B 775 19.43 34.50 3.26
CA LEU B 775 20.58 34.43 2.37
C LEU B 775 21.78 33.68 2.97
N ASP B 776 21.93 33.73 4.29
CA ASP B 776 22.98 32.97 4.97
C ASP B 776 22.78 31.46 4.86
N GLU B 777 21.52 31.03 4.70
CA GLU B 777 21.24 29.63 4.42
C GLU B 777 21.28 29.38 2.92
N ALA B 778 20.66 30.27 2.15
CA ALA B 778 20.48 30.04 0.73
C ALA B 778 21.81 29.90 -0.01
N VAL B 779 22.77 30.75 0.31
CA VAL B 779 24.04 30.76 -0.43
C VAL B 779 24.83 29.44 -0.33
N PRO B 780 25.17 28.97 0.89
CA PRO B 780 25.97 27.73 0.90
C PRO B 780 25.19 26.53 0.38
N HIS B 781 23.87 26.51 0.59
CA HIS B 781 23.03 25.46 0.03
C HIS B 781 23.00 25.45 -1.50
N VAL B 782 22.91 26.63 -2.11
CA VAL B 782 22.93 26.69 -3.56
C VAL B 782 24.31 26.32 -4.14
N LEU B 783 25.38 26.77 -3.50
CA LEU B 783 26.73 26.38 -3.90
C LEU B 783 26.92 24.86 -3.86
N TYR B 784 26.46 24.22 -2.79
CA TYR B 784 26.61 22.76 -2.67
C TYR B 784 25.78 22.02 -3.71
N SER B 785 24.56 22.50 -3.95
CA SER B 785 23.64 21.93 -4.91
C SER B 785 24.20 22.02 -6.31
N ALA B 786 24.86 23.14 -6.62
CA ALA B 786 25.44 23.38 -7.93
C ALA B 786 26.77 22.65 -8.17
N PHE B 787 27.62 22.62 -7.15
CA PHE B 787 29.01 22.24 -7.35
C PHE B 787 29.49 21.03 -6.56
N GLY B 788 28.63 20.49 -5.70
CA GLY B 788 28.97 19.25 -5.01
C GLY B 788 29.20 18.17 -6.04
N PHE B 789 30.29 17.39 -5.85
CA PHE B 789 30.71 16.38 -6.81
C PHE B 789 30.78 16.97 -8.23
N GLN B 790 31.27 18.20 -8.35
CA GLN B 790 31.49 18.82 -9.67
C GLN B 790 30.19 19.02 -10.44
N GLY B 791 29.04 19.02 -9.76
CA GLY B 791 27.77 19.17 -10.44
C GLY B 791 27.27 17.92 -11.18
N GLN B 792 27.89 16.78 -10.91
CA GLN B 792 27.60 15.55 -11.68
C GLN B 792 26.52 14.69 -11.01
N LYS B 793 25.36 15.28 -10.78
CA LYS B 793 24.24 14.58 -10.19
C LYS B 793 23.03 14.96 -11.00
N CYS B 794 22.09 14.02 -11.14
CA CYS B 794 20.85 14.31 -11.85
C CYS B 794 19.99 15.32 -11.09
N SER B 795 20.19 15.37 -9.78
CA SER B 795 19.47 16.28 -8.92
C SER B 795 20.11 17.67 -8.76
N ALA B 796 21.31 17.86 -9.33
CA ALA B 796 22.10 19.09 -9.15
C ALA B 796 21.32 20.33 -9.55
N CYS B 797 21.58 21.42 -8.85
CA CYS B 797 21.04 22.72 -9.23
C CYS B 797 21.85 23.30 -10.37
N SER B 798 21.21 23.52 -11.52
CA SER B 798 21.94 24.09 -12.65
C SER B 798 21.37 25.46 -13.05
N ARG B 799 20.23 25.80 -12.45
CA ARG B 799 19.58 27.08 -12.64
C ARG B 799 19.23 27.62 -11.26
N VAL B 800 19.73 28.81 -10.90
CA VAL B 800 19.20 29.46 -9.72
C VAL B 800 18.44 30.71 -10.17
N ILE B 801 17.16 30.76 -9.81
CA ILE B 801 16.23 31.78 -10.26
C ILE B 801 15.98 32.74 -9.11
N VAL B 802 16.44 33.98 -9.27
CA VAL B 802 16.55 34.90 -8.15
C VAL B 802 15.64 36.11 -8.36
N LEU B 803 14.82 36.38 -7.36
CA LEU B 803 13.91 37.50 -7.38
C LEU B 803 14.66 38.85 -7.49
N ASP B 804 14.17 39.69 -8.41
CA ASP B 804 14.71 41.02 -8.72
C ASP B 804 15.30 41.79 -7.54
N ALA B 805 14.52 41.94 -6.49
CA ALA B 805 14.88 42.84 -5.39
C ALA B 805 15.97 42.31 -4.48
N VAL B 806 16.31 41.03 -4.60
CA VAL B 806 17.31 40.45 -3.72
C VAL B 806 18.54 39.99 -4.53
N TYR B 807 18.45 40.18 -5.84
CA TYR B 807 19.40 39.63 -6.79
C TYR B 807 20.86 40.03 -6.57
N ASP B 808 21.12 41.33 -6.45
CA ASP B 808 22.49 41.80 -6.35
C ASP B 808 23.13 41.35 -5.05
N LYS B 809 22.35 41.40 -3.97
CA LYS B 809 22.82 40.90 -2.68
C LYS B 809 23.12 39.40 -2.74
N PHE B 810 22.22 38.65 -3.37
CA PHE B 810 22.41 37.20 -3.46
C PHE B 810 23.67 36.84 -4.27
N ILE B 811 23.76 37.39 -5.48
CA ILE B 811 24.86 37.00 -6.35
C ILE B 811 26.23 37.46 -5.86
N GLU B 812 26.29 38.62 -5.21
CA GLU B 812 27.58 39.06 -4.66
C GLU B 812 28.05 38.08 -3.60
N ARG B 813 27.14 37.65 -2.73
CA ARG B 813 27.52 36.70 -1.69
C ARG B 813 27.82 35.31 -2.23
N LEU B 814 27.11 34.88 -3.28
CA LEU B 814 27.34 33.55 -3.86
C LEU B 814 28.70 33.50 -4.55
N VAL B 815 28.97 34.50 -5.38
CA VAL B 815 30.26 34.62 -6.05
C VAL B 815 31.40 34.73 -5.04
N SER B 816 31.21 35.54 -4.01
CA SER B 816 32.26 35.72 -3.00
C SER B 816 32.56 34.42 -2.27
N MET B 817 31.53 33.62 -1.99
CA MET B 817 31.76 32.33 -1.36
C MET B 817 32.47 31.37 -2.31
N ALA B 818 32.06 31.39 -3.58
CA ALA B 818 32.67 30.56 -4.61
C ALA B 818 34.17 30.85 -4.73
N LYS B 819 34.53 32.13 -4.74
CA LYS B 819 35.95 32.53 -4.86
C LYS B 819 36.82 31.95 -3.74
N ALA B 820 36.19 31.56 -2.62
CA ALA B 820 36.94 31.01 -1.49
C ALA B 820 37.24 29.53 -1.67
N THR B 821 36.45 28.85 -2.49
CA THR B 821 36.62 27.41 -2.66
C THR B 821 37.79 27.05 -3.59
N LYS B 822 38.40 25.89 -3.36
CA LYS B 822 39.49 25.41 -4.23
C LYS B 822 39.06 24.23 -5.11
N VAL B 823 39.57 24.21 -6.34
CA VAL B 823 39.32 23.12 -7.27
C VAL B 823 40.58 22.24 -7.33
N GLY B 824 40.43 20.93 -7.13
CA GLY B 824 41.58 20.05 -7.10
C GLY B 824 41.23 18.61 -6.77
N PRO B 825 42.22 17.71 -6.80
CA PRO B 825 42.03 16.28 -6.58
C PRO B 825 41.18 15.97 -5.35
N SER B 826 40.22 15.07 -5.51
CA SER B 826 39.27 14.76 -4.46
C SER B 826 39.89 13.97 -3.30
N GLU B 827 41.10 13.45 -3.50
CA GLU B 827 41.77 12.74 -2.41
C GLU B 827 42.34 13.73 -1.39
N ASP B 828 42.48 14.99 -1.80
CA ASP B 828 42.82 16.08 -0.88
C ASP B 828 41.53 16.72 -0.37
N PRO B 829 41.25 16.59 0.95
CA PRO B 829 39.99 17.09 1.49
C PRO B 829 39.88 18.60 1.49
N ALA B 830 40.98 19.29 1.24
CA ALA B 830 40.94 20.75 1.21
C ALA B 830 40.18 21.28 -0.01
N ASN B 831 40.03 20.46 -1.03
CA ASN B 831 39.33 20.89 -2.24
C ASN B 831 37.81 20.70 -2.17
N TYR B 832 37.09 21.71 -2.64
CA TYR B 832 35.62 21.70 -2.66
C TYR B 832 35.12 20.74 -3.75
N MET B 833 35.73 20.83 -4.94
CA MET B 833 35.39 19.95 -6.05
C MET B 833 36.65 19.66 -6.86
N GLY B 834 36.59 18.66 -7.74
CA GLY B 834 37.75 18.24 -8.52
C GLY B 834 37.43 17.98 -9.98
N ALA B 835 38.23 17.13 -10.62
CA ALA B 835 38.06 16.81 -12.02
C ALA B 835 36.71 16.10 -12.26
N VAL B 836 36.16 16.28 -13.47
CA VAL B 836 34.95 15.61 -13.88
C VAL B 836 35.30 14.22 -14.41
N ALA B 837 34.27 13.46 -14.80
CA ALA B 837 34.37 12.01 -14.93
C ALA B 837 35.48 11.51 -15.87
N ASP B 838 35.53 12.05 -17.09
CA ASP B 838 36.53 11.66 -18.06
C ASP B 838 36.79 12.75 -19.08
N ASP B 839 37.56 12.43 -20.11
CA ASP B 839 37.98 13.42 -21.10
C ASP B 839 36.78 13.91 -21.92
N LYS B 840 35.86 13.02 -22.26
CA LYS B 840 34.67 13.41 -23.04
C LYS B 840 33.78 14.39 -22.26
N ALA B 841 33.60 14.14 -20.96
CA ALA B 841 32.78 15.02 -20.13
C ALA B 841 33.43 16.40 -20.02
N MET B 842 34.76 16.42 -19.91
CA MET B 842 35.48 17.68 -19.73
C MET B 842 35.32 18.56 -20.96
N LYS B 843 35.41 17.95 -22.13
CA LYS B 843 35.31 18.68 -23.38
C LYS B 843 33.89 19.17 -23.59
N SER B 844 32.92 18.32 -23.27
CA SER B 844 31.52 18.67 -23.42
C SER B 844 31.13 19.82 -22.50
N ILE B 845 31.51 19.70 -21.23
CA ILE B 845 31.15 20.73 -20.27
C ILE B 845 31.78 22.08 -20.64
N LYS B 846 33.05 22.05 -21.01
CA LYS B 846 33.75 23.28 -21.38
C LYS B 846 33.10 23.98 -22.57
N GLU B 847 32.59 23.21 -23.53
CA GLU B 847 31.90 23.78 -24.68
C GLU B 847 30.59 24.42 -24.23
N TYR B 848 29.91 23.79 -23.28
CA TYR B 848 28.68 24.35 -22.75
C TYR B 848 28.95 25.67 -22.03
N ALA B 849 30.08 25.73 -21.33
CA ALA B 849 30.44 26.96 -20.63
C ALA B 849 30.72 28.08 -21.64
N GLU B 850 31.27 27.74 -22.80
CA GLU B 850 31.49 28.74 -23.84
C GLU B 850 30.17 29.22 -24.40
N ILE B 851 29.30 28.26 -24.68
CA ILE B 851 27.94 28.56 -25.10
C ILE B 851 27.25 29.51 -24.11
N GLY B 852 27.34 29.17 -22.82
CA GLY B 852 26.73 29.98 -21.78
C GLY B 852 27.34 31.36 -21.68
N LYS B 853 28.65 31.44 -21.91
CA LYS B 853 29.32 32.72 -21.79
C LYS B 853 28.95 33.65 -22.95
N ARG B 854 28.52 33.08 -24.07
CA ARG B 854 28.03 33.89 -25.18
C ARG B 854 26.55 34.27 -24.99
N GLU B 855 25.80 33.45 -24.25
CA GLU B 855 24.39 33.74 -24.01
C GLU B 855 24.22 34.80 -22.92
N GLY B 856 24.97 34.65 -21.83
CA GLY B 856 24.85 35.55 -20.71
C GLY B 856 26.16 36.23 -20.44
N HIS B 857 26.47 36.44 -19.16
CA HIS B 857 27.71 37.09 -18.78
C HIS B 857 28.38 36.36 -17.63
N VAL B 858 29.66 36.07 -17.79
CA VAL B 858 30.38 35.27 -16.81
C VAL B 858 30.53 36.07 -15.53
N LEU B 859 30.12 35.48 -14.40
CA LEU B 859 30.22 36.13 -13.09
C LEU B 859 31.40 35.57 -12.29
N TYR B 860 31.70 34.29 -12.49
CA TYR B 860 32.83 33.68 -11.81
C TYR B 860 33.36 32.48 -12.59
N GLU B 861 34.69 32.40 -12.68
CA GLU B 861 35.34 31.28 -13.33
C GLU B 861 36.59 30.94 -12.54
N SER B 862 36.57 29.79 -11.87
CA SER B 862 37.64 29.45 -10.93
C SER B 862 38.96 29.13 -11.63
N PRO B 863 40.09 29.35 -10.92
CA PRO B 863 41.34 28.70 -11.35
C PRO B 863 41.18 27.18 -11.26
N VAL B 864 42.02 26.44 -11.98
CA VAL B 864 42.12 24.98 -11.85
C VAL B 864 43.62 24.66 -11.77
N PRO B 865 44.00 23.50 -11.19
CA PRO B 865 45.44 23.23 -11.11
C PRO B 865 46.03 23.03 -12.50
N ALA B 866 47.32 23.30 -12.66
CA ALA B 866 48.02 23.05 -13.90
C ALA B 866 48.36 21.56 -13.99
N GLY B 867 48.64 21.09 -15.18
CA GLY B 867 48.99 19.69 -15.37
C GLY B 867 47.82 18.77 -15.64
N GLU B 868 48.02 17.47 -15.43
CA GLU B 868 47.04 16.47 -15.86
C GLU B 868 45.83 16.40 -14.94
N GLY B 869 44.71 15.96 -15.49
CA GLY B 869 43.45 15.90 -14.76
C GLY B 869 42.34 16.51 -15.59
N TYR B 870 41.12 16.00 -15.42
CA TYR B 870 40.00 16.46 -16.24
C TYR B 870 39.26 17.61 -15.58
N PHE B 871 39.97 18.72 -15.41
CA PHE B 871 39.46 19.86 -14.67
C PHE B 871 38.64 20.82 -15.52
N VAL B 872 37.47 21.17 -14.99
CA VAL B 872 36.64 22.25 -15.53
C VAL B 872 36.50 23.28 -14.41
N PRO B 873 36.62 24.58 -14.74
CA PRO B 873 36.47 25.59 -13.68
C PRO B 873 35.09 25.54 -13.03
N MET B 874 35.04 25.84 -11.75
CA MET B 874 33.77 26.18 -11.12
C MET B 874 33.28 27.46 -11.81
N THR B 875 32.10 27.39 -12.43
CA THR B 875 31.62 28.43 -13.35
C THR B 875 30.19 28.92 -13.06
N ILE B 876 30.05 30.24 -12.91
CA ILE B 876 28.75 30.88 -12.65
C ILE B 876 28.47 31.91 -13.72
N ILE B 877 27.29 31.83 -14.34
CA ILE B 877 26.96 32.68 -15.47
C ILE B 877 25.62 33.37 -15.22
N GLY B 878 25.60 34.69 -15.37
CA GLY B 878 24.40 35.48 -15.12
C GLY B 878 23.74 35.91 -16.41
N GLY B 879 22.56 36.52 -16.30
CA GLY B 879 21.85 37.06 -17.44
C GLY B 879 21.13 35.98 -18.24
N ILE B 880 20.96 34.82 -17.64
CA ILE B 880 20.36 33.70 -18.35
C ILE B 880 18.83 33.76 -18.37
N LYS B 881 18.24 33.41 -19.51
CA LYS B 881 16.79 33.40 -19.69
C LYS B 881 16.31 32.05 -20.24
N PRO B 882 15.02 31.73 -20.04
CA PRO B 882 14.53 30.38 -20.35
C PRO B 882 14.78 29.96 -21.80
N GLU B 883 14.83 30.94 -22.69
CA GLU B 883 15.04 30.68 -24.12
C GLU B 883 16.51 30.37 -24.48
N HIS B 884 17.42 30.48 -23.51
CA HIS B 884 18.84 30.16 -23.74
C HIS B 884 19.12 28.67 -23.61
N ARG B 885 20.14 28.19 -24.34
CA ARG B 885 20.49 26.77 -24.33
C ARG B 885 20.88 26.25 -22.94
N ILE B 886 21.66 27.02 -22.20
CA ILE B 886 22.08 26.57 -20.87
C ILE B 886 21.00 26.74 -19.79
N ALA B 887 19.83 27.22 -20.19
CA ALA B 887 18.68 27.17 -19.29
C ALA B 887 17.80 25.93 -19.58
N GLN B 888 18.15 25.20 -20.62
CA GLN B 888 17.30 24.10 -21.08
C GLN B 888 17.99 22.72 -21.08
N GLU B 889 19.27 22.70 -21.45
CA GLU B 889 19.95 21.44 -21.72
C GLU B 889 20.81 21.04 -20.52
N GLU B 890 20.83 19.75 -20.22
CA GLU B 890 21.57 19.28 -19.06
C GLU B 890 23.07 19.27 -19.38
N ILE B 891 23.88 19.90 -18.53
CA ILE B 891 25.32 19.98 -18.74
C ILE B 891 26.06 18.90 -17.94
N PHE B 892 25.49 18.56 -16.78
CA PHE B 892 26.06 17.57 -15.88
C PHE B 892 27.47 17.93 -15.43
N GLY B 893 27.67 19.18 -15.05
CA GLY B 893 28.98 19.68 -14.67
C GLY B 893 28.89 20.99 -13.91
N PRO B 894 30.04 21.55 -13.50
CA PRO B 894 30.02 22.73 -12.61
C PRO B 894 29.76 24.04 -13.35
N VAL B 895 28.58 24.14 -13.94
CA VAL B 895 28.14 25.32 -14.67
C VAL B 895 26.76 25.75 -14.17
N LEU B 896 26.71 26.84 -13.40
CA LEU B 896 25.47 27.33 -12.84
C LEU B 896 24.92 28.54 -13.58
N ALA B 897 23.68 28.45 -14.03
CA ALA B 897 23.00 29.58 -14.64
C ALA B 897 22.23 30.38 -13.61
N VAL B 898 22.42 31.70 -13.62
CA VAL B 898 21.69 32.61 -12.73
C VAL B 898 20.67 33.39 -13.55
N MET B 899 19.40 33.23 -13.19
CA MET B 899 18.28 33.87 -13.89
C MET B 899 17.56 34.87 -12.99
N ARG B 900 17.29 36.06 -13.53
CA ARG B 900 16.71 37.14 -12.76
C ARG B 900 15.21 37.31 -13.03
N ALA B 901 14.38 36.93 -12.06
CA ALA B 901 12.94 36.93 -12.22
C ALA B 901 12.35 38.26 -11.73
N LYS B 902 11.35 38.79 -12.46
CA LYS B 902 10.76 40.07 -12.09
C LYS B 902 9.79 40.01 -10.91
N ASP B 903 9.15 38.86 -10.70
CA ASP B 903 8.23 38.64 -9.58
C ASP B 903 8.07 37.15 -9.33
N PHE B 904 7.38 36.79 -8.24
CA PHE B 904 7.28 35.38 -7.87
C PHE B 904 6.55 34.56 -8.93
N ASP B 905 5.57 35.18 -9.60
CA ASP B 905 4.88 34.49 -10.66
C ASP B 905 5.78 34.12 -11.83
N GLN B 906 6.69 35.01 -12.19
CA GLN B 906 7.61 34.70 -13.28
C GLN B 906 8.60 33.64 -12.81
N ALA B 907 9.03 33.72 -11.55
CA ALA B 907 9.99 32.72 -11.04
C ALA B 907 9.45 31.30 -11.17
N ILE B 908 8.18 31.10 -10.84
CA ILE B 908 7.53 29.79 -10.96
C ILE B 908 7.40 29.35 -12.42
N GLU B 909 6.88 30.25 -13.23
CA GLU B 909 6.76 30.00 -14.67
C GLU B 909 8.12 29.61 -15.27
N TRP B 910 9.17 30.35 -14.91
CA TRP B 910 10.52 30.01 -15.37
C TRP B 910 11.04 28.68 -14.81
N ALA B 911 10.68 28.36 -13.57
CA ALA B 911 11.15 27.11 -12.98
C ALA B 911 10.53 25.95 -13.77
N ASN B 912 9.30 26.15 -14.20
CA ASN B 912 8.54 25.18 -14.99
C ASN B 912 8.76 25.23 -16.51
N SER B 913 9.82 25.90 -16.98
CA SER B 913 9.95 26.14 -18.41
C SER B 913 10.79 25.10 -19.17
N THR B 914 11.19 24.02 -18.53
CA THR B 914 12.03 23.03 -19.20
C THR B 914 11.19 21.80 -19.46
N GLN B 915 11.78 20.78 -20.05
CA GLN B 915 11.06 19.55 -20.33
C GLN B 915 11.29 18.53 -19.23
N PHE B 916 12.07 18.93 -18.23
CA PHE B 916 12.41 18.06 -17.11
C PHE B 916 11.58 18.39 -15.87
N ALA B 917 11.49 17.43 -14.94
CA ALA B 917 10.79 17.67 -13.67
C ALA B 917 11.31 16.77 -12.55
N LEU B 918 12.60 16.79 -12.33
CA LEU B 918 13.21 15.88 -11.36
C LEU B 918 13.23 16.48 -9.95
N THR B 919 14.16 17.39 -9.69
CA THR B 919 14.20 18.07 -8.39
C THR B 919 14.01 19.58 -8.53
N GLY B 920 13.83 20.25 -7.40
CA GLY B 920 13.66 21.68 -7.37
C GLY B 920 13.79 22.13 -5.93
N GLY B 921 14.05 23.42 -5.75
CA GLY B 921 14.16 23.99 -4.43
C GLY B 921 13.60 25.39 -4.38
N ILE B 922 13.25 25.82 -3.18
CA ILE B 922 12.86 27.21 -2.99
C ILE B 922 13.28 27.69 -1.61
N PHE B 923 13.95 28.84 -1.59
CA PHE B 923 14.19 29.55 -0.35
C PHE B 923 13.20 30.70 -0.26
N SER B 924 12.30 30.57 0.70
CA SER B 924 11.27 31.57 0.92
C SER B 924 10.73 31.36 2.31
N ARG B 925 10.23 32.44 2.90
CA ARG B 925 9.68 32.34 4.23
C ARG B 925 8.29 32.95 4.23
N SER B 926 7.68 32.94 3.04
CA SER B 926 6.30 33.38 2.85
C SER B 926 5.40 32.15 2.73
N PRO B 927 4.44 32.00 3.65
CA PRO B 927 3.48 30.90 3.60
C PRO B 927 2.75 30.84 2.26
N GLU B 928 2.41 32.00 1.70
CA GLU B 928 1.66 32.03 0.46
C GLU B 928 2.50 31.53 -0.71
N HIS B 929 3.74 31.98 -0.77
CA HIS B 929 4.63 31.57 -1.84
C HIS B 929 5.04 30.10 -1.72
N LEU B 930 5.19 29.62 -0.48
CA LEU B 930 5.49 28.19 -0.29
C LEU B 930 4.31 27.31 -0.73
N ALA B 931 3.10 27.73 -0.42
CA ALA B 931 1.92 26.97 -0.81
C ALA B 931 1.78 26.97 -2.33
N LYS B 932 2.08 28.10 -2.96
CA LYS B 932 2.00 28.17 -4.41
C LYS B 932 3.04 27.24 -5.04
N ALA B 933 4.23 27.22 -4.45
CA ALA B 933 5.29 26.33 -4.87
C ALA B 933 4.95 24.83 -4.68
N ARG B 934 4.47 24.44 -3.50
CA ARG B 934 4.05 23.06 -3.27
C ARG B 934 3.06 22.62 -4.34
N ARG B 935 2.15 23.51 -4.70
CA ARG B 935 1.13 23.18 -5.67
C ARG B 935 1.60 23.14 -7.13
N GLU B 936 2.32 24.18 -7.57
CA GLU B 936 2.64 24.38 -9.00
C GLU B 936 4.04 24.02 -9.47
N PHE B 937 5.00 24.01 -8.55
CA PHE B 937 6.39 23.72 -8.90
C PHE B 937 6.47 22.20 -8.89
N ARG B 938 5.98 21.58 -9.97
CA ARG B 938 5.64 20.16 -9.96
C ARG B 938 6.79 19.21 -10.31
N VAL B 939 7.90 19.32 -9.59
CA VAL B 939 8.99 18.36 -9.77
C VAL B 939 8.73 17.10 -8.93
N GLY B 940 9.46 16.03 -9.21
CA GLY B 940 9.37 14.81 -8.41
C GLY B 940 9.73 15.01 -6.94
N ASN B 941 10.77 15.78 -6.67
CA ASN B 941 11.20 16.09 -5.32
C ASN B 941 11.44 17.60 -5.18
N LEU B 942 10.55 18.24 -4.43
CA LEU B 942 10.67 19.68 -4.17
C LEU B 942 11.27 19.87 -2.79
N TYR B 943 12.32 20.68 -2.70
CA TYR B 943 12.93 20.98 -1.41
C TYR B 943 12.71 22.43 -0.95
N ILE B 944 12.25 22.58 0.28
CA ILE B 944 11.98 23.89 0.85
C ILE B 944 13.03 24.24 1.89
N ASN B 945 13.72 25.36 1.65
CA ASN B 945 14.74 25.90 2.55
C ASN B 945 15.93 25.01 2.87
N ARG B 946 16.40 24.29 1.85
CA ARG B 946 17.60 23.48 1.94
C ARG B 946 18.03 23.10 0.54
N ASN B 947 19.21 22.49 0.40
CA ASN B 947 19.73 22.05 -0.90
C ASN B 947 18.78 21.05 -1.55
N ASN B 948 18.83 20.94 -2.88
CA ASN B 948 17.89 20.03 -3.56
C ASN B 948 18.54 18.71 -3.99
N THR B 949 19.68 18.38 -3.38
CA THR B 949 20.37 17.12 -3.66
C THR B 949 20.43 16.25 -2.40
N GLY B 950 20.99 15.05 -2.52
CA GLY B 950 21.21 14.21 -1.35
C GLY B 950 19.96 13.58 -0.76
N ALA B 951 19.08 13.09 -1.62
CA ALA B 951 17.91 12.35 -1.19
C ALA B 951 18.30 11.07 -0.41
N LEU B 952 17.60 10.81 0.68
CA LEU B 952 17.84 9.63 1.51
C LEU B 952 16.73 8.59 1.33
N VAL B 953 17.10 7.31 1.43
CA VAL B 953 16.11 6.23 1.35
C VAL B 953 15.01 6.38 2.41
N GLU B 954 13.77 6.15 1.99
CA GLU B 954 12.55 6.29 2.79
C GLU B 954 12.17 7.75 3.02
N ARG B 955 13.11 8.55 3.52
CA ARG B 955 12.86 9.96 3.75
C ARG B 955 12.54 10.71 2.46
N GLN B 956 13.35 10.55 1.42
CA GLN B 956 13.07 11.18 0.13
C GLN B 956 13.14 10.22 -1.06
N PRO B 957 12.09 9.39 -1.26
CA PRO B 957 11.99 8.56 -2.47
C PRO B 957 12.21 9.40 -3.72
N PHE B 958 13.11 8.96 -4.59
CA PHE B 958 13.63 9.82 -5.64
C PHE B 958 13.14 9.45 -7.04
N GLY B 959 12.69 10.45 -7.80
CA GLY B 959 12.32 10.24 -9.18
C GLY B 959 11.15 11.09 -9.62
N GLY B 960 11.03 11.31 -10.92
CA GLY B 960 10.00 12.20 -11.43
C GLY B 960 9.43 11.73 -12.75
N ALA B 961 8.61 12.59 -13.36
CA ALA B 961 8.02 12.31 -14.67
C ALA B 961 8.50 13.33 -15.72
N ARG B 962 7.62 13.75 -16.64
CA ARG B 962 8.04 14.52 -17.82
C ARG B 962 9.18 13.78 -18.53
N MET B 963 10.25 14.48 -18.89
CA MET B 963 11.39 13.81 -19.52
C MET B 963 12.45 13.35 -18.49
N SER B 964 12.11 13.45 -17.21
CA SER B 964 13.04 13.05 -16.16
C SER B 964 12.86 11.58 -15.76
N GLY B 965 11.79 10.95 -16.21
CA GLY B 965 11.56 9.55 -15.84
C GLY B 965 10.14 9.07 -16.11
N VAL B 966 9.81 7.90 -15.56
CA VAL B 966 8.50 7.29 -15.83
C VAL B 966 7.62 7.13 -14.59
N GLY B 967 7.90 7.95 -13.58
CA GLY B 967 7.08 7.98 -12.38
C GLY B 967 7.41 6.89 -11.37
N THR B 968 8.58 6.27 -11.52
CA THR B 968 9.08 5.34 -10.51
C THR B 968 9.95 6.09 -9.50
N LYS B 969 9.84 5.71 -8.24
CA LYS B 969 10.61 6.36 -7.18
C LYS B 969 11.42 5.35 -6.37
N ALA B 970 12.70 5.26 -6.65
CA ALA B 970 13.62 4.47 -5.85
C ALA B 970 13.63 4.92 -4.39
N GLY B 971 13.71 3.97 -3.47
CA GLY B 971 13.83 4.31 -2.06
C GLY B 971 12.49 4.63 -1.40
N GLY B 972 11.41 4.28 -2.07
CA GLY B 972 10.08 4.49 -1.55
C GLY B 972 9.25 3.21 -1.58
N PRO B 973 8.07 3.27 -0.97
CA PRO B 973 7.19 2.11 -0.76
C PRO B 973 6.44 1.63 -2.01
N ASP B 974 6.59 2.32 -3.14
CA ASP B 974 5.93 1.87 -4.36
C ASP B 974 6.90 1.14 -5.30
N TYR B 975 8.19 1.18 -4.97
CA TYR B 975 9.24 0.79 -5.91
C TYR B 975 9.27 -0.70 -6.31
N LEU B 976 9.33 -1.60 -5.34
CA LEU B 976 9.37 -3.04 -5.62
C LEU B 976 8.20 -3.54 -6.49
N LEU B 977 7.03 -2.92 -6.36
CA LEU B 977 5.88 -3.27 -7.18
C LEU B 977 6.21 -3.26 -8.68
N HIS B 978 7.03 -2.30 -9.11
CA HIS B 978 7.42 -2.19 -10.52
C HIS B 978 8.20 -3.40 -11.05
N PHE B 979 8.74 -4.21 -10.15
CA PHE B 979 9.59 -5.34 -10.53
C PHE B 979 8.83 -6.65 -10.56
N MET B 980 7.53 -6.59 -10.28
CA MET B 980 6.72 -7.80 -10.11
C MET B 980 5.38 -7.66 -10.83
N ASP B 981 4.66 -8.76 -10.98
CA ASP B 981 3.28 -8.71 -11.45
C ASP B 981 2.41 -9.35 -10.40
N PRO B 982 1.23 -8.77 -10.15
CA PRO B 982 0.34 -9.32 -9.15
C PRO B 982 -0.39 -10.56 -9.68
N ARG B 983 -0.67 -11.50 -8.79
CA ARG B 983 -1.47 -12.68 -9.10
C ARG B 983 -2.56 -12.82 -8.05
N VAL B 984 -3.70 -13.36 -8.45
CA VAL B 984 -4.72 -13.75 -7.49
C VAL B 984 -5.05 -15.24 -7.65
N VAL B 985 -5.08 -15.97 -6.52
CA VAL B 985 -5.68 -17.30 -6.48
C VAL B 985 -7.02 -17.23 -5.72
N THR B 986 -8.07 -17.70 -6.36
CA THR B 986 -9.41 -17.76 -5.76
C THR B 986 -9.86 -19.20 -5.54
N GLU B 987 -10.12 -19.56 -4.30
CA GLU B 987 -10.59 -20.90 -3.99
C GLU B 987 -12.02 -20.94 -3.44
N ASN B 988 -12.87 -21.73 -4.11
CA ASN B 988 -14.15 -22.15 -3.56
C ASN B 988 -13.91 -23.23 -2.51
N THR B 989 -14.19 -22.92 -1.25
CA THR B 989 -13.88 -23.79 -0.13
C THR B 989 -15.08 -24.61 0.32
N MET B 990 -16.20 -24.43 -0.37
CA MET B 990 -17.38 -25.21 -0.08
C MET B 990 -17.38 -26.56 -0.80
N ARG B 991 -17.44 -27.64 -0.03
CA ARG B 991 -17.63 -28.99 -0.57
C ARG B 991 -18.91 -29.58 0.01
N ARG B 992 -19.81 -30.03 -0.85
CA ARG B 992 -21.08 -30.64 -0.43
C ARG B 992 -21.86 -29.85 0.64
N GLY B 993 -21.97 -28.55 0.47
CA GLY B 993 -22.81 -27.76 1.34
C GLY B 993 -22.19 -27.21 2.61
N PHE B 994 -20.88 -27.35 2.78
CA PHE B 994 -20.24 -26.74 3.95
C PHE B 994 -18.84 -26.19 3.63
N ALA B 995 -18.44 -25.15 4.36
CA ALA B 995 -17.14 -24.54 4.18
C ALA B 995 -16.54 -24.25 5.54
N PRO B 996 -15.20 -24.25 5.65
CA PRO B 996 -14.61 -23.83 6.91
C PRO B 996 -14.89 -22.36 7.09
N ILE B 997 -15.07 -21.91 8.33
CA ILE B 997 -15.27 -20.49 8.57
C ILE B 997 -13.94 -19.85 8.92
N GLU B 998 -13.60 -18.76 8.21
CA GLU B 998 -12.33 -18.09 8.44
C GLU B 998 -12.54 -16.84 9.31
N GLU B 999 -11.46 -16.37 9.94
CA GLU B 999 -11.56 -15.30 10.93
C GLU B 999 -12.06 -13.98 10.34
N ASP B 1000 -11.72 -13.72 9.09
CA ASP B 1000 -12.07 -12.45 8.45
C ASP B 1000 -13.33 -12.54 7.56
N ASP B 1001 -14.02 -13.68 7.58
CA ASP B 1001 -15.28 -13.84 6.84
C ASP B 1001 -16.36 -12.89 7.34
N ASP B 1002 -17.17 -12.38 6.42
CA ASP B 1002 -18.44 -11.76 6.78
C ASP B 1002 -19.43 -12.89 7.08
N TRP B 1003 -19.88 -13.00 8.32
CA TRP B 1003 -20.70 -14.14 8.72
C TRP B 1003 -21.96 -13.73 9.50
N VAL B 1004 -22.51 -14.66 10.27
CA VAL B 1004 -23.74 -14.44 11.03
C VAL B 1004 -23.48 -14.49 12.54
PA FAD C . -32.29 -30.14 15.39
O1A FAD C . -30.90 -30.32 16.06
O2A FAD C . -33.39 -29.83 16.28
O5B FAD C . -32.46 -29.04 14.43
C5B FAD C . -31.39 -28.74 13.53
C4B FAD C . -31.86 -27.80 12.42
O4B FAD C . -31.89 -26.46 12.83
C3B FAD C . -30.99 -27.81 11.20
O3B FAD C . -31.22 -28.86 10.34
C2B FAD C . -31.33 -26.51 10.57
O2B FAD C . -32.46 -26.58 9.80
C1B FAD C . -31.56 -25.63 11.74
N9A FAD C . -30.43 -24.83 12.13
C8A FAD C . -29.15 -25.24 12.46
N7A FAD C . -28.38 -24.20 12.79
C5A FAD C . -29.14 -23.05 12.71
C6A FAD C . -28.90 -21.69 12.95
N6A FAD C . -27.60 -21.25 13.37
N1A FAD C . -29.89 -20.80 12.77
C2A FAD C . -31.12 -21.17 12.36
N3A FAD C . -31.40 -22.49 12.13
C4A FAD C . -30.46 -23.42 12.30
N1 FAD C . -34.99 -30.69 4.90
C2 FAD C . -35.06 -30.09 3.58
O2 FAD C . -34.39 -28.94 3.37
N3 FAD C . -35.79 -30.66 2.57
C4 FAD C . -36.47 -31.85 2.78
O4 FAD C . -37.21 -32.42 1.79
C4X FAD C . -36.40 -32.53 4.10
N5 FAD C . -37.06 -33.73 4.32
C5X FAD C . -37.01 -34.33 5.58
C6 FAD C . -37.67 -35.55 5.78
C7 FAD C . -37.61 -36.16 7.04
C7M FAD C . -38.34 -37.46 7.27
C8 FAD C . -36.91 -35.58 8.08
C8M FAD C . -36.87 -36.24 9.41
C9 FAD C . -36.23 -34.36 7.88
C9A FAD C . -36.28 -33.74 6.62
N10 FAD C . -35.58 -32.50 6.39
C10 FAD C . -35.66 -31.89 5.14
C1' FAD C . -34.87 -31.84 7.50
C2' FAD C . -33.38 -32.09 7.52
O2' FAD C . -33.11 -33.20 6.77
C3' FAD C . -32.94 -32.31 8.98
O3' FAD C . -33.27 -33.62 9.27
C4' FAD C . -33.59 -31.38 10.01
O4' FAD C . -33.50 -30.07 9.59
C5' FAD C . -33.03 -31.54 11.43
O5' FAD C . -33.94 -30.97 12.35
P FAD C . -34.24 -31.51 13.84
O1P FAD C . -35.61 -31.12 14.50
O2P FAD C . -34.03 -33.03 13.50
O3P FAD C . -32.83 -31.33 14.64
OA TFB D . -34.30 -34.21 1.99
CA TFB D . -33.30 -34.08 2.98
C TFB D . -31.92 -34.28 2.37
OB TFB D . -30.88 -34.01 3.07
CB TFB D . -33.59 -35.08 4.01
CG TFB D . -34.65 -35.94 3.47
CD TFB D . -34.90 -35.49 2.11
OXT TFB D . -31.81 -34.70 1.17
C1 EDO E . -31.81 -15.25 -2.61
O1 EDO E . -32.82 -14.40 -2.20
C2 EDO E . -31.08 -15.82 -1.44
O2 EDO E . -30.15 -16.74 -1.88
C1 EDO F . -13.06 -6.82 -12.57
O1 EDO F . -11.96 -6.00 -12.63
C2 EDO F . -12.95 -7.68 -11.37
O2 EDO F . -12.22 -7.02 -10.42
C1 EDO G . 2.21 -19.77 -18.65
O1 EDO G . 1.62 -19.59 -19.88
C2 EDO G . 1.29 -19.37 -17.55
O2 EDO G . 0.06 -19.98 -17.73
C1 EDO H . -55.01 -34.49 2.27
O1 EDO H . -55.29 -33.62 3.30
C2 EDO H . -55.39 -35.88 2.68
O2 EDO H . -56.74 -35.92 2.98
C1 EDO I . -38.50 -16.71 14.54
O1 EDO I . -38.89 -18.03 14.46
C2 EDO I . -38.34 -16.32 15.97
O2 EDO I . -39.56 -16.38 16.60
C1 EDO J . -30.52 -37.80 -11.20
O1 EDO J . -29.63 -37.74 -12.25
C2 EDO J . -29.85 -38.32 -9.96
O2 EDO J . -28.63 -37.73 -9.71
C1 EDO K . -12.33 -0.13 -0.45
O1 EDO K . -12.24 -1.32 0.24
C2 EDO K . -11.04 0.59 -0.25
O2 EDO K . -10.95 1.59 -1.20
C1 EDO L . -34.19 0.20 -12.25
O1 EDO L . -33.55 -0.94 -11.85
C2 EDO L . -34.82 0.00 -13.57
O2 EDO L . -34.24 0.81 -14.51
C1 EDO M . -12.47 0.46 -35.84
O1 EDO M . -13.30 1.39 -35.24
C2 EDO M . -11.74 -0.28 -34.79
O2 EDO M . -12.64 -0.62 -33.80
C1 EDO N . -17.54 -38.21 -5.14
O1 EDO N . -17.66 -36.94 -4.58
C2 EDO N . -17.49 -38.17 -6.63
O2 EDO N . -16.19 -38.04 -7.05
C1 EDO O . -4.15 -40.92 -15.24
O1 EDO O . -5.28 -40.14 -15.07
C2 EDO O . -3.33 -40.89 -13.99
O2 EDO O . -3.08 -39.59 -13.61
PA FAD P . 19.10 27.47 32.54
O1A FAD P . 17.59 27.68 32.25
O2A FAD P . 19.49 27.02 33.85
O5B FAD P . 19.81 26.45 31.70
C5B FAD P . 19.31 26.21 30.38
C4B FAD P . 20.33 25.41 29.55
O4B FAD P . 20.16 24.03 29.74
C3B FAD P . 20.23 25.62 28.07
O3B FAD P . 20.90 26.73 27.56
C2B FAD P . 20.85 24.36 27.53
O2B FAD P . 22.21 24.44 27.42
C1B FAD P . 20.51 23.34 28.56
N9A FAD P . 19.36 22.52 28.27
C8A FAD P . 18.08 22.95 27.99
N7A FAD P . 17.26 21.89 27.82
C5A FAD P . 17.99 20.72 28.01
C6A FAD P . 17.66 19.37 27.99
N6A FAD P . 16.33 18.92 27.69
N1A FAD P . 18.63 18.47 28.24
C2A FAD P . 19.90 18.84 28.52
N3A FAD P . 20.24 20.16 28.56
C4A FAD P . 19.32 21.10 28.32
N1 FAD P . 26.78 28.90 25.03
C2 FAD P . 27.51 28.41 23.89
O2 FAD P . 27.11 27.28 23.28
N3 FAD P . 28.65 29.06 23.44
C4 FAD P . 29.07 30.22 24.05
O4 FAD P . 30.21 30.85 23.59
C4X FAD P . 28.30 30.80 25.20
N5 FAD P . 28.69 31.99 25.81
C5X FAD P . 27.96 32.50 26.88
C6 FAD P . 28.36 33.70 27.49
C7 FAD P . 27.65 34.22 28.56
C7M FAD P . 28.12 35.51 29.19
C8 FAD P . 26.55 33.55 29.05
C8M FAD P . 25.77 34.11 30.22
C9 FAD P . 26.13 32.35 28.46
C9A FAD P . 26.84 31.83 27.38
N10 FAD P . 26.41 30.60 26.75
C10 FAD P . 27.15 30.08 25.66
C1' FAD P . 25.25 29.86 27.28
C2' FAD P . 23.96 30.03 26.51
O2' FAD P . 24.04 31.11 25.68
C3' FAD P . 22.84 30.20 27.54
O3' FAD P . 22.97 31.47 28.04
C4' FAD P . 22.87 29.24 28.72
O4' FAD P . 23.03 27.93 28.32
C5' FAD P . 21.62 29.42 29.59
O5' FAD P . 21.80 28.61 30.73
P FAD P . 21.52 29.02 32.25
O1P FAD P . 22.53 28.54 33.36
O2P FAD P . 21.31 30.55 32.09
O3P FAD P . 19.92 28.72 32.40
OA TFB Q . 27.60 32.59 22.63
CA TFB Q . 26.22 32.56 22.88
C TFB Q . 25.40 32.82 21.61
OB TFB Q . 25.96 33.28 20.56
CB TFB Q . 25.95 33.61 23.86
CG TFB Q . 27.12 34.50 23.84
CD TFB Q . 28.05 33.92 22.87
OXT TFB Q . 24.14 32.60 21.57
C1 EDO R . 10.71 42.13 -6.33
O1 EDO R . 11.78 41.26 -6.31
C2 EDO R . 9.52 41.45 -6.88
O2 EDO R . 8.87 40.78 -5.86
C1 EDO S . 17.35 7.34 -3.48
O1 EDO S . 16.30 6.90 -4.26
C2 EDO S . 16.83 7.93 -2.22
O2 EDO S . 15.47 7.67 -2.10
C1 EDO T . 28.26 14.15 15.76
O1 EDO T . 29.12 13.37 16.51
C2 EDO T . 27.07 14.52 16.57
O2 EDO T . 26.44 15.60 15.98
C1 EDO U . -15.87 -19.07 -4.65
O1 EDO U . -15.83 -17.86 -5.32
C2 EDO U . -17.28 -19.56 -4.62
O2 EDO U . -17.87 -19.29 -5.84
C1 EDO V . 8.16 21.04 -13.07
O1 EDO V . 9.20 21.95 -13.10
C2 EDO V . 7.32 21.20 -14.29
O2 EDO V . 8.11 21.47 -15.39
C1 EDO W . 45.12 33.90 33.82
O1 EDO W . 45.87 34.03 34.97
C2 EDO W . 45.19 32.49 33.35
O2 EDO W . 44.79 31.63 34.37
C1 EDO X . 25.12 14.16 33.67
O1 EDO X . 25.70 15.37 34.02
C2 EDO X . 24.35 13.63 34.83
O2 EDO X . 25.13 13.70 35.96
C1 EDO Y . 25.64 -14.07 -8.06
O1 EDO Y . 24.63 -14.82 -8.63
C2 EDO Y . 26.57 -14.94 -7.29
O2 EDO Y . 27.06 -15.91 -8.15
C1 EDO Z . 36.14 0.39 7.27
O1 EDO Z . 34.81 0.52 7.55
C2 EDO Z . 36.41 -0.88 6.52
O2 EDO Z . 36.93 -0.66 5.25
#